data_2PRD
# 
_entry.id   2PRD 
# 
_audit_conform.dict_name       mmcif_pdbx.dic 
_audit_conform.dict_version    5.387 
_audit_conform.dict_location   http://mmcif.pdb.org/dictionaries/ascii/mmcif_pdbx.dic 
# 
loop_
_database_2.database_id 
_database_2.database_code 
_database_2.pdbx_database_accession 
_database_2.pdbx_DOI 
PDB   2PRD         pdb_00002prd 10.2210/pdb2prd/pdb 
WWPDB D_1000178495 ?            ?                   
# 
loop_
_pdbx_audit_revision_history.ordinal 
_pdbx_audit_revision_history.data_content_type 
_pdbx_audit_revision_history.major_revision 
_pdbx_audit_revision_history.minor_revision 
_pdbx_audit_revision_history.revision_date 
1 'Structure model' 1 0 1995-10-28 
2 'Structure model' 1 1 2008-03-25 
3 'Structure model' 1 2 2011-07-13 
4 'Structure model' 1 3 2017-11-29 
5 'Structure model' 1 4 2024-02-21 
# 
_pdbx_audit_revision_details.ordinal             1 
_pdbx_audit_revision_details.revision_ordinal    1 
_pdbx_audit_revision_details.data_content_type   'Structure model' 
_pdbx_audit_revision_details.provider            repository 
_pdbx_audit_revision_details.type                'Initial release' 
_pdbx_audit_revision_details.description         ? 
_pdbx_audit_revision_details.details             ? 
# 
loop_
_pdbx_audit_revision_group.ordinal 
_pdbx_audit_revision_group.revision_ordinal 
_pdbx_audit_revision_group.data_content_type 
_pdbx_audit_revision_group.group 
1 2 'Structure model' 'Version format compliance' 
2 3 'Structure model' 'Derived calculations'      
3 3 'Structure model' 'Source and taxonomy'       
4 3 'Structure model' 'Version format compliance' 
5 4 'Structure model' 'Derived calculations'      
6 4 'Structure model' Other                       
7 5 'Structure model' 'Data collection'           
8 5 'Structure model' 'Database references'       
9 5 'Structure model' 'Derived calculations'      
# 
loop_
_pdbx_audit_revision_category.ordinal 
_pdbx_audit_revision_category.revision_ordinal 
_pdbx_audit_revision_category.data_content_type 
_pdbx_audit_revision_category.category 
1 4 'Structure model' pdbx_database_status 
2 4 'Structure model' struct_conf          
3 4 'Structure model' struct_conf_type     
4 5 'Structure model' chem_comp_atom       
5 5 'Structure model' chem_comp_bond       
6 5 'Structure model' database_2           
7 5 'Structure model' struct_site          
# 
loop_
_pdbx_audit_revision_item.ordinal 
_pdbx_audit_revision_item.revision_ordinal 
_pdbx_audit_revision_item.data_content_type 
_pdbx_audit_revision_item.item 
1 4 'Structure model' '_pdbx_database_status.process_site'  
2 5 'Structure model' '_database_2.pdbx_DOI'                
3 5 'Structure model' '_database_2.pdbx_database_accession' 
4 5 'Structure model' '_struct_site.pdbx_auth_asym_id'      
5 5 'Structure model' '_struct_site.pdbx_auth_comp_id'      
6 5 'Structure model' '_struct_site.pdbx_auth_seq_id'       
# 
_pdbx_database_status.status_code                     REL 
_pdbx_database_status.entry_id                        2PRD 
_pdbx_database_status.recvd_initial_deposition_date   1993-12-21 
_pdbx_database_status.deposit_site                    ? 
_pdbx_database_status.process_site                    BNL 
_pdbx_database_status.status_code_sf                  REL 
_pdbx_database_status.status_code_mr                  ? 
_pdbx_database_status.SG_entry                        ? 
_pdbx_database_status.pdb_format_compatible           Y 
_pdbx_database_status.status_code_cs                  ? 
_pdbx_database_status.methods_development_category    ? 
_pdbx_database_status.status_code_nmr_data            ? 
# 
_audit_author.name           'Teplyakov, A.' 
_audit_author.pdbx_ordinal   1 
# 
loop_
_citation.id 
_citation.title 
_citation.journal_abbrev 
_citation.journal_volume 
_citation.page_first 
_citation.page_last 
_citation.year 
_citation.journal_id_ASTM 
_citation.country 
_citation.journal_id_ISSN 
_citation.journal_id_CSD 
_citation.book_publisher 
_citation.pdbx_database_id_PubMed 
_citation.pdbx_database_id_DOI 
primary 'Crystal structure of inorganic pyrophosphatase from Thermus thermophilus.'                                           
'Protein Sci.' 3   1098 1107 1994 PRCIEI US 0961-8368 0795 ? 7920256 ? 
1       'Purification, Crystallization and Preliminary X-Ray Analysis of Inorganic Pyrophosphatase from Thermus Thermophilus' 
J.Mol.Biol.    232 312  ?    1993 JMOBAK UK 0022-2836 0070 ? ?       ? 
# 
loop_
_citation_author.citation_id 
_citation_author.name 
_citation_author.ordinal 
_citation_author.identifier_ORCID 
primary 'Teplyakov, A.' 1  ? 
primary 'Obmolova, G.'  2  ? 
primary 'Wilson, K.S.'  3  ? 
primary 'Ishii, K.'     4  ? 
primary 'Kaji, H.'      5  ? 
primary 'Samejima, T.'  6  ? 
primary 'Kuranova, I.'  7  ? 
1       'Obmolova, G.'  8  ? 
1       'Kuranova, I.'  9  ? 
1       'Teplyakov, A.' 10 ? 
# 
loop_
_entity.id 
_entity.type 
_entity.src_method 
_entity.pdbx_description 
_entity.formula_weight 
_entity.pdbx_number_of_molecules 
_entity.pdbx_ec 
_entity.pdbx_mutation 
_entity.pdbx_fragment 
_entity.details 
1 polymer     nat 'PYROPHOSPHATE PHOSPHOHYDROLASE' 19109.836 1  3.6.1.1 ? ? ? 
2 non-polymer syn 'SULFATE ION'                    96.063    1  ?       ? ? ? 
3 water       nat water                            18.015    90 ?       ? ? ? 
# 
_entity_poly.entity_id                      1 
_entity_poly.type                           'polypeptide(L)' 
_entity_poly.nstd_linkage                   no 
_entity_poly.nstd_monomer                   no 
_entity_poly.pdbx_seq_one_letter_code       
;ANLKSLPVGDKAPEVVHMVIEVPRGSGNKYEYDPDLGAIKLDRVLPGAQFYPGDYGFIPSTLAEDGDPLDGLVLSTYPLL
PGVVVEVRVVGLLLMEDEKGGDAKVIGVVAEDQRLDHIQDIGDVPEGVKQEIQHFFETYKALEAKKGKWVKVTGWRDRKA
ALEEVRACIARYKG
;
_entity_poly.pdbx_seq_one_letter_code_can   
;ANLKSLPVGDKAPEVVHMVIEVPRGSGNKYEYDPDLGAIKLDRVLPGAQFYPGDYGFIPSTLAEDGDPLDGLVLSTYPLL
PGVVVEVRVVGLLLMEDEKGGDAKVIGVVAEDQRLDHIQDIGDVPEGVKQEIQHFFETYKALEAKKGKWVKVTGWRDRKA
ALEEVRACIARYKG
;
_entity_poly.pdbx_strand_id                 A 
_entity_poly.pdbx_target_identifier         ? 
# 
loop_
_pdbx_entity_nonpoly.entity_id 
_pdbx_entity_nonpoly.name 
_pdbx_entity_nonpoly.comp_id 
2 'SULFATE ION' SO4 
3 water         HOH 
# 
loop_
_entity_poly_seq.entity_id 
_entity_poly_seq.num 
_entity_poly_seq.mon_id 
_entity_poly_seq.hetero 
1 1   ALA n 
1 2   ASN n 
1 3   LEU n 
1 4   LYS n 
1 5   SER n 
1 6   LEU n 
1 7   PRO n 
1 8   VAL n 
1 9   GLY n 
1 10  ASP n 
1 11  LYS n 
1 12  ALA n 
1 13  PRO n 
1 14  GLU n 
1 15  VAL n 
1 16  VAL n 
1 17  HIS n 
1 18  MET n 
1 19  VAL n 
1 20  ILE n 
1 21  GLU n 
1 22  VAL n 
1 23  PRO n 
1 24  ARG n 
1 25  GLY n 
1 26  SER n 
1 27  GLY n 
1 28  ASN n 
1 29  LYS n 
1 30  TYR n 
1 31  GLU n 
1 32  TYR n 
1 33  ASP n 
1 34  PRO n 
1 35  ASP n 
1 36  LEU n 
1 37  GLY n 
1 38  ALA n 
1 39  ILE n 
1 40  LYS n 
1 41  LEU n 
1 42  ASP n 
1 43  ARG n 
1 44  VAL n 
1 45  LEU n 
1 46  PRO n 
1 47  GLY n 
1 48  ALA n 
1 49  GLN n 
1 50  PHE n 
1 51  TYR n 
1 52  PRO n 
1 53  GLY n 
1 54  ASP n 
1 55  TYR n 
1 56  GLY n 
1 57  PHE n 
1 58  ILE n 
1 59  PRO n 
1 60  SER n 
1 61  THR n 
1 62  LEU n 
1 63  ALA n 
1 64  GLU n 
1 65  ASP n 
1 66  GLY n 
1 67  ASP n 
1 68  PRO n 
1 69  LEU n 
1 70  ASP n 
1 71  GLY n 
1 72  LEU n 
1 73  VAL n 
1 74  LEU n 
1 75  SER n 
1 76  THR n 
1 77  TYR n 
1 78  PRO n 
1 79  LEU n 
1 80  LEU n 
1 81  PRO n 
1 82  GLY n 
1 83  VAL n 
1 84  VAL n 
1 85  VAL n 
1 86  GLU n 
1 87  VAL n 
1 88  ARG n 
1 89  VAL n 
1 90  VAL n 
1 91  GLY n 
1 92  LEU n 
1 93  LEU n 
1 94  LEU n 
1 95  MET n 
1 96  GLU n 
1 97  ASP n 
1 98  GLU n 
1 99  LYS n 
1 100 GLY n 
1 101 GLY n 
1 102 ASP n 
1 103 ALA n 
1 104 LYS n 
1 105 VAL n 
1 106 ILE n 
1 107 GLY n 
1 108 VAL n 
1 109 VAL n 
1 110 ALA n 
1 111 GLU n 
1 112 ASP n 
1 113 GLN n 
1 114 ARG n 
1 115 LEU n 
1 116 ASP n 
1 117 HIS n 
1 118 ILE n 
1 119 GLN n 
1 120 ASP n 
1 121 ILE n 
1 122 GLY n 
1 123 ASP n 
1 124 VAL n 
1 125 PRO n 
1 126 GLU n 
1 127 GLY n 
1 128 VAL n 
1 129 LYS n 
1 130 GLN n 
1 131 GLU n 
1 132 ILE n 
1 133 GLN n 
1 134 HIS n 
1 135 PHE n 
1 136 PHE n 
1 137 GLU n 
1 138 THR n 
1 139 TYR n 
1 140 LYS n 
1 141 ALA n 
1 142 LEU n 
1 143 GLU n 
1 144 ALA n 
1 145 LYS n 
1 146 LYS n 
1 147 GLY n 
1 148 LYS n 
1 149 TRP n 
1 150 VAL n 
1 151 LYS n 
1 152 VAL n 
1 153 THR n 
1 154 GLY n 
1 155 TRP n 
1 156 ARG n 
1 157 ASP n 
1 158 ARG n 
1 159 LYS n 
1 160 ALA n 
1 161 ALA n 
1 162 LEU n 
1 163 GLU n 
1 164 GLU n 
1 165 VAL n 
1 166 ARG n 
1 167 ALA n 
1 168 CYS n 
1 169 ILE n 
1 170 ALA n 
1 171 ARG n 
1 172 TYR n 
1 173 LYS n 
1 174 GLY n 
# 
_entity_src_nat.entity_id                  1 
_entity_src_nat.pdbx_src_id                1 
_entity_src_nat.pdbx_alt_source_flag       sample 
_entity_src_nat.pdbx_beg_seq_num           ? 
_entity_src_nat.pdbx_end_seq_num           ? 
_entity_src_nat.common_name                ? 
_entity_src_nat.pdbx_organism_scientific   'Thermus thermophilus' 
_entity_src_nat.pdbx_ncbi_taxonomy_id      300852 
_entity_src_nat.genus                      Thermus 
_entity_src_nat.species                    'Thermus thermophilus' 
_entity_src_nat.strain                     HB8 
_entity_src_nat.tissue                     ? 
_entity_src_nat.tissue_fraction            ? 
_entity_src_nat.pdbx_secretion             ? 
_entity_src_nat.pdbx_fragment              ? 
_entity_src_nat.pdbx_variant               ? 
_entity_src_nat.pdbx_cell_line             ? 
_entity_src_nat.pdbx_atcc                  ? 
_entity_src_nat.pdbx_cellular_location     ? 
_entity_src_nat.pdbx_organ                 ? 
_entity_src_nat.pdbx_organelle             ? 
_entity_src_nat.pdbx_cell                  ? 
_entity_src_nat.pdbx_plasmid_name          ? 
_entity_src_nat.pdbx_plasmid_details       ? 
_entity_src_nat.details                    ? 
# 
loop_
_chem_comp.id 
_chem_comp.type 
_chem_comp.mon_nstd_flag 
_chem_comp.name 
_chem_comp.pdbx_synonyms 
_chem_comp.formula 
_chem_comp.formula_weight 
ALA 'L-peptide linking' y ALANINE         ? 'C3 H7 N O2'     89.093  
ARG 'L-peptide linking' y ARGININE        ? 'C6 H15 N4 O2 1' 175.209 
ASN 'L-peptide linking' y ASPARAGINE      ? 'C4 H8 N2 O3'    132.118 
ASP 'L-peptide linking' y 'ASPARTIC ACID' ? 'C4 H7 N O4'     133.103 
CYS 'L-peptide linking' y CYSTEINE        ? 'C3 H7 N O2 S'   121.158 
GLN 'L-peptide linking' y GLUTAMINE       ? 'C5 H10 N2 O3'   146.144 
GLU 'L-peptide linking' y 'GLUTAMIC ACID' ? 'C5 H9 N O4'     147.129 
GLY 'peptide linking'   y GLYCINE         ? 'C2 H5 N O2'     75.067  
HIS 'L-peptide linking' y HISTIDINE       ? 'C6 H10 N3 O2 1' 156.162 
HOH non-polymer         . WATER           ? 'H2 O'           18.015  
ILE 'L-peptide linking' y ISOLEUCINE      ? 'C6 H13 N O2'    131.173 
LEU 'L-peptide linking' y LEUCINE         ? 'C6 H13 N O2'    131.173 
LYS 'L-peptide linking' y LYSINE          ? 'C6 H15 N2 O2 1' 147.195 
MET 'L-peptide linking' y METHIONINE      ? 'C5 H11 N O2 S'  149.211 
PHE 'L-peptide linking' y PHENYLALANINE   ? 'C9 H11 N O2'    165.189 
PRO 'L-peptide linking' y PROLINE         ? 'C5 H9 N O2'     115.130 
SER 'L-peptide linking' y SERINE          ? 'C3 H7 N O3'     105.093 
SO4 non-polymer         . 'SULFATE ION'   ? 'O4 S -2'        96.063  
THR 'L-peptide linking' y THREONINE       ? 'C4 H9 N O3'     119.119 
TRP 'L-peptide linking' y TRYPTOPHAN      ? 'C11 H12 N2 O2'  204.225 
TYR 'L-peptide linking' y TYROSINE        ? 'C9 H11 N O3'    181.189 
VAL 'L-peptide linking' y VALINE          ? 'C5 H11 N O2'    117.146 
# 
loop_
_pdbx_poly_seq_scheme.asym_id 
_pdbx_poly_seq_scheme.entity_id 
_pdbx_poly_seq_scheme.seq_id 
_pdbx_poly_seq_scheme.mon_id 
_pdbx_poly_seq_scheme.ndb_seq_num 
_pdbx_poly_seq_scheme.pdb_seq_num 
_pdbx_poly_seq_scheme.auth_seq_num 
_pdbx_poly_seq_scheme.pdb_mon_id 
_pdbx_poly_seq_scheme.auth_mon_id 
_pdbx_poly_seq_scheme.pdb_strand_id 
_pdbx_poly_seq_scheme.pdb_ins_code 
_pdbx_poly_seq_scheme.hetero 
A 1 1   ALA 1   1   1   ALA ALA A . n 
A 1 2   ASN 2   2   2   ASN ASN A . n 
A 1 3   LEU 3   3   3   LEU LEU A . n 
A 1 4   LYS 4   4   4   LYS LYS A . n 
A 1 5   SER 5   5   5   SER SER A . n 
A 1 6   LEU 6   6   6   LEU LEU A . n 
A 1 7   PRO 7   7   7   PRO PRO A . n 
A 1 8   VAL 8   8   8   VAL VAL A . n 
A 1 9   GLY 9   9   9   GLY GLY A . n 
A 1 10  ASP 10  10  10  ASP ASP A . n 
A 1 11  LYS 11  11  11  LYS LYS A . n 
A 1 12  ALA 12  12  12  ALA ALA A . n 
A 1 13  PRO 13  13  13  PRO PRO A . n 
A 1 14  GLU 14  14  14  GLU GLU A . n 
A 1 15  VAL 15  15  15  VAL VAL A . n 
A 1 16  VAL 16  16  16  VAL VAL A . n 
A 1 17  HIS 17  17  17  HIS HIS A . n 
A 1 18  MET 18  18  18  MET MET A . n 
A 1 19  VAL 19  19  19  VAL VAL A . n 
A 1 20  ILE 20  20  20  ILE ILE A . n 
A 1 21  GLU 21  21  21  GLU GLU A . n 
A 1 22  VAL 22  22  22  VAL VAL A . n 
A 1 23  PRO 23  23  23  PRO PRO A . n 
A 1 24  ARG 24  24  24  ARG ARG A . n 
A 1 25  GLY 25  25  25  GLY GLY A . n 
A 1 26  SER 26  26  26  SER SER A . n 
A 1 27  GLY 27  27  27  GLY GLY A . n 
A 1 28  ASN 28  28  28  ASN ASN A . n 
A 1 29  LYS 29  29  29  LYS LYS A . n 
A 1 30  TYR 30  30  30  TYR TYR A . n 
A 1 31  GLU 31  31  31  GLU GLU A . n 
A 1 32  TYR 32  32  32  TYR TYR A . n 
A 1 33  ASP 33  33  33  ASP ASP A . n 
A 1 34  PRO 34  34  34  PRO PRO A . n 
A 1 35  ASP 35  35  35  ASP ASP A . n 
A 1 36  LEU 36  36  36  LEU LEU A . n 
A 1 37  GLY 37  37  37  GLY GLY A . n 
A 1 38  ALA 38  38  38  ALA ALA A . n 
A 1 39  ILE 39  39  39  ILE ILE A . n 
A 1 40  LYS 40  40  40  LYS LYS A . n 
A 1 41  LEU 41  41  41  LEU LEU A . n 
A 1 42  ASP 42  42  42  ASP ASP A . n 
A 1 43  ARG 43  43  43  ARG ARG A . n 
A 1 44  VAL 44  44  44  VAL VAL A . n 
A 1 45  LEU 45  45  45  LEU LEU A . n 
A 1 46  PRO 46  46  46  PRO PRO A . n 
A 1 47  GLY 47  47  47  GLY GLY A . n 
A 1 48  ALA 48  48  48  ALA ALA A . n 
A 1 49  GLN 49  49  49  GLN GLN A . n 
A 1 50  PHE 50  50  50  PHE PHE A . n 
A 1 51  TYR 51  51  51  TYR TYR A . n 
A 1 52  PRO 52  52  52  PRO PRO A . n 
A 1 53  GLY 53  53  53  GLY GLY A . n 
A 1 54  ASP 54  54  54  ASP ASP A . n 
A 1 55  TYR 55  55  55  TYR TYR A . n 
A 1 56  GLY 56  56  56  GLY GLY A . n 
A 1 57  PHE 57  57  57  PHE PHE A . n 
A 1 58  ILE 58  58  58  ILE ILE A . n 
A 1 59  PRO 59  59  59  PRO PRO A . n 
A 1 60  SER 60  60  60  SER SER A . n 
A 1 61  THR 61  61  61  THR THR A . n 
A 1 62  LEU 62  62  62  LEU LEU A . n 
A 1 63  ALA 63  63  63  ALA ALA A . n 
A 1 64  GLU 64  64  64  GLU GLU A . n 
A 1 65  ASP 65  65  65  ASP ASP A . n 
A 1 66  GLY 66  66  66  GLY GLY A . n 
A 1 67  ASP 67  67  67  ASP ASP A . n 
A 1 68  PRO 68  68  68  PRO PRO A . n 
A 1 69  LEU 69  69  69  LEU LEU A . n 
A 1 70  ASP 70  70  70  ASP ASP A . n 
A 1 71  GLY 71  71  71  GLY GLY A . n 
A 1 72  LEU 72  72  72  LEU LEU A . n 
A 1 73  VAL 73  73  73  VAL VAL A . n 
A 1 74  LEU 74  74  74  LEU LEU A . n 
A 1 75  SER 75  75  75  SER SER A . n 
A 1 76  THR 76  76  76  THR THR A . n 
A 1 77  TYR 77  77  77  TYR TYR A . n 
A 1 78  PRO 78  78  78  PRO PRO A . n 
A 1 79  LEU 79  79  79  LEU LEU A . n 
A 1 80  LEU 80  80  80  LEU LEU A . n 
A 1 81  PRO 81  81  81  PRO PRO A . n 
A 1 82  GLY 82  82  82  GLY GLY A . n 
A 1 83  VAL 83  83  83  VAL VAL A . n 
A 1 84  VAL 84  84  84  VAL VAL A . n 
A 1 85  VAL 85  85  85  VAL VAL A . n 
A 1 86  GLU 86  86  86  GLU GLU A . n 
A 1 87  VAL 87  87  87  VAL VAL A . n 
A 1 88  ARG 88  88  88  ARG ARG A . n 
A 1 89  VAL 89  89  89  VAL VAL A . n 
A 1 90  VAL 90  90  90  VAL VAL A . n 
A 1 91  GLY 91  91  91  GLY GLY A . n 
A 1 92  LEU 92  92  92  LEU LEU A . n 
A 1 93  LEU 93  93  93  LEU LEU A . n 
A 1 94  LEU 94  94  94  LEU LEU A . n 
A 1 95  MET 95  95  95  MET MET A . n 
A 1 96  GLU 96  96  96  GLU GLU A . n 
A 1 97  ASP 97  97  97  ASP ASP A . n 
A 1 98  GLU 98  98  98  GLU GLU A . n 
A 1 99  LYS 99  99  99  LYS LYS A . n 
A 1 100 GLY 100 100 100 GLY GLY A . n 
A 1 101 GLY 101 101 101 GLY GLY A . n 
A 1 102 ASP 102 102 102 ASP ASP A . n 
A 1 103 ALA 103 103 103 ALA ALA A . n 
A 1 104 LYS 104 104 104 LYS LYS A . n 
A 1 105 VAL 105 105 105 VAL VAL A . n 
A 1 106 ILE 106 106 106 ILE ILE A . n 
A 1 107 GLY 107 107 107 GLY GLY A . n 
A 1 108 VAL 108 108 108 VAL VAL A . n 
A 1 109 VAL 109 109 109 VAL VAL A . n 
A 1 110 ALA 110 110 110 ALA ALA A . n 
A 1 111 GLU 111 111 111 GLU GLU A . n 
A 1 112 ASP 112 112 112 ASP ASP A . n 
A 1 113 GLN 113 113 113 GLN GLN A . n 
A 1 114 ARG 114 114 114 ARG ARG A . n 
A 1 115 LEU 115 115 115 LEU LEU A . n 
A 1 116 ASP 116 116 116 ASP ASP A . n 
A 1 117 HIS 117 117 117 HIS HIS A . n 
A 1 118 ILE 118 118 118 ILE ILE A . n 
A 1 119 GLN 119 119 119 GLN GLN A . n 
A 1 120 ASP 120 120 120 ASP ASP A . n 
A 1 121 ILE 121 121 121 ILE ILE A . n 
A 1 122 GLY 122 122 122 GLY GLY A . n 
A 1 123 ASP 123 123 123 ASP ASP A . n 
A 1 124 VAL 124 124 124 VAL VAL A . n 
A 1 125 PRO 125 125 125 PRO PRO A . n 
A 1 126 GLU 126 126 126 GLU GLU A . n 
A 1 127 GLY 127 127 127 GLY GLY A . n 
A 1 128 VAL 128 128 128 VAL VAL A . n 
A 1 129 LYS 129 129 129 LYS LYS A . n 
A 1 130 GLN 130 130 130 GLN GLN A . n 
A 1 131 GLU 131 131 131 GLU GLU A . n 
A 1 132 ILE 132 132 132 ILE ILE A . n 
A 1 133 GLN 133 133 133 GLN GLN A . n 
A 1 134 HIS 134 134 134 HIS HIS A . n 
A 1 135 PHE 135 135 135 PHE PHE A . n 
A 1 136 PHE 136 136 136 PHE PHE A . n 
A 1 137 GLU 137 137 137 GLU GLU A . n 
A 1 138 THR 138 138 138 THR THR A . n 
A 1 139 TYR 139 139 139 TYR TYR A . n 
A 1 140 LYS 140 140 140 LYS LYS A . n 
A 1 141 ALA 141 141 141 ALA ALA A . n 
A 1 142 LEU 142 142 142 LEU LEU A . n 
A 1 143 GLU 143 143 143 GLU GLU A . n 
A 1 144 ALA 144 144 144 ALA ALA A . n 
A 1 145 LYS 145 145 145 LYS LYS A . n 
A 1 146 LYS 146 146 146 LYS LYS A . n 
A 1 147 GLY 147 147 147 GLY GLY A . n 
A 1 148 LYS 148 148 148 LYS LYS A . n 
A 1 149 TRP 149 149 149 TRP TRP A . n 
A 1 150 VAL 150 150 150 VAL VAL A . n 
A 1 151 LYS 151 151 151 LYS LYS A . n 
A 1 152 VAL 152 152 152 VAL VAL A . n 
A 1 153 THR 153 153 153 THR THR A . n 
A 1 154 GLY 154 154 154 GLY GLY A . n 
A 1 155 TRP 155 155 155 TRP TRP A . n 
A 1 156 ARG 156 156 156 ARG ARG A . n 
A 1 157 ASP 157 157 157 ASP ASP A . n 
A 1 158 ARG 158 158 158 ARG ARG A . n 
A 1 159 LYS 159 159 159 LYS LYS A . n 
A 1 160 ALA 160 160 160 ALA ALA A . n 
A 1 161 ALA 161 161 161 ALA ALA A . n 
A 1 162 LEU 162 162 162 LEU LEU A . n 
A 1 163 GLU 163 163 163 GLU GLU A . n 
A 1 164 GLU 164 164 164 GLU GLU A . n 
A 1 165 VAL 165 165 165 VAL VAL A . n 
A 1 166 ARG 166 166 166 ARG ARG A . n 
A 1 167 ALA 167 167 167 ALA ALA A . n 
A 1 168 CYS 168 168 168 CYS CYS A . n 
A 1 169 ILE 169 169 169 ILE ILE A . n 
A 1 170 ALA 170 170 170 ALA ALA A . n 
A 1 171 ARG 171 171 171 ARG ARG A . n 
A 1 172 TYR 172 172 172 TYR TYR A . n 
A 1 173 LYS 173 173 173 LYS LYS A . n 
A 1 174 GLY 174 174 174 GLY GLY A . n 
# 
loop_
_pdbx_nonpoly_scheme.asym_id 
_pdbx_nonpoly_scheme.entity_id 
_pdbx_nonpoly_scheme.mon_id 
_pdbx_nonpoly_scheme.ndb_seq_num 
_pdbx_nonpoly_scheme.pdb_seq_num 
_pdbx_nonpoly_scheme.auth_seq_num 
_pdbx_nonpoly_scheme.pdb_mon_id 
_pdbx_nonpoly_scheme.auth_mon_id 
_pdbx_nonpoly_scheme.pdb_strand_id 
_pdbx_nonpoly_scheme.pdb_ins_code 
B 2 SO4 1  175 175 SO4 SO4 A . 
C 3 HOH 1  176 90  HOH HOH A . 
C 3 HOH 2  177 1   HOH HOH A . 
C 3 HOH 3  178 2   HOH HOH A . 
C 3 HOH 4  179 3   HOH HOH A . 
C 3 HOH 5  180 4   HOH HOH A . 
C 3 HOH 6  181 5   HOH HOH A . 
C 3 HOH 7  182 6   HOH HOH A . 
C 3 HOH 8  183 7   HOH HOH A . 
C 3 HOH 9  184 8   HOH HOH A . 
C 3 HOH 10 185 9   HOH HOH A . 
C 3 HOH 11 186 10  HOH HOH A . 
C 3 HOH 12 187 11  HOH HOH A . 
C 3 HOH 13 188 12  HOH HOH A . 
C 3 HOH 14 189 13  HOH HOH A . 
C 3 HOH 15 190 14  HOH HOH A . 
C 3 HOH 16 191 15  HOH HOH A . 
C 3 HOH 17 192 16  HOH HOH A . 
C 3 HOH 18 193 17  HOH HOH A . 
C 3 HOH 19 194 18  HOH HOH A . 
C 3 HOH 20 195 19  HOH HOH A . 
C 3 HOH 21 196 20  HOH HOH A . 
C 3 HOH 22 197 21  HOH HOH A . 
C 3 HOH 23 198 22  HOH HOH A . 
C 3 HOH 24 199 23  HOH HOH A . 
C 3 HOH 25 200 24  HOH HOH A . 
C 3 HOH 26 201 25  HOH HOH A . 
C 3 HOH 27 202 26  HOH HOH A . 
C 3 HOH 28 203 27  HOH HOH A . 
C 3 HOH 29 204 28  HOH HOH A . 
C 3 HOH 30 205 29  HOH HOH A . 
C 3 HOH 31 206 30  HOH HOH A . 
C 3 HOH 32 207 31  HOH HOH A . 
C 3 HOH 33 208 32  HOH HOH A . 
C 3 HOH 34 209 33  HOH HOH A . 
C 3 HOH 35 210 34  HOH HOH A . 
C 3 HOH 36 211 35  HOH HOH A . 
C 3 HOH 37 212 36  HOH HOH A . 
C 3 HOH 38 213 37  HOH HOH A . 
C 3 HOH 39 214 38  HOH HOH A . 
C 3 HOH 40 215 39  HOH HOH A . 
C 3 HOH 41 216 40  HOH HOH A . 
C 3 HOH 42 217 41  HOH HOH A . 
C 3 HOH 43 218 42  HOH HOH A . 
C 3 HOH 44 219 43  HOH HOH A . 
C 3 HOH 45 220 44  HOH HOH A . 
C 3 HOH 46 221 45  HOH HOH A . 
C 3 HOH 47 222 46  HOH HOH A . 
C 3 HOH 48 223 47  HOH HOH A . 
C 3 HOH 49 224 48  HOH HOH A . 
C 3 HOH 50 225 49  HOH HOH A . 
C 3 HOH 51 226 50  HOH HOH A . 
C 3 HOH 52 227 51  HOH HOH A . 
C 3 HOH 53 228 52  HOH HOH A . 
C 3 HOH 54 229 53  HOH HOH A . 
C 3 HOH 55 230 54  HOH HOH A . 
C 3 HOH 56 231 55  HOH HOH A . 
C 3 HOH 57 232 56  HOH HOH A . 
C 3 HOH 58 233 57  HOH HOH A . 
C 3 HOH 59 234 58  HOH HOH A . 
C 3 HOH 60 235 59  HOH HOH A . 
C 3 HOH 61 236 60  HOH HOH A . 
C 3 HOH 62 237 61  HOH HOH A . 
C 3 HOH 63 238 62  HOH HOH A . 
C 3 HOH 64 239 63  HOH HOH A . 
C 3 HOH 65 240 64  HOH HOH A . 
C 3 HOH 66 241 65  HOH HOH A . 
C 3 HOH 67 242 66  HOH HOH A . 
C 3 HOH 68 243 67  HOH HOH A . 
C 3 HOH 69 244 68  HOH HOH A . 
C 3 HOH 70 245 69  HOH HOH A . 
C 3 HOH 71 246 70  HOH HOH A . 
C 3 HOH 72 247 71  HOH HOH A . 
C 3 HOH 73 248 72  HOH HOH A . 
C 3 HOH 74 249 73  HOH HOH A . 
C 3 HOH 75 250 74  HOH HOH A . 
C 3 HOH 76 251 75  HOH HOH A . 
C 3 HOH 77 252 76  HOH HOH A . 
C 3 HOH 78 253 77  HOH HOH A . 
C 3 HOH 79 254 78  HOH HOH A . 
C 3 HOH 80 255 79  HOH HOH A . 
C 3 HOH 81 256 80  HOH HOH A . 
C 3 HOH 82 257 81  HOH HOH A . 
C 3 HOH 83 258 82  HOH HOH A . 
C 3 HOH 84 259 83  HOH HOH A . 
C 3 HOH 85 260 84  HOH HOH A . 
C 3 HOH 86 261 85  HOH HOH A . 
C 3 HOH 87 262 86  HOH HOH A . 
C 3 HOH 88 263 87  HOH HOH A . 
C 3 HOH 89 264 88  HOH HOH A . 
C 3 HOH 90 265 89  HOH HOH A . 
# 
_software.name             PROLSQ 
_software.classification   refinement 
_software.version          . 
_software.citation_id      ? 
_software.pdbx_ordinal     1 
# 
_cell.entry_id           2PRD 
_cell.length_a           110.300 
_cell.length_b           110.300 
_cell.length_c           82.000 
_cell.angle_alpha        90.00 
_cell.angle_beta         90.00 
_cell.angle_gamma        120.00 
_cell.Z_PDB              18 
_cell.pdbx_unique_axis   ? 
# 
_symmetry.entry_id                         2PRD 
_symmetry.space_group_name_H-M             'H 3 2' 
_symmetry.pdbx_full_space_group_name_H-M   ? 
_symmetry.cell_setting                     ? 
_symmetry.Int_Tables_number                155 
# 
_exptl.entry_id          2PRD 
_exptl.method            'X-RAY DIFFRACTION' 
_exptl.crystals_number   ? 
# 
_exptl_crystal.id                    1 
_exptl_crystal.density_meas          ? 
_exptl_crystal.density_Matthews      2.51 
_exptl_crystal.density_percent_sol   51.00 
_exptl_crystal.description           ? 
# 
_diffrn.id                     1 
_diffrn.crystal_id             1 
_diffrn.ambient_temp           ? 
_diffrn.ambient_temp_details   ? 
# 
_reflns.entry_id                     2PRD 
_reflns.observed_criterion_sigma_I   0.0 
_reflns.observed_criterion_sigma_F   ? 
_reflns.d_resolution_low             ? 
_reflns.d_resolution_high            ? 
_reflns.number_obs                   11673 
_reflns.number_all                   ? 
_reflns.percent_possible_obs         89.1 
_reflns.pdbx_Rmerge_I_obs            ? 
_reflns.pdbx_Rsym_value              ? 
_reflns.pdbx_netI_over_sigmaI        ? 
_reflns.B_iso_Wilson_estimate        ? 
_reflns.pdbx_redundancy              ? 
_reflns.pdbx_ordinal                 1 
_reflns.pdbx_diffrn_id               1 
# 
_refine.entry_id                                 2PRD 
_refine.ls_number_reflns_obs                     11553 
_refine.ls_number_reflns_all                     ? 
_refine.pdbx_ls_sigma_I                          ? 
_refine.pdbx_ls_sigma_F                          0.0 
_refine.pdbx_data_cutoff_high_absF               ? 
_refine.pdbx_data_cutoff_low_absF                ? 
_refine.pdbx_data_cutoff_high_rms_absF           ? 
_refine.ls_d_res_low                             10.0 
_refine.ls_d_res_high                            2.0 
_refine.ls_percent_reflns_obs                    89.1 
_refine.ls_R_factor_obs                          0.1530000 
_refine.ls_R_factor_all                          ? 
_refine.ls_R_factor_R_work                       ? 
_refine.ls_R_factor_R_free                       ? 
_refine.ls_R_factor_R_free_error                 ? 
_refine.ls_R_factor_R_free_error_details         ? 
_refine.ls_percent_reflns_R_free                 ? 
_refine.ls_number_reflns_R_free                  ? 
_refine.ls_number_parameters                     ? 
_refine.ls_number_restraints                     ? 
_refine.occupancy_min                            ? 
_refine.occupancy_max                            ? 
_refine.B_iso_mean                               20.0 
_refine.aniso_B[1][1]                            ? 
_refine.aniso_B[2][2]                            ? 
_refine.aniso_B[3][3]                            ? 
_refine.aniso_B[1][2]                            ? 
_refine.aniso_B[1][3]                            ? 
_refine.aniso_B[2][3]                            ? 
_refine.solvent_model_details                    ? 
_refine.solvent_model_param_ksol                 ? 
_refine.solvent_model_param_bsol                 ? 
_refine.pdbx_ls_cross_valid_method               ? 
_refine.details                                  ? 
_refine.pdbx_starting_model                      ? 
_refine.pdbx_method_to_determine_struct          ? 
_refine.pdbx_isotropic_thermal_model             ? 
_refine.pdbx_stereochemistry_target_values       ? 
_refine.pdbx_stereochem_target_val_spec_case     ? 
_refine.pdbx_R_Free_selection_details            ? 
_refine.pdbx_overall_ESU_R                       ? 
_refine.pdbx_overall_ESU_R_Free                  ? 
_refine.overall_SU_ML                            ? 
_refine.overall_SU_B                             ? 
_refine.pdbx_refine_id                           'X-RAY DIFFRACTION' 
_refine.pdbx_diffrn_id                           1 
_refine.pdbx_TLS_residual_ADP_flag               ? 
_refine.correlation_coeff_Fo_to_Fc               ? 
_refine.correlation_coeff_Fo_to_Fc_free          ? 
_refine.pdbx_solvent_vdw_probe_radii             ? 
_refine.pdbx_solvent_ion_probe_radii             ? 
_refine.pdbx_solvent_shrinkage_radii             ? 
_refine.pdbx_overall_phase_error                 ? 
_refine.overall_SU_R_Cruickshank_DPI             ? 
_refine.pdbx_overall_SU_R_free_Cruickshank_DPI   ? 
_refine.pdbx_overall_SU_R_Blow_DPI               ? 
_refine.pdbx_overall_SU_R_free_Blow_DPI          ? 
# 
_refine_hist.pdbx_refine_id                   'X-RAY DIFFRACTION' 
_refine_hist.cycle_id                         LAST 
_refine_hist.pdbx_number_atoms_protein        1347 
_refine_hist.pdbx_number_atoms_nucleic_acid   0 
_refine_hist.pdbx_number_atoms_ligand         5 
_refine_hist.number_atoms_solvent             90 
_refine_hist.number_atoms_total               1442 
_refine_hist.d_res_high                       2.0 
_refine_hist.d_res_low                        10.0 
# 
loop_
_refine_ls_restr.type 
_refine_ls_restr.dev_ideal 
_refine_ls_restr.dev_ideal_target 
_refine_ls_restr.weight 
_refine_ls_restr.number 
_refine_ls_restr.pdbx_refine_id 
_refine_ls_restr.pdbx_restraint_function 
p_bond_d            0.015 0.020 ? ? 'X-RAY DIFFRACTION' ? 
p_angle_d           0.036 0.030 ? ? 'X-RAY DIFFRACTION' ? 
p_angle_deg         ?     ?     ? ? 'X-RAY DIFFRACTION' ? 
p_planar_d          0.046 0.040 ? ? 'X-RAY DIFFRACTION' ? 
p_hb_or_metal_coord ?     ?     ? ? 'X-RAY DIFFRACTION' ? 
p_mcbond_it         4.0   3.0   ? ? 'X-RAY DIFFRACTION' ? 
p_mcangle_it        5.5   5.0   ? ? 'X-RAY DIFFRACTION' ? 
p_scbond_it         6.3   4.0   ? ? 'X-RAY DIFFRACTION' ? 
p_scangle_it        8.6   6.0   ? ? 'X-RAY DIFFRACTION' ? 
p_plane_restr       0.013 0.020 ? ? 'X-RAY DIFFRACTION' ? 
p_chiral_restr      0.162 0.150 ? ? 'X-RAY DIFFRACTION' ? 
p_singtor_nbd       0.133 0.300 ? ? 'X-RAY DIFFRACTION' ? 
p_multtor_nbd       0.189 0.300 ? ? 'X-RAY DIFFRACTION' ? 
p_xhyhbond_nbd      ?     ?     ? ? 'X-RAY DIFFRACTION' ? 
p_xyhbond_nbd       ?     ?     ? ? 'X-RAY DIFFRACTION' ? 
p_planar_tor        2.3   3.0   ? ? 'X-RAY DIFFRACTION' ? 
p_staggered_tor     18.1  15.0  ? ? 'X-RAY DIFFRACTION' ? 
p_orthonormal_tor   21.5  20.0  ? ? 'X-RAY DIFFRACTION' ? 
p_transverse_tor    ?     ?     ? ? 'X-RAY DIFFRACTION' ? 
p_special_tor       ?     ?     ? ? 'X-RAY DIFFRACTION' ? 
# 
_struct.entry_id                  2PRD 
_struct.title                     'CRYSTAL STRUCTURE OF INORGANIC PYROPHOSPHATASE FROM THERMUS THERMOPHILUS' 
_struct.pdbx_model_details        ? 
_struct.pdbx_CASP_flag            ? 
_struct.pdbx_model_type_details   ? 
# 
_struct_keywords.entry_id        2PRD 
_struct_keywords.pdbx_keywords   HYDROLASE 
_struct_keywords.text            HYDROLASE 
# 
loop_
_struct_asym.id 
_struct_asym.pdbx_blank_PDB_chainid_flag 
_struct_asym.pdbx_modified 
_struct_asym.entity_id 
_struct_asym.details 
A N N 1 ? 
B N N 2 ? 
C N N 3 ? 
# 
_struct_ref.id                         1 
_struct_ref.db_name                    UNP 
_struct_ref.db_code                    IPYR_THET8 
_struct_ref.entity_id                  1 
_struct_ref.pdbx_db_accession          P38576 
_struct_ref.pdbx_align_begin           1 
_struct_ref.pdbx_seq_one_letter_code   
;ANLKSLPVGDKAPEVVHMVIEVPRGSGNKYEYDPDLGAIKLDRVLPGAQFYPGDYGFIPSTLAEDGDPLDGLVLSTYPLL
PGVVVEVRVVGLLLMEDEKGGDAKVIGVVAEDQRLDHIQDIGDVPEGVKQEIQHFFETYKALEAKKGKWVKVTGWRDRKA
ALEEVRACIARYKG
;
_struct_ref.pdbx_db_isoform            ? 
# 
_struct_ref_seq.align_id                      1 
_struct_ref_seq.ref_id                        1 
_struct_ref_seq.pdbx_PDB_id_code              2PRD 
_struct_ref_seq.pdbx_strand_id                A 
_struct_ref_seq.seq_align_beg                 1 
_struct_ref_seq.pdbx_seq_align_beg_ins_code   ? 
_struct_ref_seq.seq_align_end                 174 
_struct_ref_seq.pdbx_seq_align_end_ins_code   ? 
_struct_ref_seq.pdbx_db_accession             P38576 
_struct_ref_seq.db_align_beg                  1 
_struct_ref_seq.pdbx_db_align_beg_ins_code    ? 
_struct_ref_seq.db_align_end                  174 
_struct_ref_seq.pdbx_db_align_end_ins_code    ? 
_struct_ref_seq.pdbx_auth_seq_align_beg       1 
_struct_ref_seq.pdbx_auth_seq_align_end       174 
# 
_pdbx_struct_assembly.id                   1 
_pdbx_struct_assembly.details              author_and_software_defined_assembly 
_pdbx_struct_assembly.method_details       PISA,PQS 
_pdbx_struct_assembly.oligomeric_details   hexameric 
_pdbx_struct_assembly.oligomeric_count     6 
# 
loop_
_pdbx_struct_assembly_prop.biol_id 
_pdbx_struct_assembly_prop.type 
_pdbx_struct_assembly_prop.value 
_pdbx_struct_assembly_prop.details 
1 'ABSA (A^2)' 16150 ? 
1 MORE         -166  ? 
1 'SSA (A^2)'  36820 ? 
# 
_pdbx_struct_assembly_gen.assembly_id       1 
_pdbx_struct_assembly_gen.oper_expression   1,2,3,4,5,6 
_pdbx_struct_assembly_gen.asym_id_list      A,B,C 
# 
loop_
_pdbx_struct_oper_list.id 
_pdbx_struct_oper_list.type 
_pdbx_struct_oper_list.name 
_pdbx_struct_oper_list.symmetry_operation 
_pdbx_struct_oper_list.matrix[1][1] 
_pdbx_struct_oper_list.matrix[1][2] 
_pdbx_struct_oper_list.matrix[1][3] 
_pdbx_struct_oper_list.vector[1] 
_pdbx_struct_oper_list.matrix[2][1] 
_pdbx_struct_oper_list.matrix[2][2] 
_pdbx_struct_oper_list.matrix[2][3] 
_pdbx_struct_oper_list.vector[2] 
_pdbx_struct_oper_list.matrix[3][1] 
_pdbx_struct_oper_list.matrix[3][2] 
_pdbx_struct_oper_list.matrix[3][3] 
_pdbx_struct_oper_list.vector[3] 
1 'identity operation'         1_555  x,y,z                  1.0000000000  0.0000000000  0.0000000000  0.0000000000   0.0000000000  1.0000000000  0.0000000000  0.0000000000   0.0000000000  0.0000000000  1.0000000000  0.0000000000   
2 'crystal symmetry operation' 2_665  -y+1,x-y+1,z           -0.3858856825 0.6335138815  -0.6706358192 16.6087268338  -0.9197777236 -0.3204717228 0.2265100748  -24.3819107922 -0.0714225396 0.7042428820  0.7063574053  14.5140154921  
3 'crystal symmetry operation' 3_565  -x+y,-x+1,z            -0.3858856825 -0.9197777236 -0.0714225396 -14.9802406687 0.6335138815  -0.3204717228 0.7042428820  -28.5569640599 -0.6706358192 0.2265100748  0.7063574053  6.4090732411   
4 'crystal symmetry operation' 10_455 y-1/3,x+1/3,-z+1/3     -0.5074301466 -0.7421850023 0.4378082556  -6.9324999641  -0.7421850023 0.1182953522  -0.6596723672 -21.0904763767 0.4378082556  -0.6596723672 -0.6108652056 -27.9535495540 
5 'crystal symmetry operation' 11_565 x-y+2/3,-y+4/3,-z+1/3  0.8471858829  0.2247086122  0.4814375551  9.0899756639   0.2247086122  -0.9726643859 0.0585664745  -45.8759860216 0.4814375551  0.0585664745  -0.8745214970 -13.4641460806 
6 'crystal symmetry operation' 12_555 -x+2/3,-x+y+1/3,-z+1/3 -0.5679843713 0.8037402322  -0.1771874518 24.6694213662  0.8037402322  0.4953124794  -0.3296470641 -17.5784110578 -0.1771874518 -0.3296470641 -0.9273281081 -19.5888623521 
# 
_struct_biol.id   1 
# 
loop_
_struct_conf.conf_type_id 
_struct_conf.id 
_struct_conf.pdbx_PDB_helix_id 
_struct_conf.beg_label_comp_id 
_struct_conf.beg_label_asym_id 
_struct_conf.beg_label_seq_id 
_struct_conf.pdbx_beg_PDB_ins_code 
_struct_conf.end_label_comp_id 
_struct_conf.end_label_asym_id 
_struct_conf.end_label_seq_id 
_struct_conf.pdbx_end_PDB_ins_code 
_struct_conf.beg_auth_comp_id 
_struct_conf.beg_auth_asym_id 
_struct_conf.beg_auth_seq_id 
_struct_conf.end_auth_comp_id 
_struct_conf.end_auth_asym_id 
_struct_conf.end_auth_seq_id 
_struct_conf.pdbx_PDB_helix_class 
_struct_conf.details 
_struct_conf.pdbx_PDB_helix_length 
HELX_P HELX_P1 H1 LEU A 3   ? SER A 5   ? LEU A 3   SER A 5   5 ? 3  
HELX_P HELX_P2 H2 GLN A 113 ? LEU A 115 ? GLN A 113 LEU A 115 5 ? 3  
HELX_P HELX_P3 H3 ILE A 121 ? ASP A 123 ? ILE A 121 ASP A 123 5 ? 3  
HELX_P HELX_P4 H4 GLU A 126 ? THR A 138 ? GLU A 126 THR A 138 1 ? 13 
HELX_P HELX_P5 H5 ALA A 141 ? LYS A 146 ? ALA A 141 LYS A 146 5 ? 6  
HELX_P HELX_P6 H6 ARG A 158 ? LYS A 173 ? ARG A 158 LYS A 173 1 ? 16 
# 
_struct_conf_type.id          HELX_P 
_struct_conf_type.criteria    ? 
_struct_conf_type.reference   ? 
# 
_struct_mon_prot_cis.pdbx_id                1 
_struct_mon_prot_cis.label_comp_id          ALA 
_struct_mon_prot_cis.label_seq_id           12 
_struct_mon_prot_cis.label_asym_id          A 
_struct_mon_prot_cis.label_alt_id           . 
_struct_mon_prot_cis.pdbx_PDB_ins_code      ? 
_struct_mon_prot_cis.auth_comp_id           ALA 
_struct_mon_prot_cis.auth_seq_id            12 
_struct_mon_prot_cis.auth_asym_id           A 
_struct_mon_prot_cis.pdbx_label_comp_id_2   PRO 
_struct_mon_prot_cis.pdbx_label_seq_id_2    13 
_struct_mon_prot_cis.pdbx_label_asym_id_2   A 
_struct_mon_prot_cis.pdbx_PDB_ins_code_2    ? 
_struct_mon_prot_cis.pdbx_auth_comp_id_2    PRO 
_struct_mon_prot_cis.pdbx_auth_seq_id_2     13 
_struct_mon_prot_cis.pdbx_auth_asym_id_2    A 
_struct_mon_prot_cis.pdbx_PDB_model_num     1 
_struct_mon_prot_cis.pdbx_omega_angle       0.78 
# 
loop_
_struct_sheet.id 
_struct_sheet.type 
_struct_sheet.number_strands 
_struct_sheet.details 
S1A ? 6 ? 
S1B ? 3 ? 
S2  ? 2 ? 
# 
loop_
_struct_sheet_order.sheet_id 
_struct_sheet_order.range_id_1 
_struct_sheet_order.range_id_2 
_struct_sheet_order.offset 
_struct_sheet_order.sense 
S1A 1 2 ? parallel      
S1A 2 3 ? anti-parallel 
S1A 3 4 ? anti-parallel 
S1A 4 5 ? anti-parallel 
S1A 5 6 ? anti-parallel 
S1B 1 2 ? anti-parallel 
S1B 2 3 ? anti-parallel 
S2  1 2 ? anti-parallel 
# 
loop_
_struct_sheet_range.sheet_id 
_struct_sheet_range.id 
_struct_sheet_range.beg_label_comp_id 
_struct_sheet_range.beg_label_asym_id 
_struct_sheet_range.beg_label_seq_id 
_struct_sheet_range.pdbx_beg_PDB_ins_code 
_struct_sheet_range.end_label_comp_id 
_struct_sheet_range.end_label_asym_id 
_struct_sheet_range.end_label_seq_id 
_struct_sheet_range.pdbx_end_PDB_ins_code 
_struct_sheet_range.beg_auth_comp_id 
_struct_sheet_range.beg_auth_asym_id 
_struct_sheet_range.beg_auth_seq_id 
_struct_sheet_range.end_auth_comp_id 
_struct_sheet_range.end_auth_asym_id 
_struct_sheet_range.end_auth_seq_id 
S1A 1 GLY A 100 ? VAL A 109 ? GLY A 100 VAL A 109 
S1A 2 ASP A 70  ? LEU A 74  ? ASP A 70  LEU A 74  
S1A 3 ASP A 54  ? PHE A 57  ? ASP A 54  PHE A 57  
S1A 4 VAL A 15  ? VAL A 22  ? VAL A 15  VAL A 22  
S1A 5 VAL A 84  ? ASP A 97  ? VAL A 84  ASP A 97  
S1A 6 GLY A 100 ? VAL A 109 ? GLY A 100 VAL A 109 
S1B 1 GLY A 100 ? VAL A 109 ? GLY A 100 VAL A 109 
S1B 2 VAL A 84  ? ASP A 97  ? VAL A 84  ASP A 97  
S1B 3 VAL A 150 ? ARG A 156 ? VAL A 150 ARG A 156 
S2  1 ASN A 28  ? ASP A 33  ? ASN A 28  ASP A 33  
S2  2 ALA A 38  ? VAL A 44  ? ALA A 38  VAL A 44  
# 
loop_
_pdbx_struct_sheet_hbond.sheet_id 
_pdbx_struct_sheet_hbond.range_id_1 
_pdbx_struct_sheet_hbond.range_id_2 
_pdbx_struct_sheet_hbond.range_1_label_atom_id 
_pdbx_struct_sheet_hbond.range_1_label_comp_id 
_pdbx_struct_sheet_hbond.range_1_label_asym_id 
_pdbx_struct_sheet_hbond.range_1_label_seq_id 
_pdbx_struct_sheet_hbond.range_1_PDB_ins_code 
_pdbx_struct_sheet_hbond.range_1_auth_atom_id 
_pdbx_struct_sheet_hbond.range_1_auth_comp_id 
_pdbx_struct_sheet_hbond.range_1_auth_asym_id 
_pdbx_struct_sheet_hbond.range_1_auth_seq_id 
_pdbx_struct_sheet_hbond.range_2_label_atom_id 
_pdbx_struct_sheet_hbond.range_2_label_comp_id 
_pdbx_struct_sheet_hbond.range_2_label_asym_id 
_pdbx_struct_sheet_hbond.range_2_label_seq_id 
_pdbx_struct_sheet_hbond.range_2_PDB_ins_code 
_pdbx_struct_sheet_hbond.range_2_auth_atom_id 
_pdbx_struct_sheet_hbond.range_2_auth_comp_id 
_pdbx_struct_sheet_hbond.range_2_auth_asym_id 
_pdbx_struct_sheet_hbond.range_2_auth_seq_id 
S1A 1 2 O VAL A 105 ? O VAL A 105 N LEU A 72  ? N LEU A 72  
S1A 2 3 O VAL A 73  ? O VAL A 73  N ASP A 54  ? N ASP A 54  
S1A 3 4 O PHE A 57  ? O PHE A 57  N VAL A 19  ? N VAL A 19  
S1A 4 5 O MET A 18  ? O MET A 18  N VAL A 85  ? N VAL A 85  
S1A 5 6 O MET A 95  ? O MET A 95  N ASP A 102 ? N ASP A 102 
S1B 1 2 N ASP A 102 ? N ASP A 102 O MET A 95  ? O MET A 95  
S1B 2 3 O GLU A 96  ? O GLU A 96  N LYS A 151 ? N LYS A 151 
S2  1 2 O GLU A 31  ? O GLU A 31  N LYS A 40  ? N LYS A 40  
# 
_struct_site.id                   AC1 
_struct_site.pdbx_evidence_code   Software 
_struct_site.pdbx_auth_asym_id    A 
_struct_site.pdbx_auth_comp_id    SO4 
_struct_site.pdbx_auth_seq_id     175 
_struct_site.pdbx_auth_ins_code   ? 
_struct_site.pdbx_num_residues    5 
_struct_site.details              'BINDING SITE FOR RESIDUE SO4 A 175' 
# 
loop_
_struct_site_gen.id 
_struct_site_gen.site_id 
_struct_site_gen.pdbx_num_res 
_struct_site_gen.label_comp_id 
_struct_site_gen.label_asym_id 
_struct_site_gen.label_seq_id 
_struct_site_gen.pdbx_auth_ins_code 
_struct_site_gen.auth_comp_id 
_struct_site_gen.auth_asym_id 
_struct_site_gen.auth_seq_id 
_struct_site_gen.label_atom_id 
_struct_site_gen.label_alt_id 
_struct_site_gen.symmetry 
_struct_site_gen.details 
1 AC1 5 LYS A 29  ? LYS A 29  . ? 1_555 ? 
2 AC1 5 ARG A 43  ? ARG A 43  . ? 1_555 ? 
3 AC1 5 TYR A 139 ? TYR A 139 . ? 1_555 ? 
4 AC1 5 LYS A 140 ? LYS A 140 . ? 1_555 ? 
5 AC1 5 HOH C .   ? HOH A 192 . ? 1_555 ? 
# 
loop_
_pdbx_validate_rmsd_angle.id 
_pdbx_validate_rmsd_angle.PDB_model_num 
_pdbx_validate_rmsd_angle.auth_atom_id_1 
_pdbx_validate_rmsd_angle.auth_asym_id_1 
_pdbx_validate_rmsd_angle.auth_comp_id_1 
_pdbx_validate_rmsd_angle.auth_seq_id_1 
_pdbx_validate_rmsd_angle.PDB_ins_code_1 
_pdbx_validate_rmsd_angle.label_alt_id_1 
_pdbx_validate_rmsd_angle.auth_atom_id_2 
_pdbx_validate_rmsd_angle.auth_asym_id_2 
_pdbx_validate_rmsd_angle.auth_comp_id_2 
_pdbx_validate_rmsd_angle.auth_seq_id_2 
_pdbx_validate_rmsd_angle.PDB_ins_code_2 
_pdbx_validate_rmsd_angle.label_alt_id_2 
_pdbx_validate_rmsd_angle.auth_atom_id_3 
_pdbx_validate_rmsd_angle.auth_asym_id_3 
_pdbx_validate_rmsd_angle.auth_comp_id_3 
_pdbx_validate_rmsd_angle.auth_seq_id_3 
_pdbx_validate_rmsd_angle.PDB_ins_code_3 
_pdbx_validate_rmsd_angle.label_alt_id_3 
_pdbx_validate_rmsd_angle.angle_value 
_pdbx_validate_rmsd_angle.angle_target_value 
_pdbx_validate_rmsd_angle.angle_deviation 
_pdbx_validate_rmsd_angle.angle_standard_deviation 
_pdbx_validate_rmsd_angle.linker_flag 
1  1 NE  A ARG 24  ? ? CZ A ARG 24  ? ? NH2 A ARG 24  ? ? 117.04 120.30 -3.26  0.50 N 
2  1 OE1 A GLU 31  ? ? CD A GLU 31  ? ? OE2 A GLU 31  ? ? 130.70 123.30 7.40   1.20 N 
3  1 CD  A ARG 88  ? ? NE A ARG 88  ? ? CZ  A ARG 88  ? ? 111.20 123.60 -12.40 1.40 N 
4  1 NH1 A ARG 88  ? ? CZ A ARG 88  ? ? NH2 A ARG 88  ? ? 126.51 119.40 7.11   1.10 N 
5  1 NE  A ARG 88  ? ? CZ A ARG 88  ? ? NH1 A ARG 88  ? ? 114.60 120.30 -5.70  0.50 N 
6  1 NE  A ARG 114 ? ? CZ A ARG 114 ? ? NH1 A ARG 114 ? ? 128.24 120.30 7.94   0.50 N 
7  1 NE  A ARG 114 ? ? CZ A ARG 114 ? ? NH2 A ARG 114 ? ? 113.47 120.30 -6.83  0.50 N 
8  1 CA  A GLN 130 ? ? CB A GLN 130 ? ? CG  A GLN 130 ? ? 139.45 113.40 26.05  2.20 N 
9  1 NE  A ARG 156 ? ? CZ A ARG 156 ? ? NH1 A ARG 156 ? ? 123.38 120.30 3.08   0.50 N 
10 1 CD  A ARG 171 ? ? NE A ARG 171 ? ? CZ  A ARG 171 ? ? 133.07 123.60 9.47   1.40 N 
# 
loop_
_pdbx_validate_torsion.id 
_pdbx_validate_torsion.PDB_model_num 
_pdbx_validate_torsion.auth_comp_id 
_pdbx_validate_torsion.auth_asym_id 
_pdbx_validate_torsion.auth_seq_id 
_pdbx_validate_torsion.PDB_ins_code 
_pdbx_validate_torsion.label_alt_id 
_pdbx_validate_torsion.phi 
_pdbx_validate_torsion.psi 
1 1 ASN A 2   ? ? -161.45 87.78 
2 1 GLU A 111 ? ? -99.82  48.82 
3 1 LYS A 145 ? ? -67.68  3.35  
# 
loop_
_pdbx_struct_special_symmetry.id 
_pdbx_struct_special_symmetry.PDB_model_num 
_pdbx_struct_special_symmetry.auth_asym_id 
_pdbx_struct_special_symmetry.auth_comp_id 
_pdbx_struct_special_symmetry.auth_seq_id 
_pdbx_struct_special_symmetry.PDB_ins_code 
_pdbx_struct_special_symmetry.label_asym_id 
_pdbx_struct_special_symmetry.label_comp_id 
_pdbx_struct_special_symmetry.label_seq_id 
1 1 A HOH 177 ? C HOH . 
2 1 A HOH 226 ? C HOH . 
# 
loop_
_chem_comp_atom.comp_id 
_chem_comp_atom.atom_id 
_chem_comp_atom.type_symbol 
_chem_comp_atom.pdbx_aromatic_flag 
_chem_comp_atom.pdbx_stereo_config 
_chem_comp_atom.pdbx_ordinal 
ALA N    N N N 1   
ALA CA   C N S 2   
ALA C    C N N 3   
ALA O    O N N 4   
ALA CB   C N N 5   
ALA OXT  O N N 6   
ALA H    H N N 7   
ALA H2   H N N 8   
ALA HA   H N N 9   
ALA HB1  H N N 10  
ALA HB2  H N N 11  
ALA HB3  H N N 12  
ALA HXT  H N N 13  
ARG N    N N N 14  
ARG CA   C N S 15  
ARG C    C N N 16  
ARG O    O N N 17  
ARG CB   C N N 18  
ARG CG   C N N 19  
ARG CD   C N N 20  
ARG NE   N N N 21  
ARG CZ   C N N 22  
ARG NH1  N N N 23  
ARG NH2  N N N 24  
ARG OXT  O N N 25  
ARG H    H N N 26  
ARG H2   H N N 27  
ARG HA   H N N 28  
ARG HB2  H N N 29  
ARG HB3  H N N 30  
ARG HG2  H N N 31  
ARG HG3  H N N 32  
ARG HD2  H N N 33  
ARG HD3  H N N 34  
ARG HE   H N N 35  
ARG HH11 H N N 36  
ARG HH12 H N N 37  
ARG HH21 H N N 38  
ARG HH22 H N N 39  
ARG HXT  H N N 40  
ASN N    N N N 41  
ASN CA   C N S 42  
ASN C    C N N 43  
ASN O    O N N 44  
ASN CB   C N N 45  
ASN CG   C N N 46  
ASN OD1  O N N 47  
ASN ND2  N N N 48  
ASN OXT  O N N 49  
ASN H    H N N 50  
ASN H2   H N N 51  
ASN HA   H N N 52  
ASN HB2  H N N 53  
ASN HB3  H N N 54  
ASN HD21 H N N 55  
ASN HD22 H N N 56  
ASN HXT  H N N 57  
ASP N    N N N 58  
ASP CA   C N S 59  
ASP C    C N N 60  
ASP O    O N N 61  
ASP CB   C N N 62  
ASP CG   C N N 63  
ASP OD1  O N N 64  
ASP OD2  O N N 65  
ASP OXT  O N N 66  
ASP H    H N N 67  
ASP H2   H N N 68  
ASP HA   H N N 69  
ASP HB2  H N N 70  
ASP HB3  H N N 71  
ASP HD2  H N N 72  
ASP HXT  H N N 73  
CYS N    N N N 74  
CYS CA   C N R 75  
CYS C    C N N 76  
CYS O    O N N 77  
CYS CB   C N N 78  
CYS SG   S N N 79  
CYS OXT  O N N 80  
CYS H    H N N 81  
CYS H2   H N N 82  
CYS HA   H N N 83  
CYS HB2  H N N 84  
CYS HB3  H N N 85  
CYS HG   H N N 86  
CYS HXT  H N N 87  
GLN N    N N N 88  
GLN CA   C N S 89  
GLN C    C N N 90  
GLN O    O N N 91  
GLN CB   C N N 92  
GLN CG   C N N 93  
GLN CD   C N N 94  
GLN OE1  O N N 95  
GLN NE2  N N N 96  
GLN OXT  O N N 97  
GLN H    H N N 98  
GLN H2   H N N 99  
GLN HA   H N N 100 
GLN HB2  H N N 101 
GLN HB3  H N N 102 
GLN HG2  H N N 103 
GLN HG3  H N N 104 
GLN HE21 H N N 105 
GLN HE22 H N N 106 
GLN HXT  H N N 107 
GLU N    N N N 108 
GLU CA   C N S 109 
GLU C    C N N 110 
GLU O    O N N 111 
GLU CB   C N N 112 
GLU CG   C N N 113 
GLU CD   C N N 114 
GLU OE1  O N N 115 
GLU OE2  O N N 116 
GLU OXT  O N N 117 
GLU H    H N N 118 
GLU H2   H N N 119 
GLU HA   H N N 120 
GLU HB2  H N N 121 
GLU HB3  H N N 122 
GLU HG2  H N N 123 
GLU HG3  H N N 124 
GLU HE2  H N N 125 
GLU HXT  H N N 126 
GLY N    N N N 127 
GLY CA   C N N 128 
GLY C    C N N 129 
GLY O    O N N 130 
GLY OXT  O N N 131 
GLY H    H N N 132 
GLY H2   H N N 133 
GLY HA2  H N N 134 
GLY HA3  H N N 135 
GLY HXT  H N N 136 
HIS N    N N N 137 
HIS CA   C N S 138 
HIS C    C N N 139 
HIS O    O N N 140 
HIS CB   C N N 141 
HIS CG   C Y N 142 
HIS ND1  N Y N 143 
HIS CD2  C Y N 144 
HIS CE1  C Y N 145 
HIS NE2  N Y N 146 
HIS OXT  O N N 147 
HIS H    H N N 148 
HIS H2   H N N 149 
HIS HA   H N N 150 
HIS HB2  H N N 151 
HIS HB3  H N N 152 
HIS HD1  H N N 153 
HIS HD2  H N N 154 
HIS HE1  H N N 155 
HIS HE2  H N N 156 
HIS HXT  H N N 157 
HOH O    O N N 158 
HOH H1   H N N 159 
HOH H2   H N N 160 
ILE N    N N N 161 
ILE CA   C N S 162 
ILE C    C N N 163 
ILE O    O N N 164 
ILE CB   C N S 165 
ILE CG1  C N N 166 
ILE CG2  C N N 167 
ILE CD1  C N N 168 
ILE OXT  O N N 169 
ILE H    H N N 170 
ILE H2   H N N 171 
ILE HA   H N N 172 
ILE HB   H N N 173 
ILE HG12 H N N 174 
ILE HG13 H N N 175 
ILE HG21 H N N 176 
ILE HG22 H N N 177 
ILE HG23 H N N 178 
ILE HD11 H N N 179 
ILE HD12 H N N 180 
ILE HD13 H N N 181 
ILE HXT  H N N 182 
LEU N    N N N 183 
LEU CA   C N S 184 
LEU C    C N N 185 
LEU O    O N N 186 
LEU CB   C N N 187 
LEU CG   C N N 188 
LEU CD1  C N N 189 
LEU CD2  C N N 190 
LEU OXT  O N N 191 
LEU H    H N N 192 
LEU H2   H N N 193 
LEU HA   H N N 194 
LEU HB2  H N N 195 
LEU HB3  H N N 196 
LEU HG   H N N 197 
LEU HD11 H N N 198 
LEU HD12 H N N 199 
LEU HD13 H N N 200 
LEU HD21 H N N 201 
LEU HD22 H N N 202 
LEU HD23 H N N 203 
LEU HXT  H N N 204 
LYS N    N N N 205 
LYS CA   C N S 206 
LYS C    C N N 207 
LYS O    O N N 208 
LYS CB   C N N 209 
LYS CG   C N N 210 
LYS CD   C N N 211 
LYS CE   C N N 212 
LYS NZ   N N N 213 
LYS OXT  O N N 214 
LYS H    H N N 215 
LYS H2   H N N 216 
LYS HA   H N N 217 
LYS HB2  H N N 218 
LYS HB3  H N N 219 
LYS HG2  H N N 220 
LYS HG3  H N N 221 
LYS HD2  H N N 222 
LYS HD3  H N N 223 
LYS HE2  H N N 224 
LYS HE3  H N N 225 
LYS HZ1  H N N 226 
LYS HZ2  H N N 227 
LYS HZ3  H N N 228 
LYS HXT  H N N 229 
MET N    N N N 230 
MET CA   C N S 231 
MET C    C N N 232 
MET O    O N N 233 
MET CB   C N N 234 
MET CG   C N N 235 
MET SD   S N N 236 
MET CE   C N N 237 
MET OXT  O N N 238 
MET H    H N N 239 
MET H2   H N N 240 
MET HA   H N N 241 
MET HB2  H N N 242 
MET HB3  H N N 243 
MET HG2  H N N 244 
MET HG3  H N N 245 
MET HE1  H N N 246 
MET HE2  H N N 247 
MET HE3  H N N 248 
MET HXT  H N N 249 
PHE N    N N N 250 
PHE CA   C N S 251 
PHE C    C N N 252 
PHE O    O N N 253 
PHE CB   C N N 254 
PHE CG   C Y N 255 
PHE CD1  C Y N 256 
PHE CD2  C Y N 257 
PHE CE1  C Y N 258 
PHE CE2  C Y N 259 
PHE CZ   C Y N 260 
PHE OXT  O N N 261 
PHE H    H N N 262 
PHE H2   H N N 263 
PHE HA   H N N 264 
PHE HB2  H N N 265 
PHE HB3  H N N 266 
PHE HD1  H N N 267 
PHE HD2  H N N 268 
PHE HE1  H N N 269 
PHE HE2  H N N 270 
PHE HZ   H N N 271 
PHE HXT  H N N 272 
PRO N    N N N 273 
PRO CA   C N S 274 
PRO C    C N N 275 
PRO O    O N N 276 
PRO CB   C N N 277 
PRO CG   C N N 278 
PRO CD   C N N 279 
PRO OXT  O N N 280 
PRO H    H N N 281 
PRO HA   H N N 282 
PRO HB2  H N N 283 
PRO HB3  H N N 284 
PRO HG2  H N N 285 
PRO HG3  H N N 286 
PRO HD2  H N N 287 
PRO HD3  H N N 288 
PRO HXT  H N N 289 
SER N    N N N 290 
SER CA   C N S 291 
SER C    C N N 292 
SER O    O N N 293 
SER CB   C N N 294 
SER OG   O N N 295 
SER OXT  O N N 296 
SER H    H N N 297 
SER H2   H N N 298 
SER HA   H N N 299 
SER HB2  H N N 300 
SER HB3  H N N 301 
SER HG   H N N 302 
SER HXT  H N N 303 
SO4 S    S N N 304 
SO4 O1   O N N 305 
SO4 O2   O N N 306 
SO4 O3   O N N 307 
SO4 O4   O N N 308 
THR N    N N N 309 
THR CA   C N S 310 
THR C    C N N 311 
THR O    O N N 312 
THR CB   C N R 313 
THR OG1  O N N 314 
THR CG2  C N N 315 
THR OXT  O N N 316 
THR H    H N N 317 
THR H2   H N N 318 
THR HA   H N N 319 
THR HB   H N N 320 
THR HG1  H N N 321 
THR HG21 H N N 322 
THR HG22 H N N 323 
THR HG23 H N N 324 
THR HXT  H N N 325 
TRP N    N N N 326 
TRP CA   C N S 327 
TRP C    C N N 328 
TRP O    O N N 329 
TRP CB   C N N 330 
TRP CG   C Y N 331 
TRP CD1  C Y N 332 
TRP CD2  C Y N 333 
TRP NE1  N Y N 334 
TRP CE2  C Y N 335 
TRP CE3  C Y N 336 
TRP CZ2  C Y N 337 
TRP CZ3  C Y N 338 
TRP CH2  C Y N 339 
TRP OXT  O N N 340 
TRP H    H N N 341 
TRP H2   H N N 342 
TRP HA   H N N 343 
TRP HB2  H N N 344 
TRP HB3  H N N 345 
TRP HD1  H N N 346 
TRP HE1  H N N 347 
TRP HE3  H N N 348 
TRP HZ2  H N N 349 
TRP HZ3  H N N 350 
TRP HH2  H N N 351 
TRP HXT  H N N 352 
TYR N    N N N 353 
TYR CA   C N S 354 
TYR C    C N N 355 
TYR O    O N N 356 
TYR CB   C N N 357 
TYR CG   C Y N 358 
TYR CD1  C Y N 359 
TYR CD2  C Y N 360 
TYR CE1  C Y N 361 
TYR CE2  C Y N 362 
TYR CZ   C Y N 363 
TYR OH   O N N 364 
TYR OXT  O N N 365 
TYR H    H N N 366 
TYR H2   H N N 367 
TYR HA   H N N 368 
TYR HB2  H N N 369 
TYR HB3  H N N 370 
TYR HD1  H N N 371 
TYR HD2  H N N 372 
TYR HE1  H N N 373 
TYR HE2  H N N 374 
TYR HH   H N N 375 
TYR HXT  H N N 376 
VAL N    N N N 377 
VAL CA   C N S 378 
VAL C    C N N 379 
VAL O    O N N 380 
VAL CB   C N N 381 
VAL CG1  C N N 382 
VAL CG2  C N N 383 
VAL OXT  O N N 384 
VAL H    H N N 385 
VAL H2   H N N 386 
VAL HA   H N N 387 
VAL HB   H N N 388 
VAL HG11 H N N 389 
VAL HG12 H N N 390 
VAL HG13 H N N 391 
VAL HG21 H N N 392 
VAL HG22 H N N 393 
VAL HG23 H N N 394 
VAL HXT  H N N 395 
# 
loop_
_chem_comp_bond.comp_id 
_chem_comp_bond.atom_id_1 
_chem_comp_bond.atom_id_2 
_chem_comp_bond.value_order 
_chem_comp_bond.pdbx_aromatic_flag 
_chem_comp_bond.pdbx_stereo_config 
_chem_comp_bond.pdbx_ordinal 
ALA N   CA   sing N N 1   
ALA N   H    sing N N 2   
ALA N   H2   sing N N 3   
ALA CA  C    sing N N 4   
ALA CA  CB   sing N N 5   
ALA CA  HA   sing N N 6   
ALA C   O    doub N N 7   
ALA C   OXT  sing N N 8   
ALA CB  HB1  sing N N 9   
ALA CB  HB2  sing N N 10  
ALA CB  HB3  sing N N 11  
ALA OXT HXT  sing N N 12  
ARG N   CA   sing N N 13  
ARG N   H    sing N N 14  
ARG N   H2   sing N N 15  
ARG CA  C    sing N N 16  
ARG CA  CB   sing N N 17  
ARG CA  HA   sing N N 18  
ARG C   O    doub N N 19  
ARG C   OXT  sing N N 20  
ARG CB  CG   sing N N 21  
ARG CB  HB2  sing N N 22  
ARG CB  HB3  sing N N 23  
ARG CG  CD   sing N N 24  
ARG CG  HG2  sing N N 25  
ARG CG  HG3  sing N N 26  
ARG CD  NE   sing N N 27  
ARG CD  HD2  sing N N 28  
ARG CD  HD3  sing N N 29  
ARG NE  CZ   sing N N 30  
ARG NE  HE   sing N N 31  
ARG CZ  NH1  sing N N 32  
ARG CZ  NH2  doub N N 33  
ARG NH1 HH11 sing N N 34  
ARG NH1 HH12 sing N N 35  
ARG NH2 HH21 sing N N 36  
ARG NH2 HH22 sing N N 37  
ARG OXT HXT  sing N N 38  
ASN N   CA   sing N N 39  
ASN N   H    sing N N 40  
ASN N   H2   sing N N 41  
ASN CA  C    sing N N 42  
ASN CA  CB   sing N N 43  
ASN CA  HA   sing N N 44  
ASN C   O    doub N N 45  
ASN C   OXT  sing N N 46  
ASN CB  CG   sing N N 47  
ASN CB  HB2  sing N N 48  
ASN CB  HB3  sing N N 49  
ASN CG  OD1  doub N N 50  
ASN CG  ND2  sing N N 51  
ASN ND2 HD21 sing N N 52  
ASN ND2 HD22 sing N N 53  
ASN OXT HXT  sing N N 54  
ASP N   CA   sing N N 55  
ASP N   H    sing N N 56  
ASP N   H2   sing N N 57  
ASP CA  C    sing N N 58  
ASP CA  CB   sing N N 59  
ASP CA  HA   sing N N 60  
ASP C   O    doub N N 61  
ASP C   OXT  sing N N 62  
ASP CB  CG   sing N N 63  
ASP CB  HB2  sing N N 64  
ASP CB  HB3  sing N N 65  
ASP CG  OD1  doub N N 66  
ASP CG  OD2  sing N N 67  
ASP OD2 HD2  sing N N 68  
ASP OXT HXT  sing N N 69  
CYS N   CA   sing N N 70  
CYS N   H    sing N N 71  
CYS N   H2   sing N N 72  
CYS CA  C    sing N N 73  
CYS CA  CB   sing N N 74  
CYS CA  HA   sing N N 75  
CYS C   O    doub N N 76  
CYS C   OXT  sing N N 77  
CYS CB  SG   sing N N 78  
CYS CB  HB2  sing N N 79  
CYS CB  HB3  sing N N 80  
CYS SG  HG   sing N N 81  
CYS OXT HXT  sing N N 82  
GLN N   CA   sing N N 83  
GLN N   H    sing N N 84  
GLN N   H2   sing N N 85  
GLN CA  C    sing N N 86  
GLN CA  CB   sing N N 87  
GLN CA  HA   sing N N 88  
GLN C   O    doub N N 89  
GLN C   OXT  sing N N 90  
GLN CB  CG   sing N N 91  
GLN CB  HB2  sing N N 92  
GLN CB  HB3  sing N N 93  
GLN CG  CD   sing N N 94  
GLN CG  HG2  sing N N 95  
GLN CG  HG3  sing N N 96  
GLN CD  OE1  doub N N 97  
GLN CD  NE2  sing N N 98  
GLN NE2 HE21 sing N N 99  
GLN NE2 HE22 sing N N 100 
GLN OXT HXT  sing N N 101 
GLU N   CA   sing N N 102 
GLU N   H    sing N N 103 
GLU N   H2   sing N N 104 
GLU CA  C    sing N N 105 
GLU CA  CB   sing N N 106 
GLU CA  HA   sing N N 107 
GLU C   O    doub N N 108 
GLU C   OXT  sing N N 109 
GLU CB  CG   sing N N 110 
GLU CB  HB2  sing N N 111 
GLU CB  HB3  sing N N 112 
GLU CG  CD   sing N N 113 
GLU CG  HG2  sing N N 114 
GLU CG  HG3  sing N N 115 
GLU CD  OE1  doub N N 116 
GLU CD  OE2  sing N N 117 
GLU OE2 HE2  sing N N 118 
GLU OXT HXT  sing N N 119 
GLY N   CA   sing N N 120 
GLY N   H    sing N N 121 
GLY N   H2   sing N N 122 
GLY CA  C    sing N N 123 
GLY CA  HA2  sing N N 124 
GLY CA  HA3  sing N N 125 
GLY C   O    doub N N 126 
GLY C   OXT  sing N N 127 
GLY OXT HXT  sing N N 128 
HIS N   CA   sing N N 129 
HIS N   H    sing N N 130 
HIS N   H2   sing N N 131 
HIS CA  C    sing N N 132 
HIS CA  CB   sing N N 133 
HIS CA  HA   sing N N 134 
HIS C   O    doub N N 135 
HIS C   OXT  sing N N 136 
HIS CB  CG   sing N N 137 
HIS CB  HB2  sing N N 138 
HIS CB  HB3  sing N N 139 
HIS CG  ND1  sing Y N 140 
HIS CG  CD2  doub Y N 141 
HIS ND1 CE1  doub Y N 142 
HIS ND1 HD1  sing N N 143 
HIS CD2 NE2  sing Y N 144 
HIS CD2 HD2  sing N N 145 
HIS CE1 NE2  sing Y N 146 
HIS CE1 HE1  sing N N 147 
HIS NE2 HE2  sing N N 148 
HIS OXT HXT  sing N N 149 
HOH O   H1   sing N N 150 
HOH O   H2   sing N N 151 
ILE N   CA   sing N N 152 
ILE N   H    sing N N 153 
ILE N   H2   sing N N 154 
ILE CA  C    sing N N 155 
ILE CA  CB   sing N N 156 
ILE CA  HA   sing N N 157 
ILE C   O    doub N N 158 
ILE C   OXT  sing N N 159 
ILE CB  CG1  sing N N 160 
ILE CB  CG2  sing N N 161 
ILE CB  HB   sing N N 162 
ILE CG1 CD1  sing N N 163 
ILE CG1 HG12 sing N N 164 
ILE CG1 HG13 sing N N 165 
ILE CG2 HG21 sing N N 166 
ILE CG2 HG22 sing N N 167 
ILE CG2 HG23 sing N N 168 
ILE CD1 HD11 sing N N 169 
ILE CD1 HD12 sing N N 170 
ILE CD1 HD13 sing N N 171 
ILE OXT HXT  sing N N 172 
LEU N   CA   sing N N 173 
LEU N   H    sing N N 174 
LEU N   H2   sing N N 175 
LEU CA  C    sing N N 176 
LEU CA  CB   sing N N 177 
LEU CA  HA   sing N N 178 
LEU C   O    doub N N 179 
LEU C   OXT  sing N N 180 
LEU CB  CG   sing N N 181 
LEU CB  HB2  sing N N 182 
LEU CB  HB3  sing N N 183 
LEU CG  CD1  sing N N 184 
LEU CG  CD2  sing N N 185 
LEU CG  HG   sing N N 186 
LEU CD1 HD11 sing N N 187 
LEU CD1 HD12 sing N N 188 
LEU CD1 HD13 sing N N 189 
LEU CD2 HD21 sing N N 190 
LEU CD2 HD22 sing N N 191 
LEU CD2 HD23 sing N N 192 
LEU OXT HXT  sing N N 193 
LYS N   CA   sing N N 194 
LYS N   H    sing N N 195 
LYS N   H2   sing N N 196 
LYS CA  C    sing N N 197 
LYS CA  CB   sing N N 198 
LYS CA  HA   sing N N 199 
LYS C   O    doub N N 200 
LYS C   OXT  sing N N 201 
LYS CB  CG   sing N N 202 
LYS CB  HB2  sing N N 203 
LYS CB  HB3  sing N N 204 
LYS CG  CD   sing N N 205 
LYS CG  HG2  sing N N 206 
LYS CG  HG3  sing N N 207 
LYS CD  CE   sing N N 208 
LYS CD  HD2  sing N N 209 
LYS CD  HD3  sing N N 210 
LYS CE  NZ   sing N N 211 
LYS CE  HE2  sing N N 212 
LYS CE  HE3  sing N N 213 
LYS NZ  HZ1  sing N N 214 
LYS NZ  HZ2  sing N N 215 
LYS NZ  HZ3  sing N N 216 
LYS OXT HXT  sing N N 217 
MET N   CA   sing N N 218 
MET N   H    sing N N 219 
MET N   H2   sing N N 220 
MET CA  C    sing N N 221 
MET CA  CB   sing N N 222 
MET CA  HA   sing N N 223 
MET C   O    doub N N 224 
MET C   OXT  sing N N 225 
MET CB  CG   sing N N 226 
MET CB  HB2  sing N N 227 
MET CB  HB3  sing N N 228 
MET CG  SD   sing N N 229 
MET CG  HG2  sing N N 230 
MET CG  HG3  sing N N 231 
MET SD  CE   sing N N 232 
MET CE  HE1  sing N N 233 
MET CE  HE2  sing N N 234 
MET CE  HE3  sing N N 235 
MET OXT HXT  sing N N 236 
PHE N   CA   sing N N 237 
PHE N   H    sing N N 238 
PHE N   H2   sing N N 239 
PHE CA  C    sing N N 240 
PHE CA  CB   sing N N 241 
PHE CA  HA   sing N N 242 
PHE C   O    doub N N 243 
PHE C   OXT  sing N N 244 
PHE CB  CG   sing N N 245 
PHE CB  HB2  sing N N 246 
PHE CB  HB3  sing N N 247 
PHE CG  CD1  doub Y N 248 
PHE CG  CD2  sing Y N 249 
PHE CD1 CE1  sing Y N 250 
PHE CD1 HD1  sing N N 251 
PHE CD2 CE2  doub Y N 252 
PHE CD2 HD2  sing N N 253 
PHE CE1 CZ   doub Y N 254 
PHE CE1 HE1  sing N N 255 
PHE CE2 CZ   sing Y N 256 
PHE CE2 HE2  sing N N 257 
PHE CZ  HZ   sing N N 258 
PHE OXT HXT  sing N N 259 
PRO N   CA   sing N N 260 
PRO N   CD   sing N N 261 
PRO N   H    sing N N 262 
PRO CA  C    sing N N 263 
PRO CA  CB   sing N N 264 
PRO CA  HA   sing N N 265 
PRO C   O    doub N N 266 
PRO C   OXT  sing N N 267 
PRO CB  CG   sing N N 268 
PRO CB  HB2  sing N N 269 
PRO CB  HB3  sing N N 270 
PRO CG  CD   sing N N 271 
PRO CG  HG2  sing N N 272 
PRO CG  HG3  sing N N 273 
PRO CD  HD2  sing N N 274 
PRO CD  HD3  sing N N 275 
PRO OXT HXT  sing N N 276 
SER N   CA   sing N N 277 
SER N   H    sing N N 278 
SER N   H2   sing N N 279 
SER CA  C    sing N N 280 
SER CA  CB   sing N N 281 
SER CA  HA   sing N N 282 
SER C   O    doub N N 283 
SER C   OXT  sing N N 284 
SER CB  OG   sing N N 285 
SER CB  HB2  sing N N 286 
SER CB  HB3  sing N N 287 
SER OG  HG   sing N N 288 
SER OXT HXT  sing N N 289 
SO4 S   O1   doub N N 290 
SO4 S   O2   doub N N 291 
SO4 S   O3   sing N N 292 
SO4 S   O4   sing N N 293 
THR N   CA   sing N N 294 
THR N   H    sing N N 295 
THR N   H2   sing N N 296 
THR CA  C    sing N N 297 
THR CA  CB   sing N N 298 
THR CA  HA   sing N N 299 
THR C   O    doub N N 300 
THR C   OXT  sing N N 301 
THR CB  OG1  sing N N 302 
THR CB  CG2  sing N N 303 
THR CB  HB   sing N N 304 
THR OG1 HG1  sing N N 305 
THR CG2 HG21 sing N N 306 
THR CG2 HG22 sing N N 307 
THR CG2 HG23 sing N N 308 
THR OXT HXT  sing N N 309 
TRP N   CA   sing N N 310 
TRP N   H    sing N N 311 
TRP N   H2   sing N N 312 
TRP CA  C    sing N N 313 
TRP CA  CB   sing N N 314 
TRP CA  HA   sing N N 315 
TRP C   O    doub N N 316 
TRP C   OXT  sing N N 317 
TRP CB  CG   sing N N 318 
TRP CB  HB2  sing N N 319 
TRP CB  HB3  sing N N 320 
TRP CG  CD1  doub Y N 321 
TRP CG  CD2  sing Y N 322 
TRP CD1 NE1  sing Y N 323 
TRP CD1 HD1  sing N N 324 
TRP CD2 CE2  doub Y N 325 
TRP CD2 CE3  sing Y N 326 
TRP NE1 CE2  sing Y N 327 
TRP NE1 HE1  sing N N 328 
TRP CE2 CZ2  sing Y N 329 
TRP CE3 CZ3  doub Y N 330 
TRP CE3 HE3  sing N N 331 
TRP CZ2 CH2  doub Y N 332 
TRP CZ2 HZ2  sing N N 333 
TRP CZ3 CH2  sing Y N 334 
TRP CZ3 HZ3  sing N N 335 
TRP CH2 HH2  sing N N 336 
TRP OXT HXT  sing N N 337 
TYR N   CA   sing N N 338 
TYR N   H    sing N N 339 
TYR N   H2   sing N N 340 
TYR CA  C    sing N N 341 
TYR CA  CB   sing N N 342 
TYR CA  HA   sing N N 343 
TYR C   O    doub N N 344 
TYR C   OXT  sing N N 345 
TYR CB  CG   sing N N 346 
TYR CB  HB2  sing N N 347 
TYR CB  HB3  sing N N 348 
TYR CG  CD1  doub Y N 349 
TYR CG  CD2  sing Y N 350 
TYR CD1 CE1  sing Y N 351 
TYR CD1 HD1  sing N N 352 
TYR CD2 CE2  doub Y N 353 
TYR CD2 HD2  sing N N 354 
TYR CE1 CZ   doub Y N 355 
TYR CE1 HE1  sing N N 356 
TYR CE2 CZ   sing Y N 357 
TYR CE2 HE2  sing N N 358 
TYR CZ  OH   sing N N 359 
TYR OH  HH   sing N N 360 
TYR OXT HXT  sing N N 361 
VAL N   CA   sing N N 362 
VAL N   H    sing N N 363 
VAL N   H2   sing N N 364 
VAL CA  C    sing N N 365 
VAL CA  CB   sing N N 366 
VAL CA  HA   sing N N 367 
VAL C   O    doub N N 368 
VAL C   OXT  sing N N 369 
VAL CB  CG1  sing N N 370 
VAL CB  CG2  sing N N 371 
VAL CB  HB   sing N N 372 
VAL CG1 HG11 sing N N 373 
VAL CG1 HG12 sing N N 374 
VAL CG1 HG13 sing N N 375 
VAL CG2 HG21 sing N N 376 
VAL CG2 HG22 sing N N 377 
VAL CG2 HG23 sing N N 378 
VAL OXT HXT  sing N N 379 
# 
_atom_sites.entry_id                    2PRD 
_atom_sites.fract_transf_matrix[1][1]   0.00880797 
_atom_sites.fract_transf_matrix[1][2]   -0.00381263 
_atom_sites.fract_transf_matrix[1][3]   0.00417979 
_atom_sites.fract_transf_matrix[2][1]   0.00019042 
_atom_sites.fract_transf_matrix[2][2]   -0.00974600 
_atom_sites.fract_transf_matrix[2][3]   0.00381828 
_atom_sites.fract_transf_matrix[3][1]   0.00336361 
_atom_sites.fract_transf_matrix[3][2]   -0.00421893 
_atom_sites.fract_transf_matrix[3][3]   -0.01093639 
_atom_sites.fract_transf_vector[1]      0.232099 
_atom_sites.fract_transf_vector[2]      0.467970 
_atom_sites.fract_transf_vector[3]      -0.019021 
# 
_atom_sites_footnote.id     1 
_atom_sites_footnote.text   'CIS PROLINE - PRO      13' 
# 
loop_
_atom_type.symbol 
C 
N 
O 
S 
# 
loop_
_atom_site.group_PDB 
_atom_site.id 
_atom_site.type_symbol 
_atom_site.label_atom_id 
_atom_site.label_alt_id 
_atom_site.label_comp_id 
_atom_site.label_asym_id 
_atom_site.label_entity_id 
_atom_site.label_seq_id 
_atom_site.pdbx_PDB_ins_code 
_atom_site.Cartn_x 
_atom_site.Cartn_y 
_atom_site.Cartn_z 
_atom_site.occupancy 
_atom_site.B_iso_or_equiv 
_atom_site.pdbx_formal_charge 
_atom_site.auth_seq_id 
_atom_site.auth_comp_id 
_atom_site.auth_asym_id 
_atom_site.auth_atom_id 
_atom_site.pdbx_PDB_model_num 
ATOM   1    N N   . ALA A 1 1   ? -2.580  -9.490  17.812  1.00 66.36 ? 1   ALA A N   1 
ATOM   2    C CA  . ALA A 1 1   ? -2.797  -8.392  18.789  1.00 63.57 ? 1   ALA A CA  1 
ATOM   3    C C   . ALA A 1 1   ? -3.928  -7.499  18.262  1.00 61.44 ? 1   ALA A C   1 
ATOM   4    O O   . ALA A 1 1   ? -5.152  -7.732  18.350  1.00 67.22 ? 1   ALA A O   1 
ATOM   5    C CB  . ALA A 1 1   ? -1.493  -7.605  18.905  1.00 59.86 ? 1   ALA A CB  1 
ATOM   6    N N   . ASN A 1 2   ? -3.468  -6.413  17.697  1.00 52.37 ? 2   ASN A N   1 
ATOM   7    C CA  . ASN A 1 2   ? -4.198  -5.368  17.015  1.00 43.25 ? 2   ASN A CA  1 
ATOM   8    C C   . ASN A 1 2   ? -3.092  -4.659  16.183  1.00 35.04 ? 2   ASN A C   1 
ATOM   9    O O   . ASN A 1 2   ? -2.397  -3.788  16.666  1.00 31.85 ? 2   ASN A O   1 
ATOM   10   C CB  . ASN A 1 2   ? -5.062  -4.418  17.766  1.00 42.71 ? 2   ASN A CB  1 
ATOM   11   C CG  . ASN A 1 2   ? -6.085  -3.742  16.839  1.00 51.75 ? 2   ASN A CG  1 
ATOM   12   O OD1 . ASN A 1 2   ? -5.833  -3.497  15.653  1.00 45.47 ? 2   ASN A OD1 1 
ATOM   13   N ND2 . ASN A 1 2   ? -7.261  -3.440  17.381  1.00 56.22 ? 2   ASN A ND2 1 
ATOM   14   N N   . LEU A 1 3   ? -2.965  -5.265  15.008  1.00 23.43 ? 3   LEU A N   1 
ATOM   15   C CA  . LEU A 1 3   ? -1.957  -4.861  14.032  1.00 18.75 ? 3   LEU A CA  1 
ATOM   16   C C   . LEU A 1 3   ? -2.113  -3.426  13.648  1.00 20.58 ? 3   LEU A C   1 
ATOM   17   O O   . LEU A 1 3   ? -1.077  -2.749  13.440  1.00 31.01 ? 3   LEU A O   1 
ATOM   18   C CB  . LEU A 1 3   ? -1.908  -5.918  12.931  1.00 7.78  ? 3   LEU A CB  1 
ATOM   19   C CG  . LEU A 1 3   ? -1.769  -7.372  13.452  1.00 9.19  ? 3   LEU A CG  1 
ATOM   20   C CD1 . LEU A 1 3   ? -1.783  -8.322  12.271  1.00 11.38 ? 3   LEU A CD1 1 
ATOM   21   C CD2 . LEU A 1 3   ? -0.536  -7.519  14.285  1.00 15.73 ? 3   LEU A CD2 1 
ATOM   22   N N   . LYS A 1 4   ? -3.329  -2.868  13.680  1.00 21.59 ? 4   LYS A N   1 
ATOM   23   C CA  . LYS A 1 4   ? -3.536  -1.476  13.298  1.00 18.21 ? 4   LYS A CA  1 
ATOM   24   C C   . LYS A 1 4   ? -2.940  -0.467  14.232  1.00 14.90 ? 4   LYS A C   1 
ATOM   25   O O   . LYS A 1 4   ? -2.871  0.720   13.849  1.00 21.70 ? 4   LYS A O   1 
ATOM   26   C CB  . LYS A 1 4   ? -5.031  -1.204  13.104  1.00 23.24 ? 4   LYS A CB  1 
ATOM   27   C CG  . LYS A 1 4   ? -5.473  -1.897  11.798  1.00 39.49 ? 4   LYS A CG  1 
ATOM   28   C CD  . LYS A 1 4   ? -6.977  -1.672  11.633  1.00 42.88 ? 4   LYS A CD  1 
ATOM   29   C CE  . LYS A 1 4   ? -7.355  -0.545  12.595  1.00 41.64 ? 4   LYS A CE  1 
ATOM   30   N NZ  . LYS A 1 4   ? -8.228  0.451   11.884  1.00 54.90 ? 4   LYS A NZ  1 
ATOM   31   N N   . SER A 1 5   ? -2.563  -0.922  15.410  1.00 14.34 ? 5   SER A N   1 
ATOM   32   C CA  . SER A 1 5   ? -2.024  -0.023  16.432  1.00 19.01 ? 5   SER A CA  1 
ATOM   33   C C   . SER A 1 5   ? -0.585  -0.299  16.812  1.00 21.29 ? 5   SER A C   1 
ATOM   34   O O   . SER A 1 5   ? -0.116  0.271   17.810  1.00 21.83 ? 5   SER A O   1 
ATOM   35   C CB  . SER A 1 5   ? -2.922  0.081   17.652  1.00 20.39 ? 5   SER A CB  1 
ATOM   36   O OG  . SER A 1 5   ? -3.124  -1.172  18.277  1.00 31.13 ? 5   SER A OG  1 
ATOM   37   N N   . LEU A 1 6   ? 0.078   -1.139  16.023  1.00 16.54 ? 6   LEU A N   1 
ATOM   38   C CA  . LEU A 1 6   ? 1.505   -1.380  16.223  1.00 13.13 ? 6   LEU A CA  1 
ATOM   39   C C   . LEU A 1 6   ? 2.188   -0.028  15.987  1.00 13.88 ? 6   LEU A C   1 
ATOM   40   O O   . LEU A 1 6   ? 1.609   0.828   15.318  1.00 16.24 ? 6   LEU A O   1 
ATOM   41   C CB  . LEU A 1 6   ? 1.939   -2.308  15.084  1.00 14.96 ? 6   LEU A CB  1 
ATOM   42   C CG  . LEU A 1 6   ? 1.548   -3.777  15.305  1.00 13.01 ? 6   LEU A CG  1 
ATOM   43   C CD1 . LEU A 1 6   ? 2.442   -4.631  14.417  1.00 17.76 ? 6   LEU A CD1 1 
ATOM   44   C CD2 . LEU A 1 6   ? 1.784   -4.156  16.739  1.00 12.17 ? 6   LEU A CD2 1 
ATOM   45   N N   . PRO A 1 7   ? 3.379   0.125   16.528  1.00 17.19 ? 7   PRO A N   1 
ATOM   46   C CA  . PRO A 1 7   ? 4.158   1.355   16.378  1.00 17.19 ? 7   PRO A CA  1 
ATOM   47   C C   . PRO A 1 7   ? 4.553   1.501   14.920  1.00 15.42 ? 7   PRO A C   1 
ATOM   48   O O   . PRO A 1 7   ? 4.824   0.465   14.302  1.00 20.49 ? 7   PRO A O   1 
ATOM   49   C CB  . PRO A 1 7   ? 5.392   1.120   17.236  1.00 20.38 ? 7   PRO A CB  1 
ATOM   50   C CG  . PRO A 1 7   ? 5.067   -0.045  18.115  1.00 20.51 ? 7   PRO A CG  1 
ATOM   51   C CD  . PRO A 1 7   ? 4.060   -0.884  17.363  1.00 17.12 ? 7   PRO A CD  1 
ATOM   52   N N   . VAL A 1 8   ? 4.617   2.736   14.458  1.00 17.30 ? 8   VAL A N   1 
ATOM   53   C CA  . VAL A 1 8   ? 4.956   2.988   13.063  1.00 19.06 ? 8   VAL A CA  1 
ATOM   54   C C   . VAL A 1 8   ? 6.433   2.812   12.788  1.00 18.30 ? 8   VAL A C   1 
ATOM   55   O O   . VAL A 1 8   ? 6.832   2.711   11.611  1.00 24.62 ? 8   VAL A O   1 
ATOM   56   C CB  . VAL A 1 8   ? 4.499   4.380   12.597  1.00 22.48 ? 8   VAL A CB  1 
ATOM   57   C CG1 . VAL A 1 8   ? 5.257   5.426   13.379  1.00 26.96 ? 8   VAL A CG1 1 
ATOM   58   C CG2 . VAL A 1 8   ? 4.770   4.518   11.102  1.00 22.63 ? 8   VAL A CG2 1 
ATOM   59   N N   . GLY A 1 9   ? 7.229   2.827   13.827  1.00 14.26 ? 9   GLY A N   1 
ATOM   60   C CA  . GLY A 1 9   ? 8.671   2.627   13.699  1.00 15.41 ? 9   GLY A CA  1 
ATOM   61   C C   . GLY A 1 9   ? 9.496   3.849   13.992  1.00 16.53 ? 9   GLY A C   1 
ATOM   62   O O   . GLY A 1 9   ? 9.122   4.977   13.709  1.00 25.10 ? 9   GLY A O   1 
ATOM   63   N N   . ASP A 1 10  ? 10.680  3.606   14.504  1.00 21.18 ? 10  ASP A N   1 
ATOM   64   C CA  . ASP A 1 10  ? 11.643  4.621   14.906  1.00 27.90 ? 10  ASP A CA  1 
ATOM   65   C C   . ASP A 1 10  ? 12.307  5.448   13.835  1.00 25.18 ? 10  ASP A C   1 
ATOM   66   O O   . ASP A 1 10  ? 12.822  6.544   14.125  1.00 23.98 ? 10  ASP A O   1 
ATOM   67   C CB  . ASP A 1 10  ? 12.731  3.899   15.755  1.00 41.98 ? 10  ASP A CB  1 
ATOM   68   C CG  . ASP A 1 10  ? 12.125  3.535   17.114  1.00 59.21 ? 10  ASP A CG  1 
ATOM   69   O OD1 . ASP A 1 10  ? 11.482  4.430   17.725  1.00 59.97 ? 10  ASP A OD1 1 
ATOM   70   O OD2 . ASP A 1 10  ? 12.299  2.364   17.532  1.00 64.29 ? 10  ASP A OD2 1 
ATOM   71   N N   . LYS A 1 11  ? 12.331  4.940   12.626  1.00 20.31 ? 11  LYS A N   1 
ATOM   72   C CA  . LYS A 1 11  ? 12.977  5.564   11.470  1.00 21.73 ? 11  LYS A CA  1 
ATOM   73   C C   . LYS A 1 11  ? 11.963  6.261   10.579  1.00 14.64 ? 11  LYS A C   1 
ATOM   74   O O   . LYS A 1 11  ? 12.262  6.643   9.447   1.00 21.89 ? 11  LYS A O   1 
ATOM   75   C CB  . LYS A 1 11  ? 13.746  4.488   10.679  1.00 24.96 ? 11  LYS A CB  1 
ATOM   76   C CG  . LYS A 1 11  ? 14.783  3.735   11.509  1.00 28.44 ? 11  LYS A CG  1 
ATOM   77   C CD  . LYS A 1 11  ? 15.366  2.581   10.706  1.00 40.49 ? 11  LYS A CD  1 
ATOM   78   C CE  . LYS A 1 11  ? 15.530  1.356   11.610  1.00 60.38 ? 11  LYS A CE  1 
ATOM   79   N NZ  . LYS A 1 11  ? 16.580  0.409   11.108  1.00 64.40 ? 11  LYS A NZ  1 
ATOM   80   N N   . ALA A 1 12  ? 10.778  6.364   11.166  1.00 17.92 ? 12  ALA A N   1 
ATOM   81   C CA  . ALA A 1 12  ? 9.651   6.996   10.477  1.00 15.80 ? 12  ALA A CA  1 
ATOM   82   C C   . ALA A 1 12  ? 9.947   8.491   10.455  1.00 15.19 ? 12  ALA A C   1 
ATOM   83   O O   . ALA A 1 12  ? 10.545  9.010   11.404  1.00 19.55 ? 12  ALA A O   1 
ATOM   84   C CB  . ALA A 1 12  ? 8.340   6.740   11.206  1.00 13.71 ? 12  ALA A CB  1 
ATOM   85   N N   . PRO A 1 13  ? 9.547   9.165   9.418   1.00 17.31 ? 13  PRO A N   1 
ATOM   86   C CA  . PRO A 1 13  ? 8.825   8.651   8.262   1.00 21.36 ? 13  PRO A CA  1 
ATOM   87   C C   . PRO A 1 13  ? 9.623   8.050   7.137   1.00 14.85 ? 13  PRO A C   1 
ATOM   88   O O   . PRO A 1 13  ? 8.984   7.521   6.218   1.00 18.79 ? 13  PRO A O   1 
ATOM   89   C CB  . PRO A 1 13  ? 8.097   9.954   7.797   1.00 15.92 ? 13  PRO A CB  1 
ATOM   90   C CG  . PRO A 1 13  ? 9.174   10.988  7.976   1.00 13.47 ? 13  PRO A CG  1 
ATOM   91   C CD  . PRO A 1 13  ? 9.779   10.626  9.354   1.00 14.83 ? 13  PRO A CD  1 
ATOM   92   N N   . GLU A 1 14  ? 10.936  8.110   7.161   1.00 17.94 ? 14  GLU A N   1 
ATOM   93   C CA  . GLU A 1 14  ? 11.762  7.577   6.066   1.00 18.64 ? 14  GLU A CA  1 
ATOM   94   C C   . GLU A 1 14  ? 11.625  6.070   5.888   1.00 20.33 ? 14  GLU A C   1 
ATOM   95   O O   . GLU A 1 14  ? 11.626  5.602   4.730   1.00 12.40 ? 14  GLU A O   1 
ATOM   96   C CB  . GLU A 1 14  ? 13.221  7.952   6.247   1.00 28.09 ? 14  GLU A CB  1 
ATOM   97   C CG  . GLU A 1 14  ? 13.620  9.395   6.094   1.00 27.97 ? 14  GLU A CG  1 
ATOM   98   C CD  . GLU A 1 14  ? 13.139  10.391  7.115   1.00 35.62 ? 14  GLU A CD  1 
ATOM   99   O OE1 . GLU A 1 14  ? 12.826  10.042  8.282   1.00 24.35 ? 14  GLU A OE1 1 
ATOM   100  O OE2 . GLU A 1 14  ? 13.066  11.607  6.734   1.00 42.85 ? 14  GLU A OE2 1 
ATOM   101  N N   . VAL A 1 15  ? 11.584  5.357   6.998   1.00 15.16 ? 15  VAL A N   1 
ATOM   102  C CA  . VAL A 1 15  ? 11.441  3.900   7.048   1.00 9.28  ? 15  VAL A CA  1 
ATOM   103  C C   . VAL A 1 15  ? 10.317  3.623   8.032   1.00 9.56  ? 15  VAL A C   1 
ATOM   104  O O   . VAL A 1 15  ? 10.317  4.132   9.152   1.00 9.61  ? 15  VAL A O   1 
ATOM   105  C CB  . VAL A 1 15  ? 12.738  3.166   7.377   1.00 8.31  ? 15  VAL A CB  1 
ATOM   106  C CG1 . VAL A 1 15  ? 12.534  1.636   7.338   1.00 8.35  ? 15  VAL A CG1 1 
ATOM   107  C CG2 . VAL A 1 15  ? 13.845  3.415   6.328   1.00 9.00  ? 15  VAL A CG2 1 
ATOM   108  N N   . VAL A 1 16  ? 9.261   2.945   7.558   1.00 12.36 ? 16  VAL A N   1 
ATOM   109  C CA  . VAL A 1 16  ? 8.088   2.674   8.382   1.00 4.04  ? 16  VAL A CA  1 
ATOM   110  C C   . VAL A 1 16  ? 7.753   1.198   8.498   1.00 8.74  ? 16  VAL A C   1 
ATOM   111  O O   . VAL A 1 16  ? 8.209   0.387   7.694   1.00 15.68 ? 16  VAL A O   1 
ATOM   112  C CB  . VAL A 1 16  ? 6.873   3.431   7.821   1.00 6.29  ? 16  VAL A CB  1 
ATOM   113  C CG1 . VAL A 1 16  ? 7.019   4.968   7.793   1.00 7.88  ? 16  VAL A CG1 1 
ATOM   114  C CG2 . VAL A 1 16  ? 6.537   2.975   6.425   1.00 6.89  ? 16  VAL A CG2 1 
ATOM   115  N N   . HIS A 1 17  ? 6.957   0.850   9.483   1.00 5.76  ? 17  HIS A N   1 
ATOM   116  C CA  . HIS A 1 17  ? 6.444   -0.495  9.669   1.00 5.64  ? 17  HIS A CA  1 
ATOM   117  C C   . HIS A 1 17  ? 5.232   -0.613  8.725   1.00 13.68 ? 17  HIS A C   1 
ATOM   118  O O   . HIS A 1 17  ? 4.558   0.406   8.540   1.00 16.36 ? 17  HIS A O   1 
ATOM   119  C CB  . HIS A 1 17  ? 5.940   -0.777  11.061  1.00 6.59  ? 17  HIS A CB  1 
ATOM   120  C CG  . HIS A 1 17  ? 7.001   -1.164  12.048  1.00 4.99  ? 17  HIS A CG  1 
ATOM   121  N ND1 . HIS A 1 17  ? 6.888   -0.852  13.384  1.00 11.44 ? 17  HIS A ND1 1 
ATOM   122  C CD2 . HIS A 1 17  ? 8.185   -1.756  11.882  1.00 14.11 ? 17  HIS A CD2 1 
ATOM   123  C CE1 . HIS A 1 17  ? 7.953   -1.335  14.023  1.00 12.37 ? 17  HIS A CE1 1 
ATOM   124  N NE2 . HIS A 1 17  ? 8.751   -1.896  13.131  1.00 16.41 ? 17  HIS A NE2 1 
ATOM   125  N N   . MET A 1 18  ? 5.017   -1.770  8.136   1.00 15.87 ? 18  MET A N   1 
ATOM   126  C CA  . MET A 1 18  ? 3.869   -2.041  7.282   1.00 6.23  ? 18  MET A CA  1 
ATOM   127  C C   . MET A 1 18  ? 3.348   -3.453  7.616   1.00 7.16  ? 18  MET A C   1 
ATOM   128  O O   . MET A 1 18  ? 4.180   -4.343  7.827   1.00 10.71 ? 18  MET A O   1 
ATOM   129  C CB  . MET A 1 18  ? 4.132   -1.924  5.774   1.00 10.41 ? 18  MET A CB  1 
ATOM   130  C CG  . MET A 1 18  ? 3.840   -0.545  5.213   1.00 14.05 ? 18  MET A CG  1 
ATOM   131  S SD  . MET A 1 18  ? 3.811   -0.449  3.430   1.00 22.62 ? 18  MET A SD  1 
ATOM   132  C CE  . MET A 1 18  ? 2.788   -1.895  3.094   1.00 21.61 ? 18  MET A CE  1 
ATOM   133  N N   . VAL A 1 19  ? 2.046   -3.587  7.726   1.00 5.09  ? 19  VAL A N   1 
ATOM   134  C CA  . VAL A 1 19  ? 1.409   -4.907  7.940   1.00 7.58  ? 19  VAL A CA  1 
ATOM   135  C C   . VAL A 1 19  ? 0.969   -5.336  6.527   1.00 8.37  ? 19  VAL A C   1 
ATOM   136  O O   . VAL A 1 19  ? 0.220   -4.632  5.850   1.00 11.35 ? 19  VAL A O   1 
ATOM   137  C CB  . VAL A 1 19  ? 0.216   -4.823  8.878   1.00 1.16  ? 19  VAL A CB  1 
ATOM   138  C CG1 . VAL A 1 19  ? -0.342  -6.229  9.137   1.00 4.78  ? 19  VAL A CG1 1 
ATOM   139  C CG2 . VAL A 1 19  ? 0.728   -4.303  10.223  1.00 6.13  ? 19  VAL A CG2 1 
ATOM   140  N N   . ILE A 1 20  ? 1.505   -6.475  6.092   1.00 9.20  ? 20  ILE A N   1 
ATOM   141  C CA  . ILE A 1 20  ? 1.213   -6.995  4.764   1.00 3.02  ? 20  ILE A CA  1 
ATOM   142  C C   . ILE A 1 20  ? -0.140  -7.695  4.851   1.00 7.23  ? 20  ILE A C   1 
ATOM   143  O O   . ILE A 1 20  ? -0.395  -8.407  5.807   1.00 12.07 ? 20  ILE A O   1 
ATOM   144  C CB  . ILE A 1 20  ? 2.231   -8.029  4.252   1.00 8.41  ? 20  ILE A CB  1 
ATOM   145  C CG1 . ILE A 1 20  ? 3.602   -7.388  4.031   1.00 9.42  ? 20  ILE A CG1 1 
ATOM   146  C CG2 . ILE A 1 20  ? 1.717   -8.620  2.944   1.00 6.63  ? 20  ILE A CG2 1 
ATOM   147  C CD1 . ILE A 1 20  ? 3.502   -5.938  3.552   1.00 7.31  ? 20  ILE A CD1 1 
ATOM   148  N N   . GLU A 1 21  ? -0.985  -7.363  3.867   1.00 10.70 ? 21  GLU A N   1 
ATOM   149  C CA  . GLU A 1 21  ? -2.306  -7.965  3.773   1.00 6.96  ? 21  GLU A CA  1 
ATOM   150  C C   . GLU A 1 21  ? -2.340  -8.908  2.569   1.00 10.15 ? 21  GLU A C   1 
ATOM   151  O O   . GLU A 1 21  ? -2.803  -10.045 2.731   1.00 7.25  ? 21  GLU A O   1 
ATOM   152  C CB  . GLU A 1 21  ? -3.428  -6.965  3.659   1.00 4.55  ? 21  GLU A CB  1 
ATOM   153  C CG  . GLU A 1 21  ? -3.631  -6.342  5.078   1.00 5.90  ? 21  GLU A CG  1 
ATOM   154  C CD  . GLU A 1 21  ? -4.550  -5.144  4.924   1.00 11.24 ? 21  GLU A CD  1 
ATOM   155  O OE1 . GLU A 1 21  ? -4.417  -4.441  3.902   1.00 17.54 ? 21  GLU A OE1 1 
ATOM   156  O OE2 . GLU A 1 21  ? -5.387  -4.998  5.828   1.00 16.46 ? 21  GLU A OE2 1 
ATOM   157  N N   . VAL A 1 22  ? -1.843  -8.375  1.446   1.00 5.87  ? 22  VAL A N   1 
ATOM   158  C CA  . VAL A 1 22  ? -1.855  -9.231  0.223   1.00 3.39  ? 22  VAL A CA  1 
ATOM   159  C C   . VAL A 1 22  ? -0.506  -9.443  -0.354  1.00 1.16  ? 22  VAL A C   1 
ATOM   160  O O   . VAL A 1 22  ? 0.136   -8.455  -0.727  1.00 7.43  ? 22  VAL A O   1 
ATOM   161  C CB  . VAL A 1 22  ? -2.722  -8.477  -0.846  1.00 3.56  ? 22  VAL A CB  1 
ATOM   162  C CG1 . VAL A 1 22  ? -3.046  -9.366  -2.068  1.00 5.21  ? 22  VAL A CG1 1 
ATOM   163  C CG2 . VAL A 1 22  ? -4.047  -7.951  -0.336  1.00 4.81  ? 22  VAL A CG2 1 
ATOM   164  N N   . PRO A 1 23  ? -0.015  -10.701 -0.418  1.00 7.07  ? 23  PRO A N   1 
ATOM   165  C CA  . PRO A 1 23  ? 1.258   -10.966 -1.072  1.00 7.97  ? 23  PRO A CA  1 
ATOM   166  C C   . PRO A 1 23  ? 1.243   -10.612 -2.572  1.00 8.56  ? 23  PRO A C   1 
ATOM   167  O O   . PRO A 1 23  ? 0.255   -10.643 -3.345  1.00 7.53  ? 23  PRO A O   1 
ATOM   168  C CB  . PRO A 1 23  ? 1.391   -12.487 -0.935  1.00 7.95  ? 23  PRO A CB  1 
ATOM   169  C CG  . PRO A 1 23  ? 0.540   -12.849 0.227   1.00 4.91  ? 23  PRO A CG  1 
ATOM   170  C CD  . PRO A 1 23  ? -0.673  -11.922 0.084   1.00 1.16  ? 23  PRO A CD  1 
ATOM   171  N N   . ARG A 1 24  ? 2.449   -10.232 -3.051  1.00 4.10  ? 24  ARG A N   1 
ATOM   172  C CA  . ARG A 1 24  ? 2.601   -9.946  -4.471  1.00 1.16  ? 24  ARG A CA  1 
ATOM   173  C C   . ARG A 1 24  ? 2.293   -11.227 -5.234  1.00 10.13 ? 24  ARG A C   1 
ATOM   174  O O   . ARG A 1 24  ? 2.706   -12.310 -4.784  1.00 11.80 ? 24  ARG A O   1 
ATOM   175  C CB  . ARG A 1 24  ? 4.057   -9.525  -4.750  1.00 5.75  ? 24  ARG A CB  1 
ATOM   176  C CG  . ARG A 1 24  ? 4.319   -9.632  -6.266  1.00 7.98  ? 24  ARG A CG  1 
ATOM   177  C CD  . ARG A 1 24  ? 5.424   -8.713  -6.701  1.00 23.30 ? 24  ARG A CD  1 
ATOM   178  N NE  . ARG A 1 24  ? 6.679   -9.090  -6.117  1.00 36.23 ? 24  ARG A NE  1 
ATOM   179  C CZ  . ARG A 1 24  ? 7.358   -10.197 -6.420  1.00 37.27 ? 24  ARG A CZ  1 
ATOM   180  N NH1 . ARG A 1 24  ? 6.930   -11.057 -7.320  1.00 42.41 ? 24  ARG A NH1 1 
ATOM   181  N NH2 . ARG A 1 24  ? 8.496   -10.394 -5.788  1.00 26.72 ? 24  ARG A NH2 1 
ATOM   182  N N   . GLY A 1 25  ? 1.569   -11.145 -6.359  1.00 6.53  ? 25  GLY A N   1 
ATOM   183  C CA  . GLY A 1 25  ? 1.314   -12.398 -7.086  1.00 3.80  ? 25  GLY A CA  1 
ATOM   184  C C   . GLY A 1 25  ? 0.065   -13.086 -6.624  1.00 8.12  ? 25  GLY A C   1 
ATOM   185  O O   . GLY A 1 25  ? -0.277  -14.126 -7.208  1.00 10.63 ? 25  GLY A O   1 
ATOM   186  N N   . SER A 1 26  ? -0.622  -12.500 -5.665  1.00 5.78  ? 26  SER A N   1 
ATOM   187  C CA  . SER A 1 26  ? -1.869  -13.087 -5.176  1.00 4.98  ? 26  SER A CA  1 
ATOM   188  C C   . SER A 1 26  ? -3.108  -12.423 -5.701  1.00 7.77  ? 26  SER A C   1 
ATOM   189  O O   . SER A 1 26  ? -3.185  -11.198 -5.955  1.00 7.99  ? 26  SER A O   1 
ATOM   190  C CB  . SER A 1 26  ? -1.800  -13.018 -3.618  1.00 6.38  ? 26  SER A CB  1 
ATOM   191  O OG  . SER A 1 26  ? -3.045  -13.535 -3.139  1.00 14.70 ? 26  SER A OG  1 
ATOM   192  N N   . GLY A 1 27  ? -4.128  -13.245 -5.912  1.00 7.19  ? 27  GLY A N   1 
ATOM   193  C CA  . GLY A 1 27  ? -5.453  -12.853 -6.388  1.00 7.21  ? 27  GLY A CA  1 
ATOM   194  C C   . GLY A 1 27  ? -6.464  -12.941 -5.255  1.00 12.08 ? 27  GLY A C   1 
ATOM   195  O O   . GLY A 1 27  ? -7.658  -12.652 -5.434  1.00 7.40  ? 27  GLY A O   1 
ATOM   196  N N   . ASN A 1 28  ? -5.993  -13.331 -4.080  1.00 12.00 ? 28  ASN A N   1 
ATOM   197  C CA  . ASN A 1 28  ? -6.790  -13.457 -2.849  1.00 10.32 ? 28  ASN A CA  1 
ATOM   198  C C   . ASN A 1 28  ? -6.636  -12.152 -2.076  1.00 8.37  ? 28  ASN A C   1 
ATOM   199  O O   . ASN A 1 28  ? -5.593  -11.820 -1.508  1.00 17.55 ? 28  ASN A O   1 
ATOM   200  C CB  . ASN A 1 28  ? -6.437  -14.669 -2.012  1.00 5.86  ? 28  ASN A CB  1 
ATOM   201  C CG  . ASN A 1 28  ? -7.081  -15.963 -2.407  1.00 1.16  ? 28  ASN A CG  1 
ATOM   202  O OD1 . ASN A 1 28  ? -8.126  -16.070 -3.046  1.00 6.43  ? 28  ASN A OD1 1 
ATOM   203  N ND2 . ASN A 1 28  ? -6.503  -17.061 -1.909  1.00 3.99  ? 28  ASN A ND2 1 
ATOM   204  N N   . LYS A 1 29  ? -7.698  -11.323 -2.130  1.00 8.92  ? 29  LYS A N   1 
ATOM   205  C CA  . LYS A 1 29  ? -7.629  -10.019 -1.468  1.00 8.97  ? 29  LYS A CA  1 
ATOM   206  C C   . LYS A 1 29  ? -7.968  -10.122 0.009   1.00 5.59  ? 29  LYS A C   1 
ATOM   207  O O   . LYS A 1 29  ? -9.136  -10.006 0.318   1.00 11.49 ? 29  LYS A O   1 
ATOM   208  C CB  . LYS A 1 29  ? -8.605  -9.069  -2.170  1.00 12.70 ? 29  LYS A CB  1 
ATOM   209  C CG  . LYS A 1 29  ? -8.220  -7.624  -2.238  1.00 11.77 ? 29  LYS A CG  1 
ATOM   210  C CD  . LYS A 1 29  ? -8.330  -6.897  -0.909  1.00 14.21 ? 29  LYS A CD  1 
ATOM   211  C CE  . LYS A 1 29  ? -8.124  -5.386  -1.100  1.00 17.43 ? 29  LYS A CE  1 
ATOM   212  N NZ  . LYS A 1 29  ? -7.840  -4.731  0.229   1.00 15.54 ? 29  LYS A NZ  1 
ATOM   213  N N   . TYR A 1 30  ? -6.982  -10.287 0.842   1.00 5.07  ? 30  TYR A N   1 
ATOM   214  C CA  . TYR A 1 30  ? -7.111  -10.389 2.277   1.00 5.15  ? 30  TYR A CA  1 
ATOM   215  C C   . TYR A 1 30  ? -7.052  -8.998  2.924   1.00 8.26  ? 30  TYR A C   1 
ATOM   216  O O   . TYR A 1 30  ? -6.488  -8.078  2.353   1.00 13.31 ? 30  TYR A O   1 
ATOM   217  C CB  . TYR A 1 30  ? -5.911  -11.133 2.912   1.00 6.27  ? 30  TYR A CB  1 
ATOM   218  C CG  . TYR A 1 30  ? -5.795  -12.569 2.504   1.00 4.71  ? 30  TYR A CG  1 
ATOM   219  C CD1 . TYR A 1 30  ? -6.812  -13.459 2.883   1.00 8.17  ? 30  TYR A CD1 1 
ATOM   220  C CD2 . TYR A 1 30  ? -4.696  -13.054 1.801   1.00 7.80  ? 30  TYR A CD2 1 
ATOM   221  C CE1 . TYR A 1 30  ? -6.715  -14.801 2.535   1.00 9.08  ? 30  TYR A CE1 1 
ATOM   222  C CE2 . TYR A 1 30  ? -4.643  -14.375 1.385   1.00 13.30 ? 30  TYR A CE2 1 
ATOM   223  C CZ  . TYR A 1 30  ? -5.658  -15.227 1.779   1.00 8.30  ? 30  TYR A CZ  1 
ATOM   224  O OH  . TYR A 1 30  ? -5.574  -16.576 1.470   1.00 19.15 ? 30  TYR A OH  1 
ATOM   225  N N   . GLU A 1 31  ? -7.585  -8.954  4.139   1.00 8.74  ? 31  GLU A N   1 
ATOM   226  C CA  . GLU A 1 31  ? -7.570  -7.697  4.894   1.00 7.09  ? 31  GLU A CA  1 
ATOM   227  C C   . GLU A 1 31  ? -7.515  -7.999  6.388   1.00 8.86  ? 31  GLU A C   1 
ATOM   228  O O   . GLU A 1 31  ? -8.199  -8.954  6.751   1.00 11.51 ? 31  GLU A O   1 
ATOM   229  C CB  . GLU A 1 31  ? -8.958  -7.063  4.806   1.00 12.00 ? 31  GLU A CB  1 
ATOM   230  C CG  . GLU A 1 31  ? -9.131  -6.186  3.602   1.00 39.63 ? 31  GLU A CG  1 
ATOM   231  C CD  . GLU A 1 31  ? -10.558 -5.608  3.630   1.00 46.03 ? 31  GLU A CD  1 
ATOM   232  O OE1 . GLU A 1 31  ? -11.201 -5.973  4.641   1.00 51.00 ? 31  GLU A OE1 1 
ATOM   233  O OE2 . GLU A 1 31  ? -10.901 -4.908  2.660   1.00 49.62 ? 31  GLU A OE2 1 
ATOM   234  N N   . TYR A 1 32  ? -6.867  -7.117  7.120   1.00 12.02 ? 32  TYR A N   1 
ATOM   235  C CA  . TYR A 1 32  ? -6.849  -7.331  8.575   1.00 10.83 ? 32  TYR A CA  1 
ATOM   236  C C   . TYR A 1 32  ? -8.112  -6.684  9.134   1.00 11.32 ? 32  TYR A C   1 
ATOM   237  O O   . TYR A 1 32  ? -8.420  -5.554  8.761   1.00 16.46 ? 32  TYR A O   1 
ATOM   238  C CB  . TYR A 1 32  ? -5.621  -6.703  9.189   1.00 11.95 ? 32  TYR A CB  1 
ATOM   239  C CG  . TYR A 1 32  ? -5.683  -6.783  10.691  1.00 17.04 ? 32  TYR A CG  1 
ATOM   240  C CD1 . TYR A 1 32  ? -5.405  -7.998  11.297  1.00 16.68 ? 32  TYR A CD1 1 
ATOM   241  C CD2 . TYR A 1 32  ? -6.034  -5.683  11.472  1.00 22.18 ? 32  TYR A CD2 1 
ATOM   242  C CE1 . TYR A 1 32  ? -5.454  -8.111  12.693  1.00 15.62 ? 32  TYR A CE1 1 
ATOM   243  C CE2 . TYR A 1 32  ? -6.091  -5.790  12.860  1.00 20.07 ? 32  TYR A CE2 1 
ATOM   244  C CZ  . TYR A 1 32  ? -5.801  -7.011  13.441  1.00 20.45 ? 32  TYR A CZ  1 
ATOM   245  O OH  . TYR A 1 32  ? -5.808  -7.164  14.815  1.00 23.46 ? 32  TYR A OH  1 
ATOM   246  N N   . ASP A 1 33  ? -8.820  -7.442  9.912   1.00 15.75 ? 33  ASP A N   1 
ATOM   247  C CA  . ASP A 1 33  ? -10.048 -7.100  10.582  1.00 21.92 ? 33  ASP A CA  1 
ATOM   248  C C   . ASP A 1 33  ? -9.846  -6.933  12.093  1.00 20.25 ? 33  ASP A C   1 
ATOM   249  O O   . ASP A 1 33  ? -9.841  -7.913  12.844  1.00 23.90 ? 33  ASP A O   1 
ATOM   250  C CB  . ASP A 1 33  ? -11.083 -8.227  10.360  1.00 20.88 ? 33  ASP A CB  1 
ATOM   251  C CG  . ASP A 1 33  ? -12.464 -7.711  10.776  1.00 28.97 ? 33  ASP A CG  1 
ATOM   252  O OD1 . ASP A 1 33  ? -12.555 -7.119  11.865  1.00 26.05 ? 33  ASP A OD1 1 
ATOM   253  O OD2 . ASP A 1 33  ? -13.433 -7.862  9.998   1.00 33.87 ? 33  ASP A OD2 1 
ATOM   254  N N   . PRO A 1 34  ? -9.707  -5.685  12.518  1.00 23.62 ? 34  PRO A N   1 
ATOM   255  C CA  . PRO A 1 34  ? -9.497  -5.332  13.912  1.00 26.37 ? 34  PRO A CA  1 
ATOM   256  C C   . PRO A 1 34  ? -10.573 -5.861  14.838  1.00 32.28 ? 34  PRO A C   1 
ATOM   257  O O   . PRO A 1 34  ? -10.242 -6.351  15.942  1.00 34.14 ? 34  PRO A O   1 
ATOM   258  C CB  . PRO A 1 34  ? -9.345  -3.835  13.888  1.00 26.98 ? 34  PRO A CB  1 
ATOM   259  C CG  . PRO A 1 34  ? -10.140 -3.411  12.654  1.00 28.86 ? 34  PRO A CG  1 
ATOM   260  C CD  . PRO A 1 34  ? -9.733  -4.480  11.642  1.00 27.40 ? 34  PRO A CD  1 
ATOM   261  N N   . ASP A 1 35  ? -11.815 -5.798  14.358  1.00 31.92 ? 35  ASP A N   1 
ATOM   262  C CA  . ASP A 1 35  ? -12.997 -6.275  15.059  1.00 31.15 ? 35  ASP A CA  1 
ATOM   263  C C   . ASP A 1 35  ? -12.935 -7.769  15.334  1.00 33.35 ? 35  ASP A C   1 
ATOM   264  O O   . ASP A 1 35  ? -13.309 -8.158  16.437  1.00 31.61 ? 35  ASP A O   1 
ATOM   265  C CB  . ASP A 1 35  ? -14.316 -5.995  14.310  1.00 41.21 ? 35  ASP A CB  1 
ATOM   266  C CG  . ASP A 1 35  ? -14.681 -4.516  14.424  1.00 51.19 ? 35  ASP A CG  1 
ATOM   267  O OD1 . ASP A 1 35  ? -13.999 -3.857  15.248  1.00 55.17 ? 35  ASP A OD1 1 
ATOM   268  O OD2 . ASP A 1 35  ? -15.586 -4.004  13.726  1.00 51.50 ? 35  ASP A OD2 1 
ATOM   269  N N   . LEU A 1 36  ? -12.485 -8.550  14.342  1.00 30.93 ? 36  LEU A N   1 
ATOM   270  C CA  . LEU A 1 36  ? -12.342 -9.999  14.487  1.00 19.57 ? 36  LEU A CA  1 
ATOM   271  C C   . LEU A 1 36  ? -10.942 -10.313 15.020  1.00 22.68 ? 36  LEU A C   1 
ATOM   272  O O   . LEU A 1 36  ? -10.716 -11.394 15.548  1.00 27.46 ? 36  LEU A O   1 
ATOM   273  C CB  . LEU A 1 36  ? -12.471 -10.701 13.157  1.00 19.34 ? 36  LEU A CB  1 
ATOM   274  C CG  . LEU A 1 36  ? -13.778 -10.743 12.391  1.00 16.42 ? 36  LEU A CG  1 
ATOM   275  C CD1 . LEU A 1 36  ? -13.518 -11.566 11.122  1.00 18.62 ? 36  LEU A CD1 1 
ATOM   276  C CD2 . LEU A 1 36  ? -14.844 -11.441 13.221  1.00 19.37 ? 36  LEU A CD2 1 
ATOM   277  N N   . GLY A 1 37  ? -10.045 -9.360  14.796  1.00 23.86 ? 37  GLY A N   1 
ATOM   278  C CA  . GLY A 1 37  ? -8.643  -9.491  15.207  1.00 17.18 ? 37  GLY A CA  1 
ATOM   279  C C   . GLY A 1 37  ? -7.962  -10.576 14.402  1.00 20.02 ? 37  GLY A C   1 
ATOM   280  O O   . GLY A 1 37  ? -7.144  -11.324 14.961  1.00 22.92 ? 37  GLY A O   1 
ATOM   281  N N   . ALA A 1 38  ? -8.290  -10.672 13.121  1.00 18.39 ? 38  ALA A N   1 
ATOM   282  C CA  . ALA A 1 38  ? -7.687  -11.738 12.277  1.00 16.58 ? 38  ALA A CA  1 
ATOM   283  C C   . ALA A 1 38  ? -7.666  -11.308 10.824  1.00 13.54 ? 38  ALA A C   1 
ATOM   284  O O   . ALA A 1 38  ? -8.336  -10.306 10.512  1.00 17.20 ? 38  ALA A O   1 
ATOM   285  C CB  . ALA A 1 38  ? -8.560  -12.988 12.377  1.00 22.88 ? 38  ALA A CB  1 
ATOM   286  N N   . ILE A 1 39  ? -6.975  -12.055 9.998   1.00 12.60 ? 39  ILE A N   1 
ATOM   287  C CA  . ILE A 1 39  ? -6.960  -11.707 8.542   1.00 10.13 ? 39  ILE A CA  1 
ATOM   288  C C   . ILE A 1 39  ? -8.196  -12.357 7.952   1.00 8.31  ? 39  ILE A C   1 
ATOM   289  O O   . ILE A 1 39  ? -8.439  -13.530 8.236   1.00 11.47 ? 39  ILE A O   1 
ATOM   290  C CB  . ILE A 1 39  ? -5.654  -12.123 7.877   1.00 15.35 ? 39  ILE A CB  1 
ATOM   291  C CG1 . ILE A 1 39  ? -4.725  -10.902 7.817   1.00 14.10 ? 39  ILE A CG1 1 
ATOM   292  C CG2 . ILE A 1 39  ? -5.837  -12.564 6.425   1.00 9.74  ? 39  ILE A CG2 1 
ATOM   293  C CD1 . ILE A 1 39  ? -3.711  -10.671 8.845   1.00 18.88 ? 39  ILE A CD1 1 
ATOM   294  N N   . LYS A 1 40  ? -8.975  -11.575 7.211   1.00 8.02  ? 40  LYS A N   1 
ATOM   295  C CA  . LYS A 1 40  ? -10.174 -12.125 6.613   1.00 7.77  ? 40  LYS A CA  1 
ATOM   296  C C   . LYS A 1 40  ? -10.057 -12.017 5.098   1.00 10.02 ? 40  LYS A C   1 
ATOM   297  O O   . LYS A 1 40  ? -9.332  -11.128 4.640   1.00 9.62  ? 40  LYS A O   1 
ATOM   298  C CB  . LYS A 1 40  ? -11.352 -11.246 7.053   1.00 11.30 ? 40  LYS A CB  1 
ATOM   299  C CG  . LYS A 1 40  ? -12.684 -11.790 6.546   1.00 26.02 ? 40  LYS A CG  1 
ATOM   300  C CD  . LYS A 1 40  ? -13.831 -10.995 7.186   1.00 39.52 ? 40  LYS A CD  1 
ATOM   301  C CE  . LYS A 1 40  ? -14.053 -9.672  6.462   1.00 47.15 ? 40  LYS A CE  1 
ATOM   302  N NZ  . LYS A 1 40  ? -15.047 -9.815  5.354   1.00 47.48 ? 40  LYS A NZ  1 
ATOM   303  N N   . LEU A 1 41  ? -10.815 -12.857 4.407   1.00 10.71 ? 41  LEU A N   1 
ATOM   304  C CA  . LEU A 1 41  ? -10.746 -12.715 2.927   1.00 7.44  ? 41  LEU A CA  1 
ATOM   305  C C   . LEU A 1 41  ? -11.851 -11.740 2.560   1.00 13.78 ? 41  LEU A C   1 
ATOM   306  O O   . LEU A 1 41  ? -13.012 -12.016 2.835   1.00 13.96 ? 41  LEU A O   1 
ATOM   307  C CB  . LEU A 1 41  ? -10.978 -14.035 2.235   1.00 6.92  ? 41  LEU A CB  1 
ATOM   308  C CG  . LEU A 1 41  ? -11.036 -13.845 0.698   1.00 4.31  ? 41  LEU A CG  1 
ATOM   309  C CD1 . LEU A 1 41  ? -9.589  -14.102 0.227   1.00 4.59  ? 41  LEU A CD1 1 
ATOM   310  C CD2 . LEU A 1 41  ? -12.038 -14.780 0.107   1.00 7.18  ? 41  LEU A CD2 1 
ATOM   311  N N   . ASP A 1 42  ? -11.409 -10.630 1.993   1.00 11.76 ? 42  ASP A N   1 
ATOM   312  C CA  . ASP A 1 42  ? -12.397 -9.619  1.589   1.00 7.84  ? 42  ASP A CA  1 
ATOM   313  C C   . ASP A 1 42  ? -13.022 -10.103 0.302   1.00 12.79 ? 42  ASP A C   1 
ATOM   314  O O   . ASP A 1 42  ? -14.254 -10.106 0.117   1.00 11.00 ? 42  ASP A O   1 
ATOM   315  C CB  . ASP A 1 42  ? -11.628 -8.303  1.470   1.00 15.07 ? 42  ASP A CB  1 
ATOM   316  C CG  . ASP A 1 42  ? -12.660 -7.272  1.024   1.00 30.16 ? 42  ASP A CG  1 
ATOM   317  O OD1 . ASP A 1 42  ? -13.547 -6.945  1.852   1.00 29.21 ? 42  ASP A OD1 1 
ATOM   318  O OD2 . ASP A 1 42  ? -12.569 -6.894  -0.152  1.00 26.63 ? 42  ASP A OD2 1 
ATOM   319  N N   . ARG A 1 43  ? -12.180 -10.614 -0.615  1.00 8.74  ? 43  ARG A N   1 
ATOM   320  C CA  . ARG A 1 43  ? -12.757 -11.145 -1.858  1.00 4.60  ? 43  ARG A CA  1 
ATOM   321  C C   . ARG A 1 43  ? -11.616 -11.665 -2.715  1.00 8.14  ? 43  ARG A C   1 
ATOM   322  O O   . ARG A 1 43  ? -10.489 -11.322 -2.403  1.00 15.08 ? 43  ARG A O   1 
ATOM   323  C CB  . ARG A 1 43  ? -13.439 -10.039 -2.664  1.00 6.93  ? 43  ARG A CB  1 
ATOM   324  C CG  . ARG A 1 43  ? -12.483 -9.095  -3.397  1.00 5.77  ? 43  ARG A CG  1 
ATOM   325  C CD  . ARG A 1 43  ? -13.194 -7.888  -3.945  1.00 11.40 ? 43  ARG A CD  1 
ATOM   326  N NE  . ARG A 1 43  ? -12.356 -6.939  -4.661  1.00 18.00 ? 43  ARG A NE  1 
ATOM   327  C CZ  . ARG A 1 43  ? -11.631 -5.948  -4.178  1.00 21.99 ? 43  ARG A CZ  1 
ATOM   328  N NH1 . ARG A 1 43  ? -11.577 -5.678  -2.863  1.00 21.58 ? 43  ARG A NH1 1 
ATOM   329  N NH2 . ARG A 1 43  ? -10.935 -5.134  -4.945  1.00 20.34 ? 43  ARG A NH2 1 
ATOM   330  N N   . VAL A 1 44  ? -11.995 -12.400 -3.726  1.00 9.64  ? 44  VAL A N   1 
ATOM   331  C CA  . VAL A 1 44  ? -11.086 -12.930 -4.758  1.00 8.59  ? 44  VAL A CA  1 
ATOM   332  C C   . VAL A 1 44  ? -11.273 -12.013 -5.960  1.00 10.29 ? 44  VAL A C   1 
ATOM   333  O O   . VAL A 1 44  ? -12.408 -11.773 -6.349  1.00 10.72 ? 44  VAL A O   1 
ATOM   334  C CB  . VAL A 1 44  ? -11.415 -14.382 -5.099  1.00 7.91  ? 44  VAL A CB  1 
ATOM   335  C CG1 . VAL A 1 44  ? -10.456 -15.020 -6.095  1.00 13.81 ? 44  VAL A CG1 1 
ATOM   336  C CG2 . VAL A 1 44  ? -11.404 -15.231 -3.836  1.00 8.59  ? 44  VAL A CG2 1 
ATOM   337  N N   . LEU A 1 45  ? -10.196 -11.449 -6.479  1.00 10.94 ? 45  LEU A N   1 
ATOM   338  C CA  . LEU A 1 45  ? -10.287 -10.535 -7.643  1.00 12.87 ? 45  LEU A CA  1 
ATOM   339  C C   . LEU A 1 45  ? -10.991 -11.299 -8.769  1.00 8.93  ? 45  LEU A C   1 
ATOM   340  O O   . LEU A 1 45  ? -10.613 -12.439 -9.015  1.00 11.54 ? 45  LEU A O   1 
ATOM   341  C CB  . LEU A 1 45  ? -8.893  -10.101 -8.050  1.00 6.81  ? 45  LEU A CB  1 
ATOM   342  C CG  . LEU A 1 45  ? -7.972  -9.365  -7.114  1.00 11.51 ? 45  LEU A CG  1 
ATOM   343  C CD1 . LEU A 1 45  ? -6.644  -9.082  -7.844  1.00 8.94  ? 45  LEU A CD1 1 
ATOM   344  C CD2 . LEU A 1 45  ? -8.584  -8.043  -6.626  1.00 10.96 ? 45  LEU A CD2 1 
ATOM   345  N N   . PRO A 1 46  ? -11.956 -10.634 -9.425  1.00 6.51  ? 46  PRO A N   1 
ATOM   346  C CA  . PRO A 1 46  ? -12.721 -11.275 -10.468 1.00 6.05  ? 46  PRO A CA  1 
ATOM   347  C C   . PRO A 1 46  ? -12.024 -11.489 -11.801 1.00 11.83 ? 46  PRO A C   1 
ATOM   348  O O   . PRO A 1 46  ? -12.499 -12.339 -12.570 1.00 9.70  ? 46  PRO A O   1 
ATOM   349  C CB  . PRO A 1 46  ? -13.980 -10.433 -10.527 1.00 7.05  ? 46  PRO A CB  1 
ATOM   350  C CG  . PRO A 1 46  ? -13.509 -9.041  -10.114 1.00 3.20  ? 46  PRO A CG  1 
ATOM   351  C CD  . PRO A 1 46  ? -12.427 -9.277  -9.086  1.00 2.91  ? 46  PRO A CD  1 
ATOM   352  N N   . GLY A 1 47  ? -10.943 -10.762 -12.055 1.00 10.45 ? 47  GLY A N   1 
ATOM   353  C CA  . GLY A 1 47  ? -10.242 -10.883 -13.330 1.00 8.70  ? 47  GLY A CA  1 
ATOM   354  C C   . GLY A 1 47  ? -9.002  -11.712 -13.211 1.00 8.55  ? 47  GLY A C   1 
ATOM   355  O O   . GLY A 1 47  ? -8.648  -11.997 -12.067 1.00 9.11  ? 47  GLY A O   1 
ATOM   356  N N   . ALA A 1 48  ? -8.403  -12.061 -14.363 1.00 6.55  ? 48  ALA A N   1 
ATOM   357  C CA  . ALA A 1 48  ? -7.181  -12.913 -14.222 1.00 1.16  ? 48  ALA A CA  1 
ATOM   358  C C   . ALA A 1 48  ? -6.016  -12.011 -13.914 1.00 6.04  ? 48  ALA A C   1 
ATOM   359  O O   . ALA A 1 48  ? -5.164  -11.751 -14.789 1.00 7.74  ? 48  ALA A O   1 
ATOM   360  C CB  . ALA A 1 48  ? -7.061  -13.617 -15.594 1.00 8.57  ? 48  ALA A CB  1 
ATOM   361  N N   . GLN A 1 49  ? -5.968  -11.495 -12.689 1.00 5.96  ? 49  GLN A N   1 
ATOM   362  C CA  . GLN A 1 49  ? -4.964  -10.610 -12.175 1.00 5.52  ? 49  GLN A CA  1 
ATOM   363  C C   . GLN A 1 49  ? -4.463  -10.968 -10.798 1.00 3.13  ? 49  GLN A C   1 
ATOM   364  O O   . GLN A 1 49  ? -5.029  -11.794 -10.078 1.00 10.06 ? 49  GLN A O   1 
ATOM   365  C CB  . GLN A 1 49  ? -5.557  -9.142  -12.016 1.00 6.94  ? 49  GLN A CB  1 
ATOM   366  C CG  . GLN A 1 49  ? -6.168  -8.740  -13.349 1.00 11.76 ? 49  GLN A CG  1 
ATOM   367  C CD  . GLN A 1 49  ? -6.924  -7.434  -13.295 1.00 11.01 ? 49  GLN A CD  1 
ATOM   368  O OE1 . GLN A 1 49  ? -6.360  -6.368  -13.542 1.00 10.01 ? 49  GLN A OE1 1 
ATOM   369  N NE2 . GLN A 1 49  ? -8.212  -7.529  -12.993 1.00 4.05  ? 49  GLN A NE2 1 
ATOM   370  N N   . PHE A 1 50  ? -3.383  -10.266 -10.454 1.00 10.57 ? 50  PHE A N   1 
ATOM   371  C CA  . PHE A 1 50  ? -2.694  -10.416 -9.158  1.00 10.66 ? 50  PHE A CA  1 
ATOM   372  C C   . PHE A 1 50  ? -2.066  -9.088  -8.764  1.00 12.20 ? 50  PHE A C   1 
ATOM   373  O O   . PHE A 1 50  ? -1.787  -8.292  -9.657  1.00 14.28 ? 50  PHE A O   1 
ATOM   374  C CB  . PHE A 1 50  ? -1.669  -11.561 -9.242  1.00 4.36  ? 50  PHE A CB  1 
ATOM   375  C CG  . PHE A 1 50  ? -0.615  -11.390 -10.283 1.00 12.18 ? 50  PHE A CG  1 
ATOM   376  C CD1 . PHE A 1 50  ? 0.416   -10.485 -10.067 1.00 7.63  ? 50  PHE A CD1 1 
ATOM   377  C CD2 . PHE A 1 50  ? -0.655  -12.121 -11.457 1.00 11.00 ? 50  PHE A CD2 1 
ATOM   378  C CE1 . PHE A 1 50  ? 1.409   -10.325 -11.001 1.00 12.01 ? 50  PHE A CE1 1 
ATOM   379  C CE2 . PHE A 1 50  ? 0.341   -11.958 -12.395 1.00 11.69 ? 50  PHE A CE2 1 
ATOM   380  C CZ  . PHE A 1 50  ? 1.339   -11.031 -12.198 1.00 12.57 ? 50  PHE A CZ  1 
ATOM   381  N N   . TYR A 1 51  ? -1.875  -8.877  -7.460  1.00 11.53 ? 51  TYR A N   1 
ATOM   382  C CA  . TYR A 1 51  ? -1.266  -7.633  -6.976  1.00 5.29  ? 51  TYR A CA  1 
ATOM   383  C C   . TYR A 1 51  ? 0.139   -7.552  -7.511  1.00 8.36  ? 51  TYR A C   1 
ATOM   384  O O   . TYR A 1 51  ? 0.895   -8.534  -7.387  1.00 10.40 ? 51  TYR A O   1 
ATOM   385  C CB  . TYR A 1 51  ? -1.277  -7.620  -5.427  1.00 6.80  ? 51  TYR A CB  1 
ATOM   386  C CG  . TYR A 1 51  ? -2.587  -7.013  -4.957  1.00 4.85  ? 51  TYR A CG  1 
ATOM   387  C CD1 . TYR A 1 51  ? -3.776  -7.719  -5.013  1.00 3.53  ? 51  TYR A CD1 1 
ATOM   388  C CD2 . TYR A 1 51  ? -2.614  -5.706  -4.499  1.00 8.45  ? 51  TYR A CD2 1 
ATOM   389  C CE1 . TYR A 1 51  ? -4.969  -7.128  -4.644  1.00 1.16  ? 51  TYR A CE1 1 
ATOM   390  C CE2 . TYR A 1 51  ? -3.812  -5.076  -4.156  1.00 8.44  ? 51  TYR A CE2 1 
ATOM   391  C CZ  . TYR A 1 51  ? -4.974  -5.811  -4.232  1.00 7.60  ? 51  TYR A CZ  1 
ATOM   392  O OH  . TYR A 1 51  ? -6.151  -5.258  -3.823  1.00 14.26 ? 51  TYR A OH  1 
ATOM   393  N N   . PRO A 1 52  ? 0.492   -6.414  -8.079  1.00 8.21  ? 52  PRO A N   1 
ATOM   394  C CA  . PRO A 1 52  ? 1.819   -6.183  -8.645  1.00 6.48  ? 52  PRO A CA  1 
ATOM   395  C C   . PRO A 1 52  ? 2.891   -6.034  -7.604  1.00 11.69 ? 52  PRO A C   1 
ATOM   396  O O   . PRO A 1 52  ? 4.111   -6.017  -7.897  1.00 15.06 ? 52  PRO A O   1 
ATOM   397  C CB  . PRO A 1 52  ? 1.527   -5.023  -9.603  1.00 5.26  ? 52  PRO A CB  1 
ATOM   398  C CG  . PRO A 1 52  ? 0.607   -4.186  -8.704  1.00 7.33  ? 52  PRO A CG  1 
ATOM   399  C CD  . PRO A 1 52  ? -0.395  -5.240  -8.240  1.00 10.11 ? 52  PRO A CD  1 
ATOM   400  N N   . GLY A 1 53  ? 2.551   -5.972  -6.324  1.00 6.16  ? 53  GLY A N   1 
ATOM   401  C CA  . GLY A 1 53  ? 3.578   -5.875  -5.246  1.00 6.08  ? 53  GLY A CA  1 
ATOM   402  C C   . GLY A 1 53  ? 2.813   -6.241  -3.995  1.00 2.82  ? 53  GLY A C   1 
ATOM   403  O O   . GLY A 1 53  ? 1.579   -6.347  -4.180  1.00 7.52  ? 53  GLY A O   1 
ATOM   404  N N   . ASP A 1 54  ? 3.451   -6.370  -2.864  1.00 9.63  ? 54  ASP A N   1 
ATOM   405  C CA  . ASP A 1 54  ? 2.793   -6.706  -1.602  1.00 9.39  ? 54  ASP A CA  1 
ATOM   406  C C   . ASP A 1 54  ? 2.021   -5.519  -1.048  1.00 9.94  ? 54  ASP A C   1 
ATOM   407  O O   . ASP A 1 54  ? 2.568   -4.421  -0.990  1.00 11.62 ? 54  ASP A O   1 
ATOM   408  C CB  . ASP A 1 54  ? 3.793   -7.268  -0.522  1.00 1.16  ? 54  ASP A CB  1 
ATOM   409  C CG  . ASP A 1 54  ? 4.675   -8.346  -1.016  1.00 3.37  ? 54  ASP A CG  1 
ATOM   410  O OD1 . ASP A 1 54  ? 5.759   -8.067  -1.560  1.00 7.30  ? 54  ASP A OD1 1 
ATOM   411  O OD2 . ASP A 1 54  ? 4.337   -9.554  -0.827  1.00 6.80  ? 54  ASP A OD2 1 
ATOM   412  N N   . TYR A 1 55  ? 0.759   -5.732  -0.705  1.00 9.06  ? 55  TYR A N   1 
ATOM   413  C CA  . TYR A 1 55  ? -0.105  -4.669  -0.226  1.00 8.51  ? 55  TYR A CA  1 
ATOM   414  C C   . TYR A 1 55  ? -0.444  -4.701  1.256   1.00 4.01  ? 55  TYR A C   1 
ATOM   415  O O   . TYR A 1 55  ? -0.823  -5.728  1.801   1.00 11.43 ? 55  TYR A O   1 
ATOM   416  C CB  . TYR A 1 55  ? -1.380  -4.694  -1.106  1.00 8.40  ? 55  TYR A CB  1 
ATOM   417  C CG  . TYR A 1 55  ? -2.378  -3.591  -0.804  1.00 8.03  ? 55  TYR A CG  1 
ATOM   418  C CD1 . TYR A 1 55  ? -2.194  -2.328  -1.364  1.00 12.12 ? 55  TYR A CD1 1 
ATOM   419  C CD2 . TYR A 1 55  ? -3.497  -3.786  -0.015  1.00 12.77 ? 55  TYR A CD2 1 
ATOM   420  C CE1 . TYR A 1 55  ? -3.102  -1.284  -1.130  1.00 15.40 ? 55  TYR A CE1 1 
ATOM   421  C CE2 . TYR A 1 55  ? -4.413  -2.781  0.203   1.00 14.88 ? 55  TYR A CE2 1 
ATOM   422  C CZ  . TYR A 1 55  ? -4.195  -1.543  -0.348  1.00 18.18 ? 55  TYR A CZ  1 
ATOM   423  O OH  . TYR A 1 55  ? -5.082  -0.503  -0.123  1.00 27.04 ? 55  TYR A OH  1 
ATOM   424  N N   . GLY A 1 56  ? -0.401  -3.504  1.913   1.00 4.72  ? 56  GLY A N   1 
ATOM   425  C CA  . GLY A 1 56  ? -0.739  -3.619  3.376   1.00 3.27  ? 56  GLY A CA  1 
ATOM   426  C C   . GLY A 1 56  ? -0.980  -2.175  3.818   1.00 11.62 ? 56  GLY A C   1 
ATOM   427  O O   . GLY A 1 56  ? -1.167  -1.371  2.923   1.00 12.04 ? 56  GLY A O   1 
ATOM   428  N N   . PHE A 1 57  ? -0.893  -1.973  5.102   1.00 9.17  ? 57  PHE A N   1 
ATOM   429  C CA  . PHE A 1 57  ? -1.145  -0.632  5.649   1.00 11.59 ? 57  PHE A CA  1 
ATOM   430  C C   . PHE A 1 57  ? -0.090  -0.215  6.621   1.00 10.88 ? 57  PHE A C   1 
ATOM   431  O O   . PHE A 1 57  ? 0.576   -1.132  7.135   1.00 11.06 ? 57  PHE A O   1 
ATOM   432  C CB  . PHE A 1 57  ? -2.547  -0.675  6.325   1.00 7.26  ? 57  PHE A CB  1 
ATOM   433  C CG  . PHE A 1 57  ? -2.651  -1.496  7.578   1.00 10.85 ? 57  PHE A CG  1 
ATOM   434  C CD1 . PHE A 1 57  ? -2.243  -1.023  8.820   1.00 12.65 ? 57  PHE A CD1 1 
ATOM   435  C CD2 . PHE A 1 57  ? -3.196  -2.774  7.546   1.00 13.81 ? 57  PHE A CD2 1 
ATOM   436  C CE1 . PHE A 1 57  ? -2.321  -1.784  9.952   1.00 11.35 ? 57  PHE A CE1 1 
ATOM   437  C CE2 . PHE A 1 57  ? -3.279  -3.560  8.679   1.00 11.43 ? 57  PHE A CE2 1 
ATOM   438  C CZ  . PHE A 1 57  ? -2.865  -3.065  9.900   1.00 11.76 ? 57  PHE A CZ  1 
ATOM   439  N N   . ILE A 1 58  ? 0.033   1.097   6.903   1.00 11.66 ? 58  ILE A N   1 
ATOM   440  C CA  . ILE A 1 58  ? 1.020   1.542   7.927   1.00 8.74  ? 58  ILE A CA  1 
ATOM   441  C C   . ILE A 1 58  ? 0.347   1.599   9.275   1.00 7.46  ? 58  ILE A C   1 
ATOM   442  O O   . ILE A 1 58  ? -0.632  2.349   9.370   1.00 14.83 ? 58  ILE A O   1 
ATOM   443  C CB  . ILE A 1 58  ? 1.655   2.895   7.526   1.00 6.36  ? 58  ILE A CB  1 
ATOM   444  C CG1 . ILE A 1 58  ? 2.311   2.799   6.137   1.00 9.15  ? 58  ILE A CG1 1 
ATOM   445  C CG2 . ILE A 1 58  ? 2.720   3.227   8.590   1.00 7.77  ? 58  ILE A CG2 1 
ATOM   446  C CD1 . ILE A 1 58  ? 3.092   4.041   5.700   1.00 6.70  ? 58  ILE A CD1 1 
ATOM   447  N N   . PRO A 1 59  ? 0.720   0.835   10.295  1.00 7.37  ? 59  PRO A N   1 
ATOM   448  C CA  . PRO A 1 59  ? 0.057   0.873   11.588  1.00 10.05 ? 59  PRO A CA  1 
ATOM   449  C C   . PRO A 1 59  ? 0.196   2.232   12.272  1.00 15.65 ? 59  PRO A C   1 
ATOM   450  O O   . PRO A 1 59  ? 1.227   2.912   12.086  1.00 12.68 ? 59  PRO A O   1 
ATOM   451  C CB  . PRO A 1 59  ? 0.685   -0.295  12.336  1.00 3.97  ? 59  PRO A CB  1 
ATOM   452  C CG  . PRO A 1 59  ? 2.042   -0.450  11.693  1.00 2.98  ? 59  PRO A CG  1 
ATOM   453  C CD  . PRO A 1 59  ? 1.835   -0.127  10.249  1.00 7.03  ? 59  PRO A CD  1 
ATOM   454  N N   . SER A 1 60  ? -0.835  2.658   13.016  1.00 15.78 ? 60  SER A N   1 
ATOM   455  C CA  . SER A 1 60  ? -0.806  3.933   13.719  1.00 10.09 ? 60  SER A CA  1 
ATOM   456  C C   . SER A 1 60  ? -0.756  5.165   12.833  1.00 11.27 ? 60  SER A C   1 
ATOM   457  O O   . SER A 1 60  ? 0.054   6.078   13.068  1.00 12.43 ? 60  SER A O   1 
ATOM   458  C CB  . SER A 1 60  ? 0.455   4.027   14.585  1.00 12.08 ? 60  SER A CB  1 
ATOM   459  O OG  . SER A 1 60  ? 0.296   3.097   15.670  1.00 12.57 ? 60  SER A OG  1 
ATOM   460  N N   . THR A 1 61  ? -1.572  5.135   11.810  1.00 16.30 ? 61  THR A N   1 
ATOM   461  C CA  . THR A 1 61  ? -1.691  6.247   10.864  1.00 8.07  ? 61  THR A CA  1 
ATOM   462  C C   . THR A 1 61  ? -3.203  6.283   10.574  1.00 9.95  ? 61  THR A C   1 
ATOM   463  O O   . THR A 1 61  ? -3.916  5.298   10.850  1.00 8.52  ? 61  THR A O   1 
ATOM   464  C CB  . THR A 1 61  ? -0.912  6.185   9.573   1.00 10.89 ? 61  THR A CB  1 
ATOM   465  O OG1 . THR A 1 61  ? -1.303  5.035   8.806   1.00 12.19 ? 61  THR A OG1 1 
ATOM   466  C CG2 . THR A 1 61  ? 0.595   6.125   9.768   1.00 7.70  ? 61  THR A CG2 1 
ATOM   467  N N   . LEU A 1 62  ? -3.615  7.439   10.117  1.00 12.69 ? 62  LEU A N   1 
ATOM   468  C CA  . LEU A 1 62  ? -5.060  7.558   9.814   1.00 17.74 ? 62  LEU A CA  1 
ATOM   469  C C   . LEU A 1 62  ? -5.129  8.421   8.577   1.00 17.42 ? 62  LEU A C   1 
ATOM   470  O O   . LEU A 1 62  ? -4.598  9.525   8.700   1.00 18.00 ? 62  LEU A O   1 
ATOM   471  C CB  . LEU A 1 62  ? -5.678  8.261   11.025  1.00 17.34 ? 62  LEU A CB  1 
ATOM   472  C CG  . LEU A 1 62  ? -7.191  8.346   11.066  1.00 17.89 ? 62  LEU A CG  1 
ATOM   473  C CD1 . LEU A 1 62  ? -7.881  7.104   10.574  1.00 14.27 ? 62  LEU A CD1 1 
ATOM   474  C CD2 . LEU A 1 62  ? -7.600  8.695   12.511  1.00 25.31 ? 62  LEU A CD2 1 
ATOM   475  N N   . ALA A 1 63  ? -5.648  7.889   7.488   1.00 20.04 ? 63  ALA A N   1 
ATOM   476  C CA  . ALA A 1 63  ? -5.735  8.705   6.263   1.00 21.12 ? 63  ALA A CA  1 
ATOM   477  C C   . ALA A 1 63  ? -6.962  9.598   6.403   1.00 26.43 ? 63  ALA A C   1 
ATOM   478  O O   . ALA A 1 63  ? -7.661  9.518   7.438   1.00 30.06 ? 63  ALA A O   1 
ATOM   479  C CB  . ALA A 1 63  ? -5.678  7.831   5.044   1.00 25.19 ? 63  ALA A CB  1 
ATOM   480  N N   . GLU A 1 64  ? -7.196  10.459  5.438   1.00 29.23 ? 64  GLU A N   1 
ATOM   481  C CA  . GLU A 1 64  ? -8.327  11.404  5.470   1.00 30.35 ? 64  GLU A CA  1 
ATOM   482  C C   . GLU A 1 64  ? -9.630  10.640  5.333   1.00 32.02 ? 64  GLU A C   1 
ATOM   483  O O   . GLU A 1 64  ? -10.685 11.168  5.699   1.00 40.50 ? 64  GLU A O   1 
ATOM   484  C CB  . GLU A 1 64  ? -8.133  12.518  4.465   1.00 38.73 ? 64  GLU A CB  1 
ATOM   485  C CG  . GLU A 1 64  ? -7.397  13.775  4.913   1.00 48.03 ? 64  GLU A CG  1 
ATOM   486  C CD  . GLU A 1 64  ? -6.358  14.280  3.934   1.00 50.77 ? 64  GLU A CD  1 
ATOM   487  O OE1 . GLU A 1 64  ? -6.624  14.387  2.718   1.00 54.62 ? 64  GLU A OE1 1 
ATOM   488  O OE2 . GLU A 1 64  ? -5.209  14.567  4.355   1.00 59.73 ? 64  GLU A OE2 1 
ATOM   489  N N   . ASP A 1 65  ? -9.545  9.404   4.879   1.00 30.67 ? 65  ASP A N   1 
ATOM   490  C CA  . ASP A 1 65  ? -10.662 8.513   4.673   1.00 29.37 ? 65  ASP A CA  1 
ATOM   491  C C   . ASP A 1 65  ? -10.985 7.680   5.904   1.00 31.55 ? 65  ASP A C   1 
ATOM   492  O O   . ASP A 1 65  ? -11.823 6.773   5.844   1.00 35.43 ? 65  ASP A O   1 
ATOM   493  C CB  . ASP A 1 65  ? -10.457 7.571   3.491   1.00 34.45 ? 65  ASP A CB  1 
ATOM   494  C CG  . ASP A 1 65  ? -9.449  6.480   3.743   1.00 39.05 ? 65  ASP A CG  1 
ATOM   495  O OD1 . ASP A 1 65  ? -8.882  6.405   4.848   1.00 43.29 ? 65  ASP A OD1 1 
ATOM   496  O OD2 . ASP A 1 65  ? -9.232  5.674   2.803   1.00 48.47 ? 65  ASP A OD2 1 
ATOM   497  N N   . GLY A 1 66  ? -10.295 8.008   6.980   1.00 28.08 ? 66  GLY A N   1 
ATOM   498  C CA  . GLY A 1 66  ? -10.561 7.286   8.221   1.00 24.35 ? 66  GLY A CA  1 
ATOM   499  C C   . GLY A 1 66  ? -9.866  5.982   8.334   1.00 24.79 ? 66  GLY A C   1 
ATOM   500  O O   . GLY A 1 66  ? -10.002 5.410   9.438   1.00 22.30 ? 66  GLY A O   1 
ATOM   501  N N   . ASP A 1 67  ? -9.153  5.512   7.305   1.00 25.03 ? 67  ASP A N   1 
ATOM   502  C CA  . ASP A 1 67  ? -8.409  4.198   7.464   1.00 16.49 ? 67  ASP A CA  1 
ATOM   503  C C   . ASP A 1 67  ? -6.934  4.490   7.565   1.00 10.75 ? 67  ASP A C   1 
ATOM   504  O O   . ASP A 1 67  ? -6.506  5.623   7.255   1.00 19.45 ? 67  ASP A O   1 
ATOM   505  C CB  . ASP A 1 67  ? -8.739  3.326   6.272   1.00 27.11 ? 67  ASP A CB  1 
ATOM   506  C CG  . ASP A 1 67  ? -10.047 2.562   6.418   1.00 42.28 ? 67  ASP A CG  1 
ATOM   507  O OD1 . ASP A 1 67  ? -10.245 1.898   7.467   1.00 37.80 ? 67  ASP A OD1 1 
ATOM   508  O OD2 . ASP A 1 67  ? -10.861 2.614   5.461   1.00 48.58 ? 67  ASP A OD2 1 
ATOM   509  N N   . PRO A 1 68  ? -6.129  3.546   7.985   1.00 12.78 ? 68  PRO A N   1 
ATOM   510  C CA  . PRO A 1 68  ? -4.671  3.787   8.037   1.00 15.10 ? 68  PRO A CA  1 
ATOM   511  C C   . PRO A 1 68  ? -4.172  4.060   6.632   1.00 12.16 ? 68  PRO A C   1 
ATOM   512  O O   . PRO A 1 68  ? -4.939  3.782   5.691   1.00 17.05 ? 68  PRO A O   1 
ATOM   513  C CB  . PRO A 1 68  ? -4.117  2.531   8.626   1.00 10.98 ? 68  PRO A CB  1 
ATOM   514  C CG  . PRO A 1 68  ? -5.273  1.767   9.180   1.00 12.31 ? 68  PRO A CG  1 
ATOM   515  C CD  . PRO A 1 68  ? -6.466  2.161   8.313   1.00 13.99 ? 68  PRO A CD  1 
ATOM   516  N N   . LEU A 1 69  ? -2.959  4.604   6.495   1.00 12.17 ? 69  LEU A N   1 
ATOM   517  C CA  . LEU A 1 69  ? -2.436  4.834   5.105   1.00 12.05 ? 69  LEU A CA  1 
ATOM   518  C C   . LEU A 1 69  ? -2.025  3.511   4.453   1.00 13.14 ? 69  LEU A C   1 
ATOM   519  O O   . LEU A 1 69  ? -1.265  2.708   5.036   1.00 14.03 ? 69  LEU A O   1 
ATOM   520  C CB  . LEU A 1 69  ? -1.278  5.784   5.266   1.00 11.72 ? 69  LEU A CB  1 
ATOM   521  C CG  . LEU A 1 69  ? -0.481  6.351   4.120   1.00 20.73 ? 69  LEU A CG  1 
ATOM   522  C CD1 . LEU A 1 69  ? -1.288  7.244   3.172   1.00 19.66 ? 69  LEU A CD1 1 
ATOM   523  C CD2 . LEU A 1 69  ? 0.701   7.149   4.696   1.00 16.37 ? 69  LEU A CD2 1 
ATOM   524  N N   . ASP A 1 70  ? -2.514  3.202   3.257   1.00 10.83 ? 70  ASP A N   1 
ATOM   525  C CA  . ASP A 1 70  ? -2.227  1.995   2.483   1.00 11.66 ? 70  ASP A CA  1 
ATOM   526  C C   . ASP A 1 70  ? -0.966  2.102   1.622   1.00 13.55 ? 70  ASP A C   1 
ATOM   527  O O   . ASP A 1 70  ? -0.652  3.231   1.248   1.00 11.20 ? 70  ASP A O   1 
ATOM   528  C CB  . ASP A 1 70  ? -3.312  1.885   1.360   1.00 17.11 ? 70  ASP A CB  1 
ATOM   529  C CG  . ASP A 1 70  ? -4.505  1.183   1.948   1.00 24.03 ? 70  ASP A CG  1 
ATOM   530  O OD1 . ASP A 1 70  ? -4.244  0.520   2.972   1.00 38.61 ? 70  ASP A OD1 1 
ATOM   531  O OD2 . ASP A 1 70  ? -5.604  1.328   1.411   1.00 35.95 ? 70  ASP A OD2 1 
ATOM   532  N N   . GLY A 1 71  ? -0.360  0.994   1.249   1.00 12.03 ? 71  GLY A N   1 
ATOM   533  C CA  . GLY A 1 71  ? 0.828   1.111   0.391   1.00 10.87 ? 71  GLY A CA  1 
ATOM   534  C C   . GLY A 1 71  ? 1.159   -0.178  -0.322  1.00 8.45  ? 71  GLY A C   1 
ATOM   535  O O   . GLY A 1 71  ? 0.712   -1.222  0.130   1.00 10.10 ? 71  GLY A O   1 
ATOM   536  N N   . LEU A 1 72  ? 1.933   -0.033  -1.381  1.00 8.01  ? 72  LEU A N   1 
ATOM   537  C CA  . LEU A 1 72  ? 2.397   -1.151  -2.216  1.00 4.04  ? 72  LEU A CA  1 
ATOM   538  C C   . LEU A 1 72  ? 3.897   -1.306  -2.130  1.00 7.11  ? 72  LEU A C   1 
ATOM   539  O O   . LEU A 1 72  ? 4.610   -0.325  -2.342  1.00 18.83 ? 72  LEU A O   1 
ATOM   540  C CB  . LEU A 1 72  ? 1.948   -0.829  -3.642  1.00 12.74 ? 72  LEU A CB  1 
ATOM   541  C CG  . LEU A 1 72  ? 1.794   -2.084  -4.499  1.00 25.71 ? 72  LEU A CG  1 
ATOM   542  C CD1 . LEU A 1 72  ? 0.463   -2.763  -4.185  1.00 28.21 ? 72  LEU A CD1 1 
ATOM   543  C CD2 . LEU A 1 72  ? 1.876   -1.758  -5.970  1.00 22.51 ? 72  LEU A CD2 1 
ATOM   544  N N   . VAL A 1 73  ? 4.405   -2.478  -1.767  1.00 7.87  ? 73  VAL A N   1 
ATOM   545  C CA  . VAL A 1 73  ? 5.840   -2.717  -1.599  1.00 7.83  ? 73  VAL A CA  1 
ATOM   546  C C   . VAL A 1 73  ? 6.430   -3.568  -2.714  1.00 12.75 ? 73  VAL A C   1 
ATOM   547  O O   . VAL A 1 73  ? 5.851   -4.584  -3.112  1.00 11.27 ? 73  VAL A O   1 
ATOM   548  C CB  . VAL A 1 73  ? 6.059   -3.476  -0.283  1.00 12.89 ? 73  VAL A CB  1 
ATOM   549  C CG1 . VAL A 1 73  ? 7.525   -3.646  0.104   1.00 8.37  ? 73  VAL A CG1 1 
ATOM   550  C CG2 . VAL A 1 73  ? 5.308   -2.796  0.853   1.00 17.87 ? 73  VAL A CG2 1 
ATOM   551  N N   . LEU A 1 74  ? 7.606   -3.145  -3.159  1.00 9.48  ? 74  LEU A N   1 
ATOM   552  C CA  . LEU A 1 74  ? 8.358   -3.859  -4.201  1.00 5.83  ? 74  LEU A CA  1 
ATOM   553  C C   . LEU A 1 74  ? 9.206   -4.848  -3.426  1.00 10.47 ? 74  LEU A C   1 
ATOM   554  O O   . LEU A 1 74  ? 9.940   -4.405  -2.503  1.00 11.56 ? 74  LEU A O   1 
ATOM   555  C CB  . LEU A 1 74  ? 9.174   -2.823  -4.969  1.00 5.38  ? 74  LEU A CB  1 
ATOM   556  C CG  . LEU A 1 74  ? 8.358   -1.698  -5.600  1.00 10.05 ? 74  LEU A CG  1 
ATOM   557  C CD1 . LEU A 1 74  ? 9.246   -0.947  -6.609  1.00 12.01 ? 74  LEU A CD1 1 
ATOM   558  C CD2 . LEU A 1 74  ? 7.141   -2.262  -6.301  1.00 14.53 ? 74  LEU A CD2 1 
ATOM   559  N N   . SER A 1 75  ? 9.112   -6.144  -3.680  1.00 5.82  ? 75  SER A N   1 
ATOM   560  C CA  . SER A 1 75  ? 9.896   -7.114  -2.916  1.00 8.56  ? 75  SER A CA  1 
ATOM   561  C C   . SER A 1 75  ? 10.563  -8.092  -3.888  1.00 11.99 ? 75  SER A C   1 
ATOM   562  O O   . SER A 1 75  ? 10.042  -8.128  -4.993  1.00 12.69 ? 75  SER A O   1 
ATOM   563  C CB  . SER A 1 75  ? 8.973   -7.978  -2.030  1.00 6.66  ? 75  SER A CB  1 
ATOM   564  O OG  . SER A 1 75  ? 7.817   -8.307  -2.810  1.00 11.91 ? 75  SER A OG  1 
ATOM   565  N N   . THR A 1 76  ? 11.597  -8.755  -3.415  1.00 8.81  ? 76  THR A N   1 
ATOM   566  C CA  . THR A 1 76  ? 12.260  -9.800  -4.197  1.00 10.46 ? 76  THR A CA  1 
ATOM   567  C C   . THR A 1 76  ? 11.401  -11.061 -4.163  1.00 7.09  ? 76  THR A C   1 
ATOM   568  O O   . THR A 1 76  ? 11.213  -11.683 -5.225  1.00 14.99 ? 76  THR A O   1 
ATOM   569  C CB  . THR A 1 76  ? 13.666  -10.185 -3.675  1.00 7.08  ? 76  THR A CB  1 
ATOM   570  O OG1 . THR A 1 76  ? 14.452  -8.977  -3.837  1.00 12.87 ? 76  THR A OG1 1 
ATOM   571  C CG2 . THR A 1 76  ? 14.327  -11.216 -4.575  1.00 4.73  ? 76  THR A CG2 1 
ATOM   572  N N   . TYR A 1 77  ? 10.870  -11.386 -3.025  1.00 8.21  ? 77  TYR A N   1 
ATOM   573  C CA  . TYR A 1 77  ? 10.007  -12.572 -2.824  1.00 8.79  ? 77  TYR A CA  1 
ATOM   574  C C   . TYR A 1 77  ? 8.725   -12.109 -2.128  1.00 12.09 ? 77  TYR A C   1 
ATOM   575  O O   . TYR A 1 77  ? 8.822   -11.279 -1.203  1.00 14.16 ? 77  TYR A O   1 
ATOM   576  C CB  . TYR A 1 77  ? 10.712  -13.604 -1.935  1.00 4.93  ? 77  TYR A CB  1 
ATOM   577  C CG  . TYR A 1 77  ? 12.127  -13.978 -2.260  1.00 10.91 ? 77  TYR A CG  1 
ATOM   578  C CD1 . TYR A 1 77  ? 12.431  -14.568 -3.494  1.00 10.88 ? 77  TYR A CD1 1 
ATOM   579  C CD2 . TYR A 1 77  ? 13.166  -13.838 -1.335  1.00 8.40  ? 77  TYR A CD2 1 
ATOM   580  C CE1 . TYR A 1 77  ? 13.721  -14.954 -3.825  1.00 6.08  ? 77  TYR A CE1 1 
ATOM   581  C CE2 . TYR A 1 77  ? 14.447  -14.196 -1.687  1.00 9.50  ? 77  TYR A CE2 1 
ATOM   582  C CZ  . TYR A 1 77  ? 14.713  -14.769 -2.901  1.00 9.14  ? 77  TYR A CZ  1 
ATOM   583  O OH  . TYR A 1 77  ? 16.000  -15.164 -3.219  1.00 9.26  ? 77  TYR A OH  1 
ATOM   584  N N   . PRO A 1 78  ? 7.586   -12.612 -2.595  1.00 11.07 ? 78  PRO A N   1 
ATOM   585  C CA  . PRO A 1 78  ? 6.286   -12.197 -2.015  1.00 5.82  ? 78  PRO A CA  1 
ATOM   586  C C   . PRO A 1 78  ? 6.288   -12.488 -0.531  1.00 8.46  ? 78  PRO A C   1 
ATOM   587  O O   . PRO A 1 78  ? 6.901   -13.482 -0.083  1.00 11.36 ? 78  PRO A O   1 
ATOM   588  C CB  . PRO A 1 78  ? 5.262   -13.030 -2.781  1.00 4.67  ? 78  PRO A CB  1 
ATOM   589  C CG  . PRO A 1 78  ? 5.979   -13.400 -4.070  1.00 7.23  ? 78  PRO A CG  1 
ATOM   590  C CD  . PRO A 1 78  ? 7.452   -13.615 -3.660  1.00 4.85  ? 78  PRO A CD  1 
ATOM   591  N N   . LEU A 1 79  ? 5.615   -11.638 0.219   1.00 4.36  ? 79  LEU A N   1 
ATOM   592  C CA  . LEU A 1 79  ? 5.527   -11.794 1.686   1.00 5.51  ? 79  LEU A CA  1 
ATOM   593  C C   . LEU A 1 79  ? 4.286   -12.534 2.043   1.00 10.37 ? 79  LEU A C   1 
ATOM   594  O O   . LEU A 1 79  ? 3.663   -13.145 1.129   1.00 17.86 ? 79  LEU A O   1 
ATOM   595  C CB  . LEU A 1 79  ? 5.674   -10.369 2.269   1.00 2.09  ? 79  LEU A CB  1 
ATOM   596  C CG  . LEU A 1 79  ? 6.960   -9.655  1.793   1.00 4.28  ? 79  LEU A CG  1 
ATOM   597  C CD1 . LEU A 1 79  ? 6.868   -8.153  1.950   1.00 10.78 ? 79  LEU A CD1 1 
ATOM   598  C CD2 . LEU A 1 79  ? 8.149   -10.178 2.632   1.00 5.32  ? 79  LEU A CD2 1 
ATOM   599  N N   . LEU A 1 80  ? 3.928   -12.592 3.308   1.00 6.12  ? 80  LEU A N   1 
ATOM   600  C CA  . LEU A 1 80  ? 2.697   -13.340 3.708   1.00 8.65  ? 80  LEU A CA  1 
ATOM   601  C C   . LEU A 1 80  ? 1.783   -12.424 4.478   1.00 6.80  ? 80  LEU A C   1 
ATOM   602  O O   . LEU A 1 80  ? 2.287   -11.448 5.064   1.00 9.65  ? 80  LEU A O   1 
ATOM   603  C CB  . LEU A 1 80  ? 3.177   -14.436 4.676   1.00 7.56  ? 80  LEU A CB  1 
ATOM   604  C CG  . LEU A 1 80  ? 3.705   -15.740 4.094   1.00 10.39 ? 80  LEU A CG  1 
ATOM   605  C CD1 . LEU A 1 80  ? 4.393   -16.587 5.139   1.00 7.07  ? 80  LEU A CD1 1 
ATOM   606  C CD2 . LEU A 1 80  ? 2.546   -16.528 3.495   1.00 13.40 ? 80  LEU A CD2 1 
ATOM   607  N N   . PRO A 1 81  ? 0.480   -12.694 4.466   1.00 10.82 ? 81  PRO A N   1 
ATOM   608  C CA  . PRO A 1 81  ? -0.455  -11.858 5.202   1.00 7.24  ? 81  PRO A CA  1 
ATOM   609  C C   . PRO A 1 81  ? -0.138  -11.843 6.673   1.00 5.64  ? 81  PRO A C   1 
ATOM   610  O O   . PRO A 1 81  ? 0.117   -12.935 7.264   1.00 6.45  ? 81  PRO A O   1 
ATOM   611  C CB  . PRO A 1 81  ? -1.839  -12.466 4.934   1.00 6.56  ? 81  PRO A CB  1 
ATOM   612  C CG  . PRO A 1 81  ? -1.631  -13.319 3.719   1.00 9.98  ? 81  PRO A CG  1 
ATOM   613  C CD  . PRO A 1 81  ? -0.171  -13.809 3.764   1.00 3.28  ? 81  PRO A CD  1 
ATOM   614  N N   . GLY A 1 82  ? -0.200  -10.682 7.272   1.00 6.39  ? 82  GLY A N   1 
ATOM   615  C CA  . GLY A 1 82  ? 0.023   -10.552 8.712   1.00 5.62  ? 82  GLY A CA  1 
ATOM   616  C C   . GLY A 1 82  ? 1.418   -10.398 9.204   1.00 7.02  ? 82  GLY A C   1 
ATOM   617  O O   . GLY A 1 82  ? 1.580   -10.315 10.451  1.00 12.39 ? 82  GLY A O   1 
ATOM   618  N N   . VAL A 1 83  ? 2.415   -10.365 8.340   1.00 7.49  ? 83  VAL A N   1 
ATOM   619  C CA  . VAL A 1 83  ? 3.792   -10.152 8.794   1.00 9.74  ? 83  VAL A CA  1 
ATOM   620  C C   . VAL A 1 83  ? 4.071   -8.653  8.733   1.00 10.73 ? 83  VAL A C   1 
ATOM   621  O O   . VAL A 1 83  ? 3.414   -7.932  7.971   1.00 12.64 ? 83  VAL A O   1 
ATOM   622  C CB  . VAL A 1 83  ? 4.838   -10.941 7.989   1.00 16.66 ? 83  VAL A CB  1 
ATOM   623  C CG1 . VAL A 1 83  ? 4.411   -12.389 7.763   1.00 12.94 ? 83  VAL A CG1 1 
ATOM   624  C CG2 . VAL A 1 83  ? 5.116   -10.297 6.672   1.00 13.82 ? 83  VAL A CG2 1 
ATOM   625  N N   . VAL A 1 84  ? 4.998   -8.222  9.600   1.00 6.99  ? 84  VAL A N   1 
ATOM   626  C CA  . VAL A 1 84  ? 5.392   -6.821  9.675   1.00 5.76  ? 84  VAL A CA  1 
ATOM   627  C C   . VAL A 1 84  ? 6.702   -6.589  8.980   1.00 6.63  ? 84  VAL A C   1 
ATOM   628  O O   . VAL A 1 84  ? 7.640   -7.366  9.240   1.00 13.09 ? 84  VAL A O   1 
ATOM   629  C CB  . VAL A 1 84  ? 5.522   -6.393  11.162  1.00 11.33 ? 84  VAL A CB  1 
ATOM   630  C CG1 . VAL A 1 84  ? 5.974   -4.942  11.187  1.00 8.40  ? 84  VAL A CG1 1 
ATOM   631  C CG2 . VAL A 1 84  ? 4.182   -6.496  11.884  1.00 9.67  ? 84  VAL A CG2 1 
ATOM   632  N N   . VAL A 1 85  ? 6.806   -5.586  8.105   1.00 9.20  ? 85  VAL A N   1 
ATOM   633  C CA  . VAL A 1 85  ? 8.144   -5.430  7.451   1.00 4.19  ? 85  VAL A CA  1 
ATOM   634  C C   . VAL A 1 85  ? 8.475   -3.972  7.463   1.00 2.16  ? 85  VAL A C   1 
ATOM   635  O O   . VAL A 1 85  ? 7.553   -3.135  7.446   1.00 8.96  ? 85  VAL A O   1 
ATOM   636  C CB  . VAL A 1 85  ? 8.086   -6.061  6.052   1.00 8.53  ? 85  VAL A CB  1 
ATOM   637  C CG1 . VAL A 1 85  ? 6.713   -5.861  5.410   1.00 14.74 ? 85  VAL A CG1 1 
ATOM   638  C CG2 . VAL A 1 85  ? 9.090   -5.485  5.067   1.00 11.69 ? 85  VAL A CG2 1 
ATOM   639  N N   . GLU A 1 86  ? 9.720   -3.614  7.580   1.00 4.93  ? 86  GLU A N   1 
ATOM   640  C CA  . GLU A 1 86  ? 10.194  -2.229  7.515   1.00 5.98  ? 86  GLU A CA  1 
ATOM   641  C C   . GLU A 1 86  ? 10.327  -1.959  6.007   1.00 5.26  ? 86  GLU A C   1 
ATOM   642  O O   . GLU A 1 86  ? 10.976  -2.686  5.242   1.00 11.87 ? 86  GLU A O   1 
ATOM   643  C CB  . GLU A 1 86  ? 11.598  -2.134  8.098   1.00 8.79  ? 86  GLU A CB  1 
ATOM   644  C CG  . GLU A 1 86  ? 11.533  -2.274  9.604   1.00 16.36 ? 86  GLU A CG  1 
ATOM   645  C CD  . GLU A 1 86  ? 12.914  -2.709  10.100  1.00 36.02 ? 86  GLU A CD  1 
ATOM   646  O OE1 . GLU A 1 86  ? 13.205  -3.931  10.096  1.00 34.43 ? 86  GLU A OE1 1 
ATOM   647  O OE2 . GLU A 1 86  ? 13.667  -1.768  10.442  1.00 47.32 ? 86  GLU A OE2 1 
ATOM   648  N N   . VAL A 1 87  ? 9.681   -0.866  5.703   1.00 9.82  ? 87  VAL A N   1 
ATOM   649  C CA  . VAL A 1 87  ? 9.562   -0.419  4.316   1.00 3.38  ? 87  VAL A CA  1 
ATOM   650  C C   . VAL A 1 87  ? 10.148  0.962   4.173   1.00 10.04 ? 87  VAL A C   1 
ATOM   651  O O   . VAL A 1 87  ? 9.822   1.846   4.948   1.00 13.02 ? 87  VAL A O   1 
ATOM   652  C CB  . VAL A 1 87  ? 8.045   -0.413  4.005   1.00 9.61  ? 87  VAL A CB  1 
ATOM   653  C CG1 . VAL A 1 87  ? 7.780   0.314   2.692   1.00 14.30 ? 87  VAL A CG1 1 
ATOM   654  C CG2 . VAL A 1 87  ? 7.570   -1.860  3.817   1.00 9.57  ? 87  VAL A CG2 1 
ATOM   655  N N   . ARG A 1 88  ? 10.970  1.116   3.144   1.00 10.16 ? 88  ARG A N   1 
ATOM   656  C CA  . ARG A 1 88  ? 11.518  2.412   2.773   1.00 5.65  ? 88  ARG A CA  1 
ATOM   657  C C   . ARG A 1 88  ? 10.598  3.101   1.775   1.00 2.98  ? 88  ARG A C   1 
ATOM   658  O O   . ARG A 1 88  ? 10.370  2.674   0.636   1.00 14.06 ? 88  ARG A O   1 
ATOM   659  C CB  . ARG A 1 88  ? 12.945  2.249   2.263   1.00 15.58 ? 88  ARG A CB  1 
ATOM   660  C CG  . ARG A 1 88  ? 13.543  3.511   1.679   1.00 14.17 ? 88  ARG A CG  1 
ATOM   661  C CD  . ARG A 1 88  ? 15.069  3.461   1.592   1.00 14.28 ? 88  ARG A CD  1 
ATOM   662  N NE  . ARG A 1 88  ? 15.346  2.961   0.240   1.00 11.88 ? 88  ARG A NE  1 
ATOM   663  C CZ  . ARG A 1 88  ? 15.781  1.686   0.272   1.00 17.50 ? 88  ARG A CZ  1 
ATOM   664  N NH1 . ARG A 1 88  ? 15.899  1.178   1.480   1.00 16.15 ? 88  ARG A NH1 1 
ATOM   665  N NH2 . ARG A 1 88  ? 16.067  1.097   -0.840  1.00 15.89 ? 88  ARG A NH2 1 
ATOM   666  N N   . VAL A 1 89  ? 10.090  4.290   2.188   1.00 12.09 ? 89  VAL A N   1 
ATOM   667  C CA  . VAL A 1 89  ? 9.200   5.138   1.376   1.00 9.35  ? 89  VAL A CA  1 
ATOM   668  C C   . VAL A 1 89  ? 9.887   5.868   0.241   1.00 9.10  ? 89  VAL A C   1 
ATOM   669  O O   . VAL A 1 89  ? 10.728  6.751   0.487   1.00 20.19 ? 89  VAL A O   1 
ATOM   670  C CB  . VAL A 1 89  ? 8.474   6.199   2.241   1.00 7.13  ? 89  VAL A CB  1 
ATOM   671  C CG1 . VAL A 1 89  ? 7.409   6.923   1.433   1.00 8.04  ? 89  VAL A CG1 1 
ATOM   672  C CG2 . VAL A 1 89  ? 7.837   5.495   3.434   1.00 5.28  ? 89  VAL A CG2 1 
ATOM   673  N N   . VAL A 1 90  ? 9.452   5.599   -0.979  1.00 11.22 ? 90  VAL A N   1 
ATOM   674  C CA  . VAL A 1 90  ? 10.111  6.311   -2.108  1.00 8.55  ? 90  VAL A CA  1 
ATOM   675  C C   . VAL A 1 90  ? 9.157   7.086   -2.970  1.00 10.61 ? 90  VAL A C   1 
ATOM   676  O O   . VAL A 1 90  ? 9.644   7.800   -3.875  1.00 16.41 ? 90  VAL A O   1 
ATOM   677  C CB  . VAL A 1 90  ? 10.915  5.258   -2.916  1.00 7.99  ? 90  VAL A CB  1 
ATOM   678  C CG1 . VAL A 1 90  ? 11.822  4.465   -1.978  1.00 7.55  ? 90  VAL A CG1 1 
ATOM   679  C CG2 . VAL A 1 90  ? 9.995   4.300   -3.649  1.00 12.33 ? 90  VAL A CG2 1 
ATOM   680  N N   . GLY A 1 91  ? 7.842   7.048   -2.767  1.00 10.34 ? 91  GLY A N   1 
ATOM   681  C CA  . GLY A 1 91  ? 6.884   7.732   -3.614  1.00 7.93  ? 91  GLY A CA  1 
ATOM   682  C C   . GLY A 1 91  ? 5.421   7.599   -3.274  1.00 8.07  ? 91  GLY A C   1 
ATOM   683  O O   . GLY A 1 91  ? 5.066   6.960   -2.296  1.00 10.12 ? 91  GLY A O   1 
ATOM   684  N N   . LEU A 1 92  ? 4.508   8.212   -4.045  1.00 9.95  ? 92  LEU A N   1 
ATOM   685  C CA  . LEU A 1 92  ? 3.072   8.149   -3.825  1.00 11.77 ? 92  LEU A CA  1 
ATOM   686  C C   . LEU A 1 92  ? 2.378   7.863   -5.167  1.00 13.95 ? 92  LEU A C   1 
ATOM   687  O O   . LEU A 1 92  ? 2.823   8.331   -6.207  1.00 16.38 ? 92  LEU A O   1 
ATOM   688  C CB  . LEU A 1 92  ? 2.424   9.501   -3.432  1.00 8.81  ? 92  LEU A CB  1 
ATOM   689  C CG  . LEU A 1 92  ? 2.500   9.960   -2.006  1.00 16.77 ? 92  LEU A CG  1 
ATOM   690  C CD1 . LEU A 1 92  ? 1.732   11.274  -1.771  1.00 9.94  ? 92  LEU A CD1 1 
ATOM   691  C CD2 . LEU A 1 92  ? 1.996   8.892   -1.020  1.00 8.99  ? 92  LEU A CD2 1 
ATOM   692  N N   . LEU A 1 93  ? 1.281   7.153   -5.028  1.00 17.67 ? 93  LEU A N   1 
ATOM   693  C CA  . LEU A 1 93  ? 0.408   6.893   -6.160  1.00 14.25 ? 93  LEU A CA  1 
ATOM   694  C C   . LEU A 1 93  ? -0.912  7.579   -5.741  1.00 11.97 ? 93  LEU A C   1 
ATOM   695  O O   . LEU A 1 93  ? -1.510  7.253   -4.721  1.00 12.02 ? 93  LEU A O   1 
ATOM   696  C CB  . LEU A 1 93  ? 0.199   5.441   -6.534  1.00 10.02 ? 93  LEU A CB  1 
ATOM   697  C CG  . LEU A 1 93  ? -0.773  5.143   -7.666  1.00 13.39 ? 93  LEU A CG  1 
ATOM   698  C CD1 . LEU A 1 93  ? -0.354  5.853   -8.937  1.00 15.25 ? 93  LEU A CD1 1 
ATOM   699  C CD2 . LEU A 1 93  ? -0.837  3.648   -7.926  1.00 23.09 ? 93  LEU A CD2 1 
ATOM   700  N N   . LEU A 1 94  ? -1.271  8.571   -6.538  1.00 19.83 ? 94  LEU A N   1 
ATOM   701  C CA  . LEU A 1 94  ? -2.528  9.318   -6.302  1.00 12.47 ? 94  LEU A CA  1 
ATOM   702  C C   . LEU A 1 94  ? -3.606  8.681   -7.164  1.00 15.60 ? 94  LEU A C   1 
ATOM   703  O O   . LEU A 1 94  ? -3.332  8.390   -8.344  1.00 15.44 ? 94  LEU A O   1 
ATOM   704  C CB  . LEU A 1 94  ? -2.323  10.775  -6.685  1.00 12.67 ? 94  LEU A CB  1 
ATOM   705  C CG  . LEU A 1 94  ? -1.206  11.509  -5.952  1.00 15.66 ? 94  LEU A CG  1 
ATOM   706  C CD1 . LEU A 1 94  ? -1.104  12.939  -6.408  1.00 18.39 ? 94  LEU A CD1 1 
ATOM   707  C CD2 . LEU A 1 94  ? -1.356  11.410  -4.444  1.00 20.07 ? 94  LEU A CD2 1 
ATOM   708  N N   . MET A 1 95  ? -4.785  8.498   -6.597  1.00 16.50 ? 95  MET A N   1 
ATOM   709  C CA  . MET A 1 95  ? -5.919  7.942   -7.353  1.00 19.06 ? 95  MET A CA  1 
ATOM   710  C C   . MET A 1 95  ? -7.245  8.402   -6.777  1.00 23.52 ? 95  MET A C   1 
ATOM   711  O O   . MET A 1 95  ? -7.318  8.904   -5.633  1.00 23.17 ? 95  MET A O   1 
ATOM   712  C CB  . MET A 1 95  ? -5.782  6.416   -7.417  1.00 24.24 ? 95  MET A CB  1 
ATOM   713  C CG  . MET A 1 95  ? -5.528  5.712   -6.098  1.00 35.70 ? 95  MET A CG  1 
ATOM   714  S SD  . MET A 1 95  ? -5.483  3.899   -6.271  1.00 35.88 ? 95  MET A SD  1 
ATOM   715  C CE  . MET A 1 95  ? -4.368  3.776   -7.678  1.00 33.80 ? 95  MET A CE  1 
ATOM   716  N N   . GLU A 1 96  ? -8.288  8.273   -7.573  1.00 27.16 ? 96  GLU A N   1 
ATOM   717  C CA  . GLU A 1 96  ? -9.661  8.640   -7.174  1.00 31.34 ? 96  GLU A CA  1 
ATOM   718  C C   . GLU A 1 96  ? -10.437 7.314   -7.293  1.00 33.85 ? 96  GLU A C   1 
ATOM   719  O O   . GLU A 1 96  ? -10.300 6.696   -8.358  1.00 32.17 ? 96  GLU A O   1 
ATOM   720  C CB  . GLU A 1 96  ? -10.352 9.618   -8.088  1.00 37.70 ? 96  GLU A CB  1 
ATOM   721  C CG  . GLU A 1 96  ? -9.610  10.795  -8.645  1.00 53.10 ? 96  GLU A CG  1 
ATOM   722  C CD  . GLU A 1 96  ? -9.726  12.071  -7.842  1.00 63.57 ? 96  GLU A CD  1 
ATOM   723  O OE1 . GLU A 1 96  ? -9.338  12.080  -6.653  1.00 67.26 ? 96  GLU A OE1 1 
ATOM   724  O OE2 . GLU A 1 96  ? -10.215 13.093  -8.389  1.00 68.92 ? 96  GLU A OE2 1 
ATOM   725  N N   . ASP A 1 97  ? -11.133 6.953   -6.255  1.00 38.21 ? 97  ASP A N   1 
ATOM   726  C CA  . ASP A 1 97  ? -11.914 5.695   -6.307  1.00 45.01 ? 97  ASP A CA  1 
ATOM   727  C C   . ASP A 1 97  ? -13.347 6.052   -5.939  1.00 49.79 ? 97  ASP A C   1 
ATOM   728  O O   . ASP A 1 97  ? -13.645 7.222   -5.641  1.00 44.96 ? 97  ASP A O   1 
ATOM   729  C CB  . ASP A 1 97  ? -11.293 4.593   -5.472  1.00 46.94 ? 97  ASP A CB  1 
ATOM   730  C CG  . ASP A 1 97  ? -11.431 4.941   -3.994  1.00 50.58 ? 97  ASP A CG  1 
ATOM   731  O OD1 . ASP A 1 97  ? -11.717 6.140   -3.760  1.00 49.81 ? 97  ASP A OD1 1 
ATOM   732  O OD2 . ASP A 1 97  ? -11.285 4.070   -3.127  1.00 55.19 ? 97  ASP A OD2 1 
ATOM   733  N N   . GLU A 1 98  ? -14.215 5.074   -6.050  1.00 58.68 ? 98  GLU A N   1 
ATOM   734  C CA  . GLU A 1 98  ? -15.649 5.213   -5.767  1.00 64.24 ? 98  GLU A CA  1 
ATOM   735  C C   . GLU A 1 98  ? -15.875 6.184   -4.619  1.00 69.02 ? 98  GLU A C   1 
ATOM   736  O O   . GLU A 1 98  ? -16.477 7.250   -4.775  1.00 74.33 ? 98  GLU A O   1 
ATOM   737  C CB  . GLU A 1 98  ? -16.103 3.787   -5.332  1.00 60.89 ? 98  GLU A CB  1 
ATOM   738  C CG  . GLU A 1 98  ? -14.956 3.222   -4.467  1.00 68.22 ? 98  GLU A CG  1 
ATOM   739  C CD  . GLU A 1 98  ? -15.240 1.803   -4.041  1.00 73.73 ? 98  GLU A CD  1 
ATOM   740  O OE1 . GLU A 1 98  ? -16.451 1.484   -4.054  1.00 78.91 ? 98  GLU A OE1 1 
ATOM   741  O OE2 . GLU A 1 98  ? -14.290 1.055   -3.716  1.00 75.61 ? 98  GLU A OE2 1 
ATOM   742  N N   . LYS A 1 99  ? -15.348 5.770   -3.477  1.00 71.65 ? 99  LYS A N   1 
ATOM   743  C CA  . LYS A 1 99  ? -15.388 6.446   -2.189  1.00 72.16 ? 99  LYS A CA  1 
ATOM   744  C C   . LYS A 1 99  ? -14.824 7.848   -2.226  1.00 71.16 ? 99  LYS A C   1 
ATOM   745  O O   . LYS A 1 99  ? -15.479 8.772   -1.706  1.00 74.95 ? 99  LYS A O   1 
ATOM   746  C CB  . LYS A 1 99  ? -14.761 5.554   -1.104  1.00 73.97 ? 99  LYS A CB  1 
ATOM   747  C CG  . LYS A 1 99  ? -15.544 4.237   -0.928  1.00 75.89 ? 99  LYS A CG  1 
ATOM   748  C CD  . LYS A 1 99  ? -16.973 4.508   -0.475  1.00 74.83 ? 99  LYS A CD  1 
ATOM   749  C CE  . LYS A 1 99  ? -17.925 3.361   -0.718  1.00 75.44 ? 99  LYS A CE  1 
ATOM   750  N NZ  . LYS A 1 99  ? -17.780 2.213   0.216   1.00 72.29 ? 99  LYS A NZ  1 
ATOM   751  N N   . GLY A 1 100 ? -13.681 8.053   -2.865  1.00 68.58 ? 100 GLY A N   1 
ATOM   752  C CA  . GLY A 1 100 ? -13.081 9.376   -3.017  1.00 61.39 ? 100 GLY A CA  1 
ATOM   753  C C   . GLY A 1 100 ? -11.644 9.379   -3.505  1.00 56.58 ? 100 GLY A C   1 
ATOM   754  O O   . GLY A 1 100 ? -11.175 8.515   -4.256  1.00 60.28 ? 100 GLY A O   1 
ATOM   755  N N   . GLY A 1 101 ? -10.959 10.429  -3.075  1.00 48.53 ? 101 GLY A N   1 
ATOM   756  C CA  . GLY A 1 101 ? -9.537  10.647  -3.364  1.00 44.37 ? 101 GLY A CA  1 
ATOM   757  C C   . GLY A 1 101 ? -8.786  9.592   -2.528  1.00 42.26 ? 101 GLY A C   1 
ATOM   758  O O   . GLY A 1 101 ? -9.385  9.016   -1.607  1.00 46.46 ? 101 GLY A O   1 
ATOM   759  N N   . ASP A 1 102 ? -7.540  9.392   -2.892  1.00 37.26 ? 102 ASP A N   1 
ATOM   760  C CA  . ASP A 1 102 ? -6.714  8.387   -2.180  1.00 32.39 ? 102 ASP A CA  1 
ATOM   761  C C   . ASP A 1 102 ? -5.280  8.517   -2.663  1.00 27.89 ? 102 ASP A C   1 
ATOM   762  O O   . ASP A 1 102 ? -5.076  9.000   -3.787  1.00 34.91 ? 102 ASP A O   1 
ATOM   763  C CB  . ASP A 1 102 ? -7.336  7.066   -2.529  1.00 30.90 ? 102 ASP A CB  1 
ATOM   764  C CG  . ASP A 1 102 ? -6.864  5.829   -1.825  1.00 41.62 ? 102 ASP A CG  1 
ATOM   765  O OD1 . ASP A 1 102 ? -6.300  5.854   -0.714  1.00 43.90 ? 102 ASP A OD1 1 
ATOM   766  O OD2 . ASP A 1 102 ? -7.138  4.754   -2.437  1.00 44.19 ? 102 ASP A OD2 1 
ATOM   767  N N   . ALA A 1 103 ? -4.342  8.190   -1.812  1.00 20.87 ? 103 ALA A N   1 
ATOM   768  C CA  . ALA A 1 103 ? -2.917  8.241   -2.117  1.00 18.38 ? 103 ALA A CA  1 
ATOM   769  C C   . ALA A 1 103 ? -2.354  6.956   -1.506  1.00 18.60 ? 103 ALA A C   1 
ATOM   770  O O   . ALA A 1 103 ? -2.712  6.772   -0.334  1.00 20.72 ? 103 ALA A O   1 
ATOM   771  C CB  . ALA A 1 103 ? -2.194  9.370   -1.403  1.00 17.03 ? 103 ALA A CB  1 
ATOM   772  N N   . LYS A 1 104 ? -1.617  6.198   -2.283  1.00 19.50 ? 104 LYS A N   1 
ATOM   773  C CA  . LYS A 1 104 ? -1.006  4.959   -1.696  1.00 10.27 ? 104 LYS A CA  1 
ATOM   774  C C   . LYS A 1 104 ? 0.478   5.200   -1.627  1.00 8.88  ? 104 LYS A C   1 
ATOM   775  O O   . LYS A 1 104 ? 0.982   5.882   -2.524  1.00 16.09 ? 104 LYS A O   1 
ATOM   776  C CB  . LYS A 1 104 ? -1.417  3.778   -2.610  1.00 7.59  ? 104 LYS A CB  1 
ATOM   777  C CG  . LYS A 1 104 ? -2.935  3.618   -2.408  1.00 14.16 ? 104 LYS A CG  1 
ATOM   778  C CD  . LYS A 1 104 ? -3.484  2.340   -2.957  1.00 18.44 ? 104 LYS A CD  1 
ATOM   779  C CE  . LYS A 1 104 ? -4.947  2.125   -2.707  1.00 18.24 ? 104 LYS A CE  1 
ATOM   780  N NZ  . LYS A 1 104 ? -5.446  2.542   -1.372  1.00 25.15 ? 104 LYS A NZ  1 
ATOM   781  N N   . VAL A 1 105 ? 1.147   4.691   -0.605  1.00 8.84  ? 105 VAL A N   1 
ATOM   782  C CA  . VAL A 1 105 ? 2.615   4.851   -0.474  1.00 9.86  ? 105 VAL A CA  1 
ATOM   783  C C   . VAL A 1 105 ? 3.296   3.778   -1.313  1.00 10.85 ? 105 VAL A C   1 
ATOM   784  O O   . VAL A 1 105 ? 2.708   2.698   -1.459  1.00 12.21 ? 105 VAL A O   1 
ATOM   785  C CB  . VAL A 1 105 ? 2.987   4.778   1.004   1.00 9.89  ? 105 VAL A CB  1 
ATOM   786  C CG1 . VAL A 1 105 ? 4.469   4.580   1.267   1.00 18.08 ? 105 VAL A CG1 1 
ATOM   787  C CG2 . VAL A 1 105 ? 2.494   6.036   1.747   1.00 17.21 ? 105 VAL A CG2 1 
ATOM   788  N N   . ILE A 1 106 ? 4.399   4.050   -1.962  1.00 7.36  ? 106 ILE A N   1 
ATOM   789  C CA  . ILE A 1 106 ? 5.131   3.089   -2.791  1.00 5.74  ? 106 ILE A CA  1 
ATOM   790  C C   . ILE A 1 106 ? 6.397   2.842   -1.959  1.00 10.34 ? 106 ILE A C   1 
ATOM   791  O O   . ILE A 1 106 ? 7.038   3.822   -1.563  1.00 11.44 ? 106 ILE A O   1 
ATOM   792  C CB  . ILE A 1 106 ? 5.423   3.578   -4.199  1.00 8.15  ? 106 ILE A CB  1 
ATOM   793  C CG1 . ILE A 1 106 ? 4.116   3.869   -4.971  1.00 5.09  ? 106 ILE A CG1 1 
ATOM   794  C CG2 . ILE A 1 106 ? 6.234   2.625   -5.071  1.00 11.42 ? 106 ILE A CG2 1 
ATOM   795  C CD1 . ILE A 1 106 ? 3.282   2.602   -5.026  1.00 12.70 ? 106 ILE A CD1 1 
ATOM   796  N N   . GLY A 1 107 ? 6.705   1.569   -1.645  1.00 6.19  ? 107 GLY A N   1 
ATOM   797  C CA  . GLY A 1 107 ? 7.938   1.396   -0.853  1.00 12.30 ? 107 GLY A CA  1 
ATOM   798  C C   . GLY A 1 107 ? 8.699   0.162   -1.305  1.00 9.52  ? 107 GLY A C   1 
ATOM   799  O O   . GLY A 1 107 ? 8.234   -0.518  -2.213  1.00 10.17 ? 107 GLY A O   1 
ATOM   800  N N   . VAL A 1 108 ? 9.861   -0.030  -0.690  1.00 10.33 ? 108 VAL A N   1 
ATOM   801  C CA  . VAL A 1 108 ? 10.677  -1.184  -1.050  1.00 12.24 ? 108 VAL A CA  1 
ATOM   802  C C   . VAL A 1 108 ? 11.042  -1.849  0.277   1.00 14.24 ? 108 VAL A C   1 
ATOM   803  O O   . VAL A 1 108 ? 11.136  -1.084  1.206   1.00 16.06 ? 108 VAL A O   1 
ATOM   804  C CB  . VAL A 1 108 ? 11.992  -0.807  -1.746  1.00 20.29 ? 108 VAL A CB  1 
ATOM   805  C CG1 . VAL A 1 108 ? 11.748  -0.467  -3.210  1.00 16.49 ? 108 VAL A CG1 1 
ATOM   806  C CG2 . VAL A 1 108 ? 12.637  0.402   -1.105  1.00 17.47 ? 108 VAL A CG2 1 
ATOM   807  N N   . VAL A 1 109 ? 11.243  -3.148  0.254   1.00 7.95  ? 109 VAL A N   1 
ATOM   808  C CA  . VAL A 1 109 ? 11.686  -3.835  1.473   1.00 7.59  ? 109 VAL A CA  1 
ATOM   809  C C   . VAL A 1 109 ? 13.029  -3.207  1.828   1.00 8.25  ? 109 VAL A C   1 
ATOM   810  O O   . VAL A 1 109 ? 13.957  -3.274  1.021   1.00 10.64 ? 109 VAL A O   1 
ATOM   811  C CB  . VAL A 1 109 ? 11.826  -5.317  1.117   1.00 8.76  ? 109 VAL A CB  1 
ATOM   812  C CG1 . VAL A 1 109 ? 12.541  -6.154  2.155   1.00 3.14  ? 109 VAL A CG1 1 
ATOM   813  C CG2 . VAL A 1 109 ? 10.385  -5.851  0.941   1.00 5.16  ? 109 VAL A CG2 1 
ATOM   814  N N   . ALA A 1 110 ? 13.107  -2.626  3.020   1.00 7.89  ? 110 ALA A N   1 
ATOM   815  C CA  . ALA A 1 110 ? 14.275  -1.914  3.492   1.00 7.76  ? 110 ALA A CA  1 
ATOM   816  C C   . ALA A 1 110 ? 15.487  -2.801  3.708   1.00 14.40 ? 110 ALA A C   1 
ATOM   817  O O   . ALA A 1 110 ? 16.634  -2.384  3.499   1.00 11.98 ? 110 ALA A O   1 
ATOM   818  C CB  . ALA A 1 110 ? 13.946  -1.202  4.802   1.00 10.18 ? 110 ALA A CB  1 
ATOM   819  N N   . GLU A 1 111 ? 15.244  -4.017  4.152   1.00 11.42 ? 111 GLU A N   1 
ATOM   820  C CA  . GLU A 1 111 ? 16.360  -4.947  4.434   1.00 12.60 ? 111 GLU A CA  1 
ATOM   821  C C   . GLU A 1 111 ? 16.596  -5.942  3.330   1.00 11.82 ? 111 GLU A C   1 
ATOM   822  O O   . GLU A 1 111 ? 16.704  -7.111  3.659   1.00 10.86 ? 111 GLU A O   1 
ATOM   823  C CB  . GLU A 1 111 ? 16.100  -5.672  5.760   1.00 17.36 ? 111 GLU A CB  1 
ATOM   824  C CG  . GLU A 1 111 ? 16.027  -4.733  6.957   1.00 22.44 ? 111 GLU A CG  1 
ATOM   825  C CD  . GLU A 1 111 ? 17.384  -4.160  7.320   1.00 24.86 ? 111 GLU A CD  1 
ATOM   826  O OE1 . GLU A 1 111 ? 18.419  -4.799  7.062   1.00 26.86 ? 111 GLU A OE1 1 
ATOM   827  O OE2 . GLU A 1 111 ? 17.459  -3.037  7.870   1.00 37.27 ? 111 GLU A OE2 1 
ATOM   828  N N   . ASP A 1 112 ? 16.680  -5.528  2.090   1.00 14.80 ? 112 ASP A N   1 
ATOM   829  C CA  . ASP A 1 112 ? 16.961  -6.433  0.956   1.00 9.29  ? 112 ASP A CA  1 
ATOM   830  C C   . ASP A 1 112 ? 17.988  -5.640  0.134   1.00 13.83 ? 112 ASP A C   1 
ATOM   831  O O   . ASP A 1 112 ? 17.559  -4.596  -0.354  1.00 14.03 ? 112 ASP A O   1 
ATOM   832  C CB  . ASP A 1 112 ? 15.726  -6.753  0.151   1.00 6.98  ? 112 ASP A CB  1 
ATOM   833  C CG  . ASP A 1 112 ? 15.967  -7.713  -1.008  1.00 10.04 ? 112 ASP A CG  1 
ATOM   834  O OD1 . ASP A 1 112 ? 17.121  -7.921  -1.385  1.00 13.27 ? 112 ASP A OD1 1 
ATOM   835  O OD2 . ASP A 1 112 ? 15.011  -8.198  -1.657  1.00 10.31 ? 112 ASP A OD2 1 
ATOM   836  N N   . GLN A 1 113 ? 19.229  -6.101  0.132   1.00 12.92 ? 113 GLN A N   1 
ATOM   837  C CA  . GLN A 1 113 ? 20.303  -5.446  -0.620  1.00 10.78 ? 113 GLN A CA  1 
ATOM   838  C C   . GLN A 1 113 ? 20.064  -5.347  -2.099  1.00 11.38 ? 113 GLN A C   1 
ATOM   839  O O   . GLN A 1 113 ? 20.651  -4.457  -2.755  1.00 10.49 ? 113 GLN A O   1 
ATOM   840  C CB  . GLN A 1 113 ? 21.649  -6.174  -0.391  1.00 15.89 ? 113 GLN A CB  1 
ATOM   841  C CG  . GLN A 1 113 ? 22.016  -6.036  1.094   1.00 23.21 ? 113 GLN A CG  1 
ATOM   842  C CD  . GLN A 1 113 ? 23.385  -6.642  1.378   1.00 29.20 ? 113 GLN A CD  1 
ATOM   843  O OE1 . GLN A 1 113 ? 24.276  -6.363  0.580   1.00 29.32 ? 113 GLN A OE1 1 
ATOM   844  N NE2 . GLN A 1 113 ? 23.556  -7.408  2.444   1.00 28.81 ? 113 GLN A NE2 1 
ATOM   845  N N   . ARG A 1 114 ? 19.212  -6.219  -2.639  1.00 8.05  ? 114 ARG A N   1 
ATOM   846  C CA  . ARG A 1 114 ? 18.924  -6.156  -4.077  1.00 9.26  ? 114 ARG A CA  1 
ATOM   847  C C   . ARG A 1 114 ? 18.139  -4.910  -4.419  1.00 12.30 ? 114 ARG A C   1 
ATOM   848  O O   . ARG A 1 114 ? 18.028  -4.617  -5.640  1.00 16.64 ? 114 ARG A O   1 
ATOM   849  C CB  . ARG A 1 114 ? 18.083  -7.362  -4.500  1.00 5.25  ? 114 ARG A CB  1 
ATOM   850  C CG  . ARG A 1 114 ? 18.795  -8.693  -4.423  1.00 12.12 ? 114 ARG A CG  1 
ATOM   851  C CD  . ARG A 1 114 ? 17.790  -9.824  -4.683  1.00 5.56  ? 114 ARG A CD  1 
ATOM   852  N NE  . ARG A 1 114 ? 18.321  -11.069 -4.166  1.00 5.98  ? 114 ARG A NE  1 
ATOM   853  C CZ  . ARG A 1 114 ? 18.306  -11.517 -2.926  1.00 14.61 ? 114 ARG A CZ  1 
ATOM   854  N NH1 . ARG A 1 114 ? 17.793  -10.941 -1.856  1.00 10.58 ? 114 ARG A NH1 1 
ATOM   855  N NH2 . ARG A 1 114 ? 18.901  -12.705 -2.782  1.00 2.14  ? 114 ARG A NH2 1 
ATOM   856  N N   . LEU A 1 115 ? 17.606  -4.225  -3.406  1.00 13.85 ? 115 LEU A N   1 
ATOM   857  C CA  . LEU A 1 115 ? 16.770  -3.041  -3.731  1.00 11.23 ? 115 LEU A CA  1 
ATOM   858  C C   . LEU A 1 115 ? 17.314  -1.728  -3.230  1.00 14.09 ? 115 LEU A C   1 
ATOM   859  O O   . LEU A 1 115 ? 16.612  -0.695  -3.331  1.00 17.20 ? 115 LEU A O   1 
ATOM   860  C CB  . LEU A 1 115 ? 15.360  -3.264  -3.155  1.00 14.45 ? 115 LEU A CB  1 
ATOM   861  C CG  . LEU A 1 115 ? 14.695  -4.595  -3.520  1.00 24.04 ? 115 LEU A CG  1 
ATOM   862  C CD1 . LEU A 1 115 ? 13.464  -4.879  -2.650  1.00 19.49 ? 115 LEU A CD1 1 
ATOM   863  C CD2 . LEU A 1 115 ? 14.300  -4.547  -4.984  1.00 17.95 ? 115 LEU A CD2 1 
ATOM   864  N N   . ASP A 1 116 ? 18.503  -1.771  -2.656  1.00 16.27 ? 116 ASP A N   1 
ATOM   865  C CA  . ASP A 1 116 ? 19.143  -0.596  -2.061  1.00 9.67  ? 116 ASP A CA  1 
ATOM   866  C C   . ASP A 1 116 ? 19.238  0.575   -3.008  1.00 14.62 ? 116 ASP A C   1 
ATOM   867  O O   . ASP A 1 116 ? 19.399  1.724   -2.573  1.00 18.53 ? 116 ASP A O   1 
ATOM   868  C CB  . ASP A 1 116 ? 20.560  -0.920  -1.602  1.00 10.61 ? 116 ASP A CB  1 
ATOM   869  C CG  . ASP A 1 116 ? 20.588  -1.578  -0.261  1.00 10.48 ? 116 ASP A CG  1 
ATOM   870  O OD1 . ASP A 1 116 ? 19.519  -1.656  0.369   1.00 25.27 ? 116 ASP A OD1 1 
ATOM   871  O OD2 . ASP A 1 116 ? 21.666  -2.064  0.139   1.00 24.20 ? 116 ASP A OD2 1 
ATOM   872  N N   . HIS A 1 117 ? 19.140  0.284   -4.281  1.00 16.00 ? 117 HIS A N   1 
ATOM   873  C CA  . HIS A 1 117 ? 19.237  1.287   -5.338  1.00 14.32 ? 117 HIS A CA  1 
ATOM   874  C C   . HIS A 1 117 ? 17.976  2.088   -5.631  1.00 18.85 ? 117 HIS A C   1 
ATOM   875  O O   . HIS A 1 117 ? 18.027  3.116   -6.343  1.00 16.89 ? 117 HIS A O   1 
ATOM   876  C CB  . HIS A 1 117 ? 19.716  0.552   -6.610  1.00 23.28 ? 117 HIS A CB  1 
ATOM   877  C CG  . HIS A 1 117 ? 18.764  -0.561  -6.985  1.00 23.73 ? 117 HIS A CG  1 
ATOM   878  N ND1 . HIS A 1 117 ? 17.908  -0.356  -8.067  1.00 20.30 ? 117 HIS A ND1 1 
ATOM   879  C CD2 . HIS A 1 117 ? 18.491  -1.774  -6.449  1.00 19.32 ? 117 HIS A CD2 1 
ATOM   880  C CE1 . HIS A 1 117 ? 17.138  -1.424  -8.201  1.00 20.74 ? 117 HIS A CE1 1 
ATOM   881  N NE2 . HIS A 1 117 ? 17.463  -2.292  -7.232  1.00 24.21 ? 117 HIS A NE2 1 
ATOM   882  N N   . ILE A 1 118 ? 16.826  1.678   -5.115  1.00 14.98 ? 118 ILE A N   1 
ATOM   883  C CA  . ILE A 1 118 ? 15.540  2.356   -5.269  1.00 12.98 ? 118 ILE A CA  1 
ATOM   884  C C   . ILE A 1 118 ? 15.377  3.293   -4.083  1.00 15.42 ? 118 ILE A C   1 
ATOM   885  O O   . ILE A 1 118 ? 15.157  2.848   -2.977  1.00 15.42 ? 118 ILE A O   1 
ATOM   886  C CB  . ILE A 1 118 ? 14.405  1.321   -5.359  1.00 15.27 ? 118 ILE A CB  1 
ATOM   887  C CG1 . ILE A 1 118 ? 14.821  0.360   -6.467  1.00 14.41 ? 118 ILE A CG1 1 
ATOM   888  C CG2 . ILE A 1 118 ? 13.156  2.110   -5.716  1.00 15.86 ? 118 ILE A CG2 1 
ATOM   889  C CD1 . ILE A 1 118 ? 13.949  -0.812  -6.801  1.00 12.05 ? 118 ILE A CD1 1 
ATOM   890  N N   . GLN A 1 119 ? 15.600  4.582   -4.379  1.00 17.19 ? 119 GLN A N   1 
ATOM   891  C CA  . GLN A 1 119 ? 15.585  5.597   -3.340  1.00 10.82 ? 119 GLN A CA  1 
ATOM   892  C C   . GLN A 1 119 ? 14.561  6.673   -3.566  1.00 13.39 ? 119 GLN A C   1 
ATOM   893  O O   . GLN A 1 119 ? 14.135  7.337   -2.589  1.00 15.14 ? 119 GLN A O   1 
ATOM   894  C CB  . GLN A 1 119 ? 17.048  6.023   -3.125  1.00 13.81 ? 119 GLN A CB  1 
ATOM   895  C CG  . GLN A 1 119 ? 18.015  4.959   -2.599  1.00 15.26 ? 119 GLN A CG  1 
ATOM   896  C CD  . GLN A 1 119 ? 18.177  4.741   -1.115  1.00 35.45 ? 119 GLN A CD  1 
ATOM   897  O OE1 . GLN A 1 119 ? 18.008  5.631   -0.242  1.00 34.82 ? 119 GLN A OE1 1 
ATOM   898  N NE2 . GLN A 1 119 ? 18.558  3.504   -0.653  1.00 26.88 ? 119 GLN A NE2 1 
ATOM   899  N N   . ASP A 1 120 ? 14.070  6.788   -4.793  1.00 9.23  ? 120 ASP A N   1 
ATOM   900  C CA  . ASP A 1 120 ? 13.041  7.808   -5.084  1.00 8.14  ? 120 ASP A CA  1 
ATOM   901  C C   . ASP A 1 120 ? 12.181  7.188   -6.168  1.00 14.46 ? 120 ASP A C   1 
ATOM   902  O O   . ASP A 1 120 ? 12.616  6.136   -6.656  1.00 13.03 ? 120 ASP A O   1 
ATOM   903  C CB  . ASP A 1 120 ? 13.660  9.128   -5.449  1.00 14.84 ? 120 ASP A CB  1 
ATOM   904  C CG  . ASP A 1 120 ? 12.859  10.354  -5.105  1.00 20.76 ? 120 ASP A CG  1 
ATOM   905  O OD1 . ASP A 1 120 ? 11.612  10.337  -5.016  1.00 22.93 ? 120 ASP A OD1 1 
ATOM   906  O OD2 . ASP A 1 120 ? 13.496  11.437  -4.961  1.00 22.96 ? 120 ASP A OD2 1 
ATOM   907  N N   . ILE A 1 121 ? 11.077  7.846   -6.467  1.00 15.19 ? 121 ILE A N   1 
ATOM   908  C CA  . ILE A 1 121 ? 10.112  7.314   -7.441  1.00 14.91 ? 121 ILE A CA  1 
ATOM   909  C C   . ILE A 1 121 ? 10.723  7.167   -8.812  1.00 19.31 ? 121 ILE A C   1 
ATOM   910  O O   . ILE A 1 121 ? 10.426  6.242   -9.581  1.00 17.09 ? 121 ILE A O   1 
ATOM   911  C CB  . ILE A 1 121 ? 8.812   8.106   -7.376  1.00 11.57 ? 121 ILE A CB  1 
ATOM   912  C CG1 . ILE A 1 121 ? 7.623   7.365   -7.989  1.00 12.38 ? 121 ILE A CG1 1 
ATOM   913  C CG2 . ILE A 1 121 ? 8.920   9.471   -8.069  1.00 18.46 ? 121 ILE A CG2 1 
ATOM   914  C CD1 . ILE A 1 121 ? 7.286   6.091   -7.227  1.00 8.49  ? 121 ILE A CD1 1 
ATOM   915  N N   . GLY A 1 122 ? 11.648  8.057   -9.134  1.00 17.45 ? 122 GLY A N   1 
ATOM   916  C CA  . GLY A 1 122 ? 12.298  8.049   -10.457 1.00 10.18 ? 122 GLY A CA  1 
ATOM   917  C C   . GLY A 1 122 ? 13.150  6.811   -10.617 1.00 12.10 ? 122 GLY A C   1 
ATOM   918  O O   . GLY A 1 122 ? 13.645  6.566   -11.718 1.00 19.20 ? 122 GLY A O   1 
ATOM   919  N N   . ASP A 1 123 ? 13.378  6.078   -9.563  1.00 11.61 ? 123 ASP A N   1 
ATOM   920  C CA  . ASP A 1 123 ? 14.164  4.869   -9.520  1.00 8.84  ? 123 ASP A CA  1 
ATOM   921  C C   . ASP A 1 123 ? 13.249  3.654   -9.790  1.00 13.30 ? 123 ASP A C   1 
ATOM   922  O O   . ASP A 1 123 ? 13.807  2.588   -10.041 1.00 19.40 ? 123 ASP A O   1 
ATOM   923  C CB  . ASP A 1 123 ? 14.855  4.625   -8.200  1.00 10.25 ? 123 ASP A CB  1 
ATOM   924  C CG  . ASP A 1 123 ? 15.923  5.597   -7.779  1.00 16.56 ? 123 ASP A CG  1 
ATOM   925  O OD1 . ASP A 1 123 ? 16.592  6.130   -8.662  1.00 20.08 ? 123 ASP A OD1 1 
ATOM   926  O OD2 . ASP A 1 123 ? 16.108  5.793   -6.550  1.00 21.18 ? 123 ASP A OD2 1 
ATOM   927  N N   . VAL A 1 124 ? 11.959  3.767   -9.717  1.00 12.15 ? 124 VAL A N   1 
ATOM   928  C CA  . VAL A 1 124 ? 11.088  2.572   -10.005 1.00 10.87 ? 124 VAL A CA  1 
ATOM   929  C C   . VAL A 1 124 ? 11.024  2.569   -11.504 1.00 17.61 ? 124 VAL A C   1 
ATOM   930  O O   . VAL A 1 124 ? 10.638  3.633   -12.045 1.00 22.02 ? 124 VAL A O   1 
ATOM   931  C CB  . VAL A 1 124 ? 9.749   2.793   -9.311  1.00 9.97  ? 124 VAL A CB  1 
ATOM   932  C CG1 . VAL A 1 124 ? 8.739   1.731   -9.717  1.00 14.32 ? 124 VAL A CG1 1 
ATOM   933  C CG2 . VAL A 1 124 ? 9.981   2.615   -7.784  1.00 10.43 ? 124 VAL A CG2 1 
ATOM   934  N N   . PRO A 1 125 ? 11.458  1.506   -12.169 1.00 14.97 ? 125 PRO A N   1 
ATOM   935  C CA  . PRO A 1 125 ? 11.489  1.483   -13.631 1.00 14.14 ? 125 PRO A CA  1 
ATOM   936  C C   . PRO A 1 125 ? 10.134  1.858   -14.197 1.00 14.78 ? 125 PRO A C   1 
ATOM   937  O O   . PRO A 1 125 ? 9.113   1.431   -13.599 1.00 19.48 ? 125 PRO A O   1 
ATOM   938  C CB  . PRO A 1 125 ? 11.919  0.081   -13.967 1.00 13.78 ? 125 PRO A CB  1 
ATOM   939  C CG  . PRO A 1 125 ? 12.222  -0.647  -12.724 1.00 17.88 ? 125 PRO A CG  1 
ATOM   940  C CD  . PRO A 1 125 ? 11.933  0.270   -11.546 1.00 19.38 ? 125 PRO A CD  1 
ATOM   941  N N   . GLU A 1 126 ? 10.032  2.576   -15.310 1.00 10.53 ? 126 GLU A N   1 
ATOM   942  C CA  . GLU A 1 126 ? 8.675   2.862   -15.801 1.00 17.58 ? 126 GLU A CA  1 
ATOM   943  C C   . GLU A 1 126 ? 7.868   1.673   -16.309 1.00 20.05 ? 126 GLU A C   1 
ATOM   944  O O   . GLU A 1 126 ? 6.620   1.829   -16.473 1.00 14.50 ? 126 GLU A O   1 
ATOM   945  C CB  . GLU A 1 126 ? 8.636   3.980   -16.834 1.00 37.68 ? 126 GLU A CB  1 
ATOM   946  C CG  . GLU A 1 126 ? 7.409   4.884   -16.549 1.00 59.39 ? 126 GLU A CG  1 
ATOM   947  C CD  . GLU A 1 126 ? 6.714   5.216   -17.863 1.00 74.50 ? 126 GLU A CD  1 
ATOM   948  O OE1 . GLU A 1 126 ? 7.307   4.834   -18.905 1.00 77.09 ? 126 GLU A OE1 1 
ATOM   949  O OE2 . GLU A 1 126 ? 5.624   5.836   -17.831 1.00 83.40 ? 126 GLU A OE2 1 
ATOM   950  N N   . GLY A 1 127 ? 8.513   0.556   -16.598 1.00 18.03 ? 127 GLY A N   1 
ATOM   951  C CA  . GLY A 1 127 ? 7.770   -0.635  -17.063 1.00 12.94 ? 127 GLY A CA  1 
ATOM   952  C C   . GLY A 1 127 ? 6.954   -1.152  -15.878 1.00 13.05 ? 127 GLY A C   1 
ATOM   953  O O   . GLY A 1 127 ? 5.877   -1.722  -16.025 1.00 19.38 ? 127 GLY A O   1 
ATOM   954  N N   . VAL A 1 128 ? 7.514   -0.935  -14.721 1.00 9.44  ? 128 VAL A N   1 
ATOM   955  C CA  . VAL A 1 128 ? 6.913   -1.305  -13.440 1.00 11.91 ? 128 VAL A CA  1 
ATOM   956  C C   . VAL A 1 128 ? 5.839   -0.317  -13.047 1.00 11.14 ? 128 VAL A C   1 
ATOM   957  O O   . VAL A 1 128 ? 4.700   -0.704  -12.682 1.00 18.42 ? 128 VAL A O   1 
ATOM   958  C CB  . VAL A 1 128 ? 7.963   -1.446  -12.324 1.00 12.08 ? 128 VAL A CB  1 
ATOM   959  C CG1 . VAL A 1 128 ? 7.253   -1.798  -11.026 1.00 11.72 ? 128 VAL A CG1 1 
ATOM   960  C CG2 . VAL A 1 128 ? 8.992   -2.487  -12.700 1.00 13.63 ? 128 VAL A CG2 1 
ATOM   961  N N   . LYS A 1 129 ? 6.095   0.981   -13.126 1.00 7.32  ? 129 LYS A N   1 
ATOM   962  C CA  . LYS A 1 129 ? 5.068   1.956   -12.844 1.00 1.16  ? 129 LYS A CA  1 
ATOM   963  C C   . LYS A 1 129 ? 3.847   1.809   -13.752 1.00 12.66 ? 129 LYS A C   1 
ATOM   964  O O   . LYS A 1 129 ? 2.703   2.082   -13.334 1.00 12.19 ? 129 LYS A O   1 
ATOM   965  C CB  . LYS A 1 129 ? 5.627   3.396   -13.114 1.00 11.01 ? 129 LYS A CB  1 
ATOM   966  C CG  . LYS A 1 129 ? 6.558   3.785   -11.968 1.00 19.63 ? 129 LYS A CG  1 
ATOM   967  C CD  . LYS A 1 129 ? 6.828   5.276   -11.962 1.00 20.95 ? 129 LYS A CD  1 
ATOM   968  C CE  . LYS A 1 129 ? 8.020   5.596   -12.870 1.00 24.17 ? 129 LYS A CE  1 
ATOM   969  N NZ  . LYS A 1 129 ? 8.994   6.427   -12.083 1.00 22.17 ? 129 LYS A NZ  1 
ATOM   970  N N   . GLN A 1 130 ? 4.044   1.353   -14.995 1.00 10.40 ? 130 GLN A N   1 
ATOM   971  C CA  . GLN A 1 130 ? 2.895   1.228   -15.919 1.00 9.36  ? 130 GLN A CA  1 
ATOM   972  C C   . GLN A 1 130 ? 2.018   0.020   -15.543 1.00 5.51  ? 130 GLN A C   1 
ATOM   973  O O   . GLN A 1 130 ? 0.803   -0.003  -15.798 1.00 10.51 ? 130 GLN A O   1 
ATOM   974  C CB  . GLN A 1 130 ? 3.290   1.034   -17.324 1.00 13.97 ? 130 GLN A CB  1 
ATOM   975  C CG  . GLN A 1 130 ? 3.836   1.796   -18.430 1.00 24.06 ? 130 GLN A CG  1 
ATOM   976  C CD  . GLN A 1 130 ? 3.872   0.886   -19.687 1.00 36.38 ? 130 GLN A CD  1 
ATOM   977  O OE1 . GLN A 1 130 ? 3.516   1.448   -20.738 1.00 37.51 ? 130 GLN A OE1 1 
ATOM   978  N NE2 . GLN A 1 130 ? 4.222   -0.406  -19.510 1.00 27.92 ? 130 GLN A NE2 1 
ATOM   979  N N   . GLU A 1 131 ? 2.716   -1.014  -15.059 1.00 10.31 ? 131 GLU A N   1 
ATOM   980  C CA  . GLU A 1 131 ? 2.068   -2.250  -14.618 1.00 7.35  ? 131 GLU A CA  1 
ATOM   981  C C   . GLU A 1 131 ? 1.187   -1.928  -13.424 1.00 11.02 ? 131 GLU A C   1 
ATOM   982  O O   . GLU A 1 131 ? 0.020   -2.353  -13.357 1.00 16.18 ? 131 GLU A O   1 
ATOM   983  C CB  . GLU A 1 131 ? 3.107   -3.346  -14.309 1.00 5.99  ? 131 GLU A CB  1 
ATOM   984  C CG  . GLU A 1 131 ? 2.432   -4.700  -13.993 1.00 3.37  ? 131 GLU A CG  1 
ATOM   985  C CD  . GLU A 1 131 ? 3.470   -5.705  -13.480 1.00 1.16  ? 131 GLU A CD  1 
ATOM   986  O OE1 . GLU A 1 131 ? 4.492   -5.219  -12.983 1.00 11.75 ? 131 GLU A OE1 1 
ATOM   987  O OE2 . GLU A 1 131 ? 3.308   -6.924  -13.651 1.00 14.58 ? 131 GLU A OE2 1 
ATOM   988  N N   . ILE A 1 132 ? 1.761   -1.178  -12.477 1.00 9.21  ? 132 ILE A N   1 
ATOM   989  C CA  . ILE A 1 132 ? 0.987   -0.772  -11.266 1.00 6.80  ? 132 ILE A CA  1 
ATOM   990  C C   . ILE A 1 132 ? -0.232  0.036   -11.636 1.00 12.98 ? 132 ILE A C   1 
ATOM   991  O O   . ILE A 1 132 ? -1.389  -0.298  -11.291 1.00 17.20 ? 132 ILE A O   1 
ATOM   992  C CB  . ILE A 1 132 ? 1.869   -0.093  -10.214 1.00 5.41  ? 132 ILE A CB  1 
ATOM   993  C CG1 . ILE A 1 132 ? 2.954   -1.044  -9.711  1.00 7.73  ? 132 ILE A CG1 1 
ATOM   994  C CG2 . ILE A 1 132 ? 0.992   0.365   -9.050  1.00 4.27  ? 132 ILE A CG2 1 
ATOM   995  C CD1 . ILE A 1 132 ? 4.104   -0.485  -8.926  1.00 6.37  ? 132 ILE A CD1 1 
ATOM   996  N N   . GLN A 1 133 ? -0.033  1.112   -12.409 1.00 6.78  ? 133 GLN A N   1 
ATOM   997  C CA  . GLN A 1 133 ? -1.171  1.912   -12.809 1.00 9.21  ? 133 GLN A CA  1 
ATOM   998  C C   . GLN A 1 133 ? -2.231  1.116   -13.524 1.00 11.40 ? 133 GLN A C   1 
ATOM   999  O O   . GLN A 1 133 ? -3.454  1.287   -13.265 1.00 10.76 ? 133 GLN A O   1 
ATOM   1000 C CB  . GLN A 1 133 ? -0.618  3.034   -13.735 1.00 7.11  ? 133 GLN A CB  1 
ATOM   1001 C CG  . GLN A 1 133 ? -1.801  3.727   -14.403 1.00 22.93 ? 133 GLN A CG  1 
ATOM   1002 C CD  . GLN A 1 133 ? -1.368  5.099   -14.900 1.00 33.51 ? 133 GLN A CD  1 
ATOM   1003 O OE1 . GLN A 1 133 ? -0.237  5.469   -14.578 1.00 25.27 ? 133 GLN A OE1 1 
ATOM   1004 N NE2 . GLN A 1 133 ? -2.231  5.782   -15.633 1.00 31.23 ? 133 GLN A NE2 1 
ATOM   1005 N N   . HIS A 1 134 ? -1.774  0.280   -14.474 1.00 13.80 ? 134 HIS A N   1 
ATOM   1006 C CA  . HIS A 1 134 ? -2.787  -0.487  -15.267 1.00 13.63 ? 134 HIS A CA  1 
ATOM   1007 C C   . HIS A 1 134 ? -3.537  -1.428  -14.354 1.00 14.86 ? 134 HIS A C   1 
ATOM   1008 O O   . HIS A 1 134 ? -4.719  -1.744  -14.554 1.00 10.21 ? 134 HIS A O   1 
ATOM   1009 C CB  . HIS A 1 134 ? -2.122  -1.082  -16.490 1.00 10.47 ? 134 HIS A CB  1 
ATOM   1010 C CG  . HIS A 1 134 ? -2.909  -2.101  -17.259 1.00 5.35  ? 134 HIS A CG  1 
ATOM   1011 N ND1 . HIS A 1 134 ? -2.817  -3.451  -16.952 1.00 12.77 ? 134 HIS A ND1 1 
ATOM   1012 C CD2 . HIS A 1 134 ? -3.773  -2.060  -18.265 1.00 8.73  ? 134 HIS A CD2 1 
ATOM   1013 C CE1 . HIS A 1 134 ? -3.586  -4.154  -17.746 1.00 8.28  ? 134 HIS A CE1 1 
ATOM   1014 N NE2 . HIS A 1 134 ? -4.207  -3.305  -18.560 1.00 9.03  ? 134 HIS A NE2 1 
ATOM   1015 N N   . PHE A 1 135 ? -2.917  -1.873  -13.258 1.00 15.72 ? 135 PHE A N   1 
ATOM   1016 C CA  . PHE A 1 135 ? -3.590  -2.792  -12.321 1.00 9.10  ? 135 PHE A CA  1 
ATOM   1017 C C   . PHE A 1 135 ? -4.759  -2.115  -11.656 1.00 10.49 ? 135 PHE A C   1 
ATOM   1018 O O   . PHE A 1 135 ? -5.921  -2.581  -11.679 1.00 13.08 ? 135 PHE A O   1 
ATOM   1019 C CB  . PHE A 1 135 ? -2.609  -3.394  -11.302 1.00 6.82  ? 135 PHE A CB  1 
ATOM   1020 C CG  . PHE A 1 135 ? -3.305  -4.110  -10.168 1.00 9.70  ? 135 PHE A CG  1 
ATOM   1021 C CD1 . PHE A 1 135 ? -3.719  -5.405  -10.286 1.00 3.48  ? 135 PHE A CD1 1 
ATOM   1022 C CD2 . PHE A 1 135 ? -3.537  -3.453  -8.975  1.00 5.86  ? 135 PHE A CD2 1 
ATOM   1023 C CE1 . PHE A 1 135 ? -4.353  -6.041  -9.222  1.00 4.30  ? 135 PHE A CE1 1 
ATOM   1024 C CE2 . PHE A 1 135 ? -4.174  -4.042  -7.914  1.00 1.16  ? 135 PHE A CE2 1 
ATOM   1025 C CZ  . PHE A 1 135 ? -4.577  -5.366  -8.024  1.00 2.59  ? 135 PHE A CZ  1 
ATOM   1026 N N   . PHE A 1 136 ? -4.441  -0.956  -11.069 1.00 12.13 ? 136 PHE A N   1 
ATOM   1027 C CA  . PHE A 1 136 ? -5.453  -0.161  -10.370 1.00 11.35 ? 136 PHE A CA  1 
ATOM   1028 C C   . PHE A 1 136 ? -6.511  0.325   -11.330 1.00 12.57 ? 136 PHE A C   1 
ATOM   1029 O O   . PHE A 1 136 ? -7.657  0.564   -10.892 1.00 17.61 ? 136 PHE A O   1 
ATOM   1030 C CB  . PHE A 1 136 ? -4.841  0.956   -9.505  1.00 12.13 ? 136 PHE A CB  1 
ATOM   1031 C CG  . PHE A 1 136 ? -4.215  0.485   -8.242  1.00 8.88  ? 136 PHE A CG  1 
ATOM   1032 C CD1 . PHE A 1 136 ? -5.022  0.000   -7.220  1.00 8.38  ? 136 PHE A CD1 1 
ATOM   1033 C CD2 . PHE A 1 136 ? -2.849  0.449   -8.069  1.00 13.20 ? 136 PHE A CD2 1 
ATOM   1034 C CE1 . PHE A 1 136 ? -4.443  -0.501  -6.046  1.00 8.99  ? 136 PHE A CE1 1 
ATOM   1035 C CE2 . PHE A 1 136 ? -2.269  -0.049  -6.909  1.00 12.15 ? 136 PHE A CE2 1 
ATOM   1036 C CZ  . PHE A 1 136 ? -3.070  -0.516  -5.883  1.00 12.58 ? 136 PHE A CZ  1 
ATOM   1037 N N   . GLU A 1 137 ? -6.245  0.488   -12.628 1.00 13.59 ? 137 GLU A N   1 
ATOM   1038 C CA  . GLU A 1 137 ? -7.304  0.950   -13.543 1.00 2.32  ? 137 GLU A CA  1 
ATOM   1039 C C   . GLU A 1 137 ? -8.201  -0.124  -14.076 1.00 10.64 ? 137 GLU A C   1 
ATOM   1040 O O   . GLU A 1 137 ? -9.236  0.199   -14.666 1.00 13.30 ? 137 GLU A O   1 
ATOM   1041 C CB  . GLU A 1 137 ? -6.656  1.749   -14.691 1.00 11.46 ? 137 GLU A CB  1 
ATOM   1042 C CG  . GLU A 1 137 ? -6.160  3.084   -14.144 1.00 21.32 ? 137 GLU A CG  1 
ATOM   1043 C CD  . GLU A 1 137 ? -5.533  4.007   -15.160 1.00 25.06 ? 137 GLU A CD  1 
ATOM   1044 O OE1 . GLU A 1 137 ? -5.007  3.518   -16.175 1.00 27.72 ? 137 GLU A OE1 1 
ATOM   1045 O OE2 . GLU A 1 137 ? -5.550  5.235   -14.888 1.00 34.17 ? 137 GLU A OE2 1 
ATOM   1046 N N   . THR A 1 138 ? -7.861  -1.414  -13.905 1.00 12.98 ? 138 THR A N   1 
ATOM   1047 C CA  . THR A 1 138 ? -8.706  -2.468  -14.458 1.00 7.69  ? 138 THR A CA  1 
ATOM   1048 C C   . THR A 1 138 ? -9.183  -3.465  -13.428 1.00 5.62  ? 138 THR A C   1 
ATOM   1049 O O   . THR A 1 138 ? -10.132 -4.222  -13.727 1.00 15.13 ? 138 THR A O   1 
ATOM   1050 C CB  . THR A 1 138 ? -7.925  -3.255  -15.542 1.00 7.35  ? 138 THR A CB  1 
ATOM   1051 O OG1 . THR A 1 138 ? -6.685  -3.737  -14.972 1.00 14.31 ? 138 THR A OG1 1 
ATOM   1052 C CG2 . THR A 1 138 ? -7.527  -2.418  -16.743 1.00 9.10  ? 138 THR A CG2 1 
ATOM   1053 N N   . TYR A 1 139 ? -8.568  -3.504  -12.270 1.00 10.02 ? 139 TYR A N   1 
ATOM   1054 C CA  . TYR A 1 139 ? -8.889  -4.552  -11.284 1.00 6.83  ? 139 TYR A CA  1 
ATOM   1055 C C   . TYR A 1 139 ? -10.259 -4.532  -10.691 1.00 12.13 ? 139 TYR A C   1 
ATOM   1056 O O   . TYR A 1 139 ? -10.738 -5.565  -10.201 1.00 14.29 ? 139 TYR A O   1 
ATOM   1057 C CB  . TYR A 1 139 ? -7.803  -4.693  -10.246 1.00 8.33  ? 139 TYR A CB  1 
ATOM   1058 C CG  . TYR A 1 139 ? -7.924  -3.887  -8.962  1.00 7.13  ? 139 TYR A CG  1 
ATOM   1059 C CD1 . TYR A 1 139 ? -7.929  -2.509  -9.005  1.00 3.49  ? 139 TYR A CD1 1 
ATOM   1060 C CD2 . TYR A 1 139 ? -7.951  -4.485  -7.723  1.00 4.66  ? 139 TYR A CD2 1 
ATOM   1061 C CE1 . TYR A 1 139 ? -7.966  -1.716  -7.883  1.00 5.87  ? 139 TYR A CE1 1 
ATOM   1062 C CE2 . TYR A 1 139 ? -7.991  -3.722  -6.571  1.00 10.93 ? 139 TYR A CE2 1 
ATOM   1063 C CZ  . TYR A 1 139 ? -8.004  -2.351  -6.662  1.00 13.58 ? 139 TYR A CZ  1 
ATOM   1064 O OH  . TYR A 1 139 ? -8.043  -1.572  -5.524  1.00 14.93 ? 139 TYR A OH  1 
ATOM   1065 N N   . LYS A 1 140 ? -10.916 -3.369  -10.790 1.00 17.14 ? 140 LYS A N   1 
ATOM   1066 C CA  . LYS A 1 140 ? -12.268 -3.235  -10.251 1.00 13.02 ? 140 LYS A CA  1 
ATOM   1067 C C   . LYS A 1 140 ? -13.295 -3.088  -11.362 1.00 15.28 ? 140 LYS A C   1 
ATOM   1068 O O   . LYS A 1 140 ? -14.501 -2.910  -11.119 1.00 18.53 ? 140 LYS A O   1 
ATOM   1069 C CB  . LYS A 1 140 ? -12.282 -2.097  -9.253  1.00 12.83 ? 140 LYS A CB  1 
ATOM   1070 C CG  . LYS A 1 140 ? -11.841 -2.401  -7.836  1.00 6.77  ? 140 LYS A CG  1 
ATOM   1071 C CD  . LYS A 1 140 ? -11.979 -1.154  -6.998  1.00 16.23 ? 140 LYS A CD  1 
ATOM   1072 C CE  . LYS A 1 140 ? -11.701 -1.278  -5.536  1.00 15.96 ? 140 LYS A CE  1 
ATOM   1073 N NZ  . LYS A 1 140 ? -12.213 -0.036  -4.834  1.00 27.37 ? 140 LYS A NZ  1 
ATOM   1074 N N   . ALA A 1 141 ? -12.805 -3.275  -12.589 1.00 17.49 ? 141 ALA A N   1 
ATOM   1075 C CA  . ALA A 1 141 ? -13.604 -3.212  -13.797 1.00 15.35 ? 141 ALA A CA  1 
ATOM   1076 C C   . ALA A 1 141 ? -14.748 -4.196  -13.761 1.00 15.92 ? 141 ALA A C   1 
ATOM   1077 O O   . ALA A 1 141 ? -15.833 -3.742  -14.200 1.00 20.01 ? 141 ALA A O   1 
ATOM   1078 C CB  . ALA A 1 141 ? -12.780 -3.249  -15.070 1.00 11.50 ? 141 ALA A CB  1 
ATOM   1079 N N   . LEU A 1 142 ? -14.610 -5.407  -13.268 1.00 14.94 ? 142 LEU A N   1 
ATOM   1080 C CA  . LEU A 1 142 ? -15.688 -6.396  -13.181 1.00 10.15 ? 142 LEU A CA  1 
ATOM   1081 C C   . LEU A 1 142 ? -16.609 -6.213  -11.980 1.00 14.47 ? 142 LEU A C   1 
ATOM   1082 O O   . LEU A 1 142 ? -17.573 -6.962  -11.746 1.00 18.55 ? 142 LEU A O   1 
ATOM   1083 C CB  . LEU A 1 142 ? -15.089 -7.820  -13.213 1.00 11.76 ? 142 LEU A CB  1 
ATOM   1084 C CG  . LEU A 1 142 ? -14.346 -8.098  -14.530 1.00 12.67 ? 142 LEU A CG  1 
ATOM   1085 C CD1 . LEU A 1 142 ? -13.610 -9.384  -14.579 1.00 4.65  ? 142 LEU A CD1 1 
ATOM   1086 C CD2 . LEU A 1 142 ? -15.408 -8.139  -15.650 1.00 6.42  ? 142 LEU A CD2 1 
ATOM   1087 N N   . GLU A 1 143 ? -16.339 -5.167  -11.218 1.00 13.25 ? 143 GLU A N   1 
ATOM   1088 C CA  . GLU A 1 143 ? -17.099 -4.795  -10.045 1.00 18.61 ? 143 GLU A CA  1 
ATOM   1089 C C   . GLU A 1 143 ? -17.741 -3.427  -10.171 1.00 22.62 ? 143 GLU A C   1 
ATOM   1090 O O   . GLU A 1 143 ? -18.051 -2.801  -9.155  1.00 25.88 ? 143 GLU A O   1 
ATOM   1091 C CB  . GLU A 1 143 ? -16.151 -4.778  -8.833  1.00 27.22 ? 143 GLU A CB  1 
ATOM   1092 C CG  . GLU A 1 143 ? -16.101 -6.182  -8.206  1.00 32.28 ? 143 GLU A CG  1 
ATOM   1093 C CD  . GLU A 1 143 ? -14.883 -6.244  -7.298  1.00 31.95 ? 143 GLU A CD  1 
ATOM   1094 O OE1 . GLU A 1 143 ? -14.195 -5.209  -7.277  1.00 41.82 ? 143 GLU A OE1 1 
ATOM   1095 O OE2 . GLU A 1 143 ? -14.677 -7.286  -6.671  1.00 35.02 ? 143 GLU A OE2 1 
ATOM   1096 N N   . ALA A 1 144 ? -17.926 -3.006  -11.396 1.00 23.44 ? 144 ALA A N   1 
ATOM   1097 C CA  . ALA A 1 144 ? -18.550 -1.748  -11.760 1.00 31.75 ? 144 ALA A CA  1 
ATOM   1098 C C   . ALA A 1 144 ? -20.043 -1.780  -11.395 1.00 40.07 ? 144 ALA A C   1 
ATOM   1099 O O   . ALA A 1 144 ? -20.582 -0.823  -10.835 1.00 47.86 ? 144 ALA A O   1 
ATOM   1100 C CB  . ALA A 1 144 ? -18.472 -1.515  -13.269 1.00 20.11 ? 144 ALA A CB  1 
ATOM   1101 N N   . LYS A 1 145 ? -20.646 -2.891  -11.764 1.00 45.82 ? 145 LYS A N   1 
ATOM   1102 C CA  . LYS A 1 145 ? -22.058 -3.184  -11.541 1.00 46.67 ? 145 LYS A CA  1 
ATOM   1103 C C   . LYS A 1 145 ? -22.330 -3.356  -10.051 1.00 45.98 ? 145 LYS A C   1 
ATOM   1104 O O   . LYS A 1 145 ? -23.446 -3.704  -9.656  1.00 49.09 ? 145 LYS A O   1 
ATOM   1105 C CB  . LYS A 1 145 ? -22.434 -4.484  -12.276 1.00 54.21 ? 145 LYS A CB  1 
ATOM   1106 C CG  . LYS A 1 145 ? -21.744 -5.719  -11.694 1.00 59.75 ? 145 LYS A CG  1 
ATOM   1107 C CD  . LYS A 1 145 ? -22.171 -6.984  -12.435 1.00 64.56 ? 145 LYS A CD  1 
ATOM   1108 C CE  . LYS A 1 145 ? -21.181 -8.127  -12.208 1.00 62.49 ? 145 LYS A CE  1 
ATOM   1109 N NZ  . LYS A 1 145 ? -19.832 -7.777  -12.763 1.00 61.22 ? 145 LYS A NZ  1 
ATOM   1110 N N   . LYS A 1 146 ? -21.270 -3.138  -9.293  1.00 43.14 ? 146 LYS A N   1 
ATOM   1111 C CA  . LYS A 1 146 ? -21.287 -3.214  -7.827  1.00 44.68 ? 146 LYS A CA  1 
ATOM   1112 C C   . LYS A 1 146 ? -20.874 -1.862  -7.246  1.00 46.05 ? 146 LYS A C   1 
ATOM   1113 O O   . LYS A 1 146 ? -20.641 -1.683  -6.049  1.00 48.85 ? 146 LYS A O   1 
ATOM   1114 C CB  . LYS A 1 146 ? -20.467 -4.393  -7.308  1.00 46.35 ? 146 LYS A CB  1 
ATOM   1115 C CG  . LYS A 1 146 ? -20.904 -5.724  -7.907  1.00 54.28 ? 146 LYS A CG  1 
ATOM   1116 C CD  . LYS A 1 146 ? -20.425 -6.938  -7.124  1.00 61.02 ? 146 LYS A CD  1 
ATOM   1117 C CE  . LYS A 1 146 ? -21.297 -8.154  -7.455  1.00 65.00 ? 146 LYS A CE  1 
ATOM   1118 N NZ  . LYS A 1 146 ? -20.776 -9.433  -6.889  1.00 54.27 ? 146 LYS A NZ  1 
ATOM   1119 N N   . GLY A 1 147 ? -20.839 -0.870  -8.137  1.00 44.69 ? 147 GLY A N   1 
ATOM   1120 C CA  . GLY A 1 147 ? -20.513 0.502   -7.905  1.00 40.70 ? 147 GLY A CA  1 
ATOM   1121 C C   . GLY A 1 147 ? -19.082 0.828   -7.539  1.00 42.79 ? 147 GLY A C   1 
ATOM   1122 O O   . GLY A 1 147 ? -18.889 1.888   -6.900  1.00 44.33 ? 147 GLY A O   1 
ATOM   1123 N N   . LYS A 1 148 ? -18.116 -0.021  -7.900  1.00 35.13 ? 148 LYS A N   1 
ATOM   1124 C CA  . LYS A 1 148 ? -16.703 0.263   -7.606  1.00 26.08 ? 148 LYS A CA  1 
ATOM   1125 C C   . LYS A 1 148 ? -16.049 0.898   -8.827  1.00 26.77 ? 148 LYS A C   1 
ATOM   1126 O O   . LYS A 1 148 ? -16.401 0.569   -9.977  1.00 26.18 ? 148 LYS A O   1 
ATOM   1127 C CB  . LYS A 1 148 ? -15.923 -0.956  -7.182  1.00 22.19 ? 148 LYS A CB  1 
ATOM   1128 C CG  . LYS A 1 148 ? -16.410 -1.751  -5.969  1.00 27.84 ? 148 LYS A CG  1 
ATOM   1129 C CD  . LYS A 1 148 ? -15.321 -2.754  -5.607  1.00 32.20 ? 148 LYS A CD  1 
ATOM   1130 C CE  . LYS A 1 148 ? -15.630 -3.545  -4.356  1.00 44.03 ? 148 LYS A CE  1 
ATOM   1131 N NZ  . LYS A 1 148 ? -14.416 -4.209  -3.790  1.00 38.45 ? 148 LYS A NZ  1 
ATOM   1132 N N   . TRP A 1 149 ? -15.114 1.813   -8.563  1.00 30.56 ? 149 TRP A N   1 
ATOM   1133 C CA  . TRP A 1 149 ? -14.407 2.455   -9.681  1.00 30.87 ? 149 TRP A CA  1 
ATOM   1134 C C   . TRP A 1 149 ? -13.110 3.080   -9.183  1.00 30.97 ? 149 TRP A C   1 
ATOM   1135 O O   . TRP A 1 149 ? -12.999 3.263   -7.973  1.00 34.27 ? 149 TRP A O   1 
ATOM   1136 C CB  . TRP A 1 149 ? -15.199 3.435   -10.496 1.00 43.73 ? 149 TRP A CB  1 
ATOM   1137 C CG  . TRP A 1 149 ? -15.738 4.609   -9.755  1.00 52.05 ? 149 TRP A CG  1 
ATOM   1138 C CD1 . TRP A 1 149 ? -17.040 4.764   -9.367  1.00 58.76 ? 149 TRP A CD1 1 
ATOM   1139 C CD2 . TRP A 1 149 ? -15.047 5.785   -9.318  1.00 58.38 ? 149 TRP A CD2 1 
ATOM   1140 N NE1 . TRP A 1 149 ? -17.190 5.952   -8.694  1.00 62.31 ? 149 TRP A NE1 1 
ATOM   1141 C CE2 . TRP A 1 149 ? -15.981 6.593   -8.643  1.00 58.81 ? 149 TRP A CE2 1 
ATOM   1142 C CE3 . TRP A 1 149 ? -13.725 6.228   -9.400  1.00 61.96 ? 149 TRP A CE3 1 
ATOM   1143 C CZ2 . TRP A 1 149 ? -15.640 7.820   -8.070  1.00 58.64 ? 149 TRP A CZ2 1 
ATOM   1144 C CZ3 . TRP A 1 149 ? -13.389 7.445   -8.821  1.00 62.01 ? 149 TRP A CZ3 1 
ATOM   1145 C CH2 . TRP A 1 149 ? -14.344 8.236   -8.169  1.00 53.72 ? 149 TRP A CH2 1 
ATOM   1146 N N   . VAL A 1 150 ? -12.216 3.299   -10.145 1.00 31.28 ? 150 VAL A N   1 
ATOM   1147 C CA  . VAL A 1 150 ? -10.900 3.858   -9.873  1.00 30.75 ? 150 VAL A CA  1 
ATOM   1148 C C   . VAL A 1 150 ? -10.257 4.588   -11.038 1.00 26.79 ? 150 VAL A C   1 
ATOM   1149 O O   . VAL A 1 150 ? -10.303 4.078   -12.153 1.00 35.06 ? 150 VAL A O   1 
ATOM   1150 C CB  . VAL A 1 150 ? -9.892  2.727   -9.487  1.00 26.27 ? 150 VAL A CB  1 
ATOM   1151 C CG1 . VAL A 1 150 ? -8.499  3.330   -9.333  1.00 23.12 ? 150 VAL A CG1 1 
ATOM   1152 C CG2 . VAL A 1 150 ? -10.315 2.059   -8.197  1.00 20.20 ? 150 VAL A CG2 1 
ATOM   1153 N N   . LYS A 1 151 ? -9.625  5.719   -10.747 1.00 29.49 ? 151 LYS A N   1 
ATOM   1154 C CA  . LYS A 1 151 ? -8.880  6.473   -11.735 1.00 26.27 ? 151 LYS A CA  1 
ATOM   1155 C C   . LYS A 1 151 ? -7.540  6.903   -11.144 1.00 23.30 ? 151 LYS A C   1 
ATOM   1156 O O   . LYS A 1 151 ? -7.505  7.353   -9.990  1.00 26.46 ? 151 LYS A O   1 
ATOM   1157 C CB  . LYS A 1 151 ? -9.590  7.663   -12.335 1.00 38.08 ? 151 LYS A CB  1 
ATOM   1158 C CG  . LYS A 1 151 ? -9.048  7.813   -13.765 1.00 42.57 ? 151 LYS A CG  1 
ATOM   1159 C CD  . LYS A 1 151 ? -8.612  9.238   -14.059 1.00 55.85 ? 151 LYS A CD  1 
ATOM   1160 C CE  . LYS A 1 151 ? -8.075  9.322   -15.494 1.00 64.97 ? 151 LYS A CE  1 
ATOM   1161 N NZ  . LYS A 1 151 ? -8.556  10.537  -16.229 1.00 71.74 ? 151 LYS A NZ  1 
ATOM   1162 N N   . VAL A 1 152 ? -6.502  6.689   -11.908 1.00 17.81 ? 152 VAL A N   1 
ATOM   1163 C CA  . VAL A 1 152 ? -5.155  7.012   -11.433 1.00 25.38 ? 152 VAL A CA  1 
ATOM   1164 C C   . VAL A 1 152 ? -4.837  8.440   -11.890 1.00 31.93 ? 152 VAL A C   1 
ATOM   1165 O O   . VAL A 1 152 ? -4.885  8.791   -13.070 1.00 33.66 ? 152 VAL A O   1 
ATOM   1166 C CB  . VAL A 1 152 ? -4.061  6.024   -11.826 1.00 21.03 ? 152 VAL A CB  1 
ATOM   1167 C CG1 . VAL A 1 152 ? -2.720  6.750   -11.806 1.00 11.02 ? 152 VAL A CG1 1 
ATOM   1168 C CG2 . VAL A 1 152 ? -4.016  4.810   -10.906 1.00 16.26 ? 152 VAL A CG2 1 
ATOM   1169 N N   . THR A 1 153 ? -4.525  9.237   -10.896 1.00 27.83 ? 153 THR A N   1 
ATOM   1170 C CA  . THR A 1 153 ? -4.201  10.650  -11.051 1.00 30.60 ? 153 THR A CA  1 
ATOM   1171 C C   . THR A 1 153 ? -2.770  10.955  -11.360 1.00 24.92 ? 153 THR A C   1 
ATOM   1172 O O   . THR A 1 153 ? -2.530  11.791  -12.237 1.00 34.86 ? 153 THR A O   1 
ATOM   1173 C CB  . THR A 1 153 ? -4.674  11.323  -9.733  1.00 38.81 ? 153 THR A CB  1 
ATOM   1174 O OG1 . THR A 1 153 ? -6.073  11.576  -9.903  1.00 38.80 ? 153 THR A OG1 1 
ATOM   1175 C CG2 . THR A 1 153 ? -3.832  12.530  -9.457  1.00 43.32 ? 153 THR A CG2 1 
ATOM   1176 N N   . GLY A 1 154 ? -1.793  10.318  -10.736 1.00 23.94 ? 154 GLY A N   1 
ATOM   1177 C CA  . GLY A 1 154 ? -0.394  10.625  -11.042 1.00 17.13 ? 154 GLY A CA  1 
ATOM   1178 C C   . GLY A 1 154 ? 0.502   10.082  -9.938  1.00 15.04 ? 154 GLY A C   1 
ATOM   1179 O O   . GLY A 1 154 ? -0.006  9.456   -9.030  1.00 15.49 ? 154 GLY A O   1 
ATOM   1180 N N   . TRP A 1 155 ? 1.784   10.344  -10.061 1.00 10.63 ? 155 TRP A N   1 
ATOM   1181 C CA  . TRP A 1 155 ? 2.794   9.881   -9.124  1.00 14.30 ? 155 TRP A CA  1 
ATOM   1182 C C   . TRP A 1 155 ? 3.518   11.067  -8.484  1.00 14.17 ? 155 TRP A C   1 
ATOM   1183 O O   . TRP A 1 155 ? 3.644   12.106  -9.139  1.00 15.38 ? 155 TRP A O   1 
ATOM   1184 C CB  . TRP A 1 155 ? 3.789   9.035   -9.879  1.00 18.43 ? 155 TRP A CB  1 
ATOM   1185 C CG  . TRP A 1 155 ? 3.280   7.789   -10.550 1.00 18.08 ? 155 TRP A CG  1 
ATOM   1186 C CD1 . TRP A 1 155 ? 2.684   7.675   -11.770 1.00 14.86 ? 155 TRP A CD1 1 
ATOM   1187 C CD2 . TRP A 1 155 ? 3.396   6.450   -10.052 1.00 12.45 ? 155 TRP A CD2 1 
ATOM   1188 N NE1 . TRP A 1 155 ? 2.404   6.361   -12.047 1.00 15.01 ? 155 TRP A NE1 1 
ATOM   1189 C CE2 . TRP A 1 155 ? 2.853   5.578   -11.014 1.00 6.48  ? 155 TRP A CE2 1 
ATOM   1190 C CE3 . TRP A 1 155 ? 3.937   5.894   -8.889  1.00 17.27 ? 155 TRP A CE3 1 
ATOM   1191 C CZ2 . TRP A 1 155 ? 2.771   4.206   -10.864 1.00 10.26 ? 155 TRP A CZ2 1 
ATOM   1192 C CZ3 . TRP A 1 155 ? 3.889   4.507   -8.750  1.00 22.90 ? 155 TRP A CZ3 1 
ATOM   1193 C CH2 . TRP A 1 155 ? 3.294   3.691   -9.712  1.00 14.29 ? 155 TRP A CH2 1 
ATOM   1194 N N   . ARG A 1 156 ? 3.964   10.804  -7.262  1.00 10.90 ? 156 ARG A N   1 
ATOM   1195 C CA  . ARG A 1 156 ? 4.686   11.815  -6.487  1.00 9.25  ? 156 ARG A CA  1 
ATOM   1196 C C   . ARG A 1 156 ? 5.958   11.206  -5.945  1.00 14.04 ? 156 ARG A C   1 
ATOM   1197 O O   . ARG A 1 156 ? 6.014   10.002  -5.710  1.00 14.69 ? 156 ARG A O   1 
ATOM   1198 C CB  . ARG A 1 156 ? 3.863   12.414  -5.370  1.00 9.06  ? 156 ARG A CB  1 
ATOM   1199 C CG  . ARG A 1 156 ? 2.605   13.168  -5.749  1.00 17.46 ? 156 ARG A CG  1 
ATOM   1200 C CD  . ARG A 1 156 ? 2.952   14.472  -6.450  1.00 18.55 ? 156 ARG A CD  1 
ATOM   1201 N NE  . ARG A 1 156 ? 1.736   15.130  -6.903  1.00 24.34 ? 156 ARG A NE  1 
ATOM   1202 C CZ  . ARG A 1 156 ? 1.169   15.039  -8.088  1.00 31.76 ? 156 ARG A CZ  1 
ATOM   1203 N NH1 . ARG A 1 156 ? 1.666   14.304  -9.085  1.00 30.82 ? 156 ARG A NH1 1 
ATOM   1204 N NH2 . ARG A 1 156 ? 0.048   15.728  -8.296  1.00 23.36 ? 156 ARG A NH2 1 
ATOM   1205 N N   . ASP A 1 157 ? 6.935   12.053  -5.679  1.00 14.72 ? 157 ASP A N   1 
ATOM   1206 C CA  . ASP A 1 157 ? 8.266   11.621  -5.249  1.00 6.46  ? 157 ASP A CA  1 
ATOM   1207 C C   . ASP A 1 157 ? 8.410   11.390  -3.785  1.00 9.13  ? 157 ASP A C   1 
ATOM   1208 O O   . ASP A 1 157 ? 7.421   11.481  -3.060  1.00 14.81 ? 157 ASP A O   1 
ATOM   1209 C CB  . ASP A 1 157 ? 9.258   12.661  -5.797  1.00 13.63 ? 157 ASP A CB  1 
ATOM   1210 C CG  . ASP A 1 157 ? 9.217   13.973  -5.029  1.00 24.09 ? 157 ASP A CG  1 
ATOM   1211 O OD1 . ASP A 1 157 ? 8.275   14.162  -4.237  1.00 25.26 ? 157 ASP A OD1 1 
ATOM   1212 O OD2 . ASP A 1 157 ? 10.162  14.776  -5.239  1.00 24.97 ? 157 ASP A OD2 1 
ATOM   1213 N N   . ARG A 1 158 ? 9.593   10.978  -3.342  1.00 5.36  ? 158 ARG A N   1 
ATOM   1214 C CA  . ARG A 1 158 ? 9.811   10.687  -1.948  1.00 6.37  ? 158 ARG A CA  1 
ATOM   1215 C C   . ARG A 1 158 ? 9.528   11.884  -1.066  1.00 12.99 ? 158 ARG A C   1 
ATOM   1216 O O   . ARG A 1 158 ? 9.164   11.652  0.117   1.00 15.11 ? 158 ARG A O   1 
ATOM   1217 C CB  . ARG A 1 158 ? 11.240  10.142  -1.735  1.00 9.12  ? 158 ARG A CB  1 
ATOM   1218 C CG  . ARG A 1 158 ? 11.453  9.787   -0.256  1.00 11.48 ? 158 ARG A CG  1 
ATOM   1219 C CD  . ARG A 1 158 ? 12.997  9.680   -0.095  1.00 15.52 ? 158 ARG A CD  1 
ATOM   1220 N NE  . ARG A 1 158 ? 13.518  10.947  -0.589  1.00 33.18 ? 158 ARG A NE  1 
ATOM   1221 C CZ  . ARG A 1 158 ? 14.677  11.202  -1.154  1.00 50.79 ? 158 ARG A CZ  1 
ATOM   1222 N NH1 . ARG A 1 158 ? 15.573  10.244  -1.355  1.00 52.79 ? 158 ARG A NH1 1 
ATOM   1223 N NH2 . ARG A 1 158 ? 14.970  12.445  -1.552  1.00 56.18 ? 158 ARG A NH2 1 
ATOM   1224 N N   . LYS A 1 159 ? 9.677   13.108  -1.547  1.00 18.21 ? 159 LYS A N   1 
ATOM   1225 C CA  . LYS A 1 159 ? 9.430   14.243  -0.603  1.00 19.05 ? 159 LYS A CA  1 
ATOM   1226 C C   . LYS A 1 159 ? 7.966   14.393  -0.297  1.00 18.54 ? 159 LYS A C   1 
ATOM   1227 O O   . LYS A 1 159 ? 7.655   14.694  0.861   1.00 19.06 ? 159 LYS A O   1 
ATOM   1228 C CB  . LYS A 1 159 ? 10.151  15.502  -1.069  1.00 23.53 ? 159 LYS A CB  1 
ATOM   1229 C CG  . LYS A 1 159 ? 11.644  15.143  -1.259  1.00 43.17 ? 159 LYS A CG  1 
ATOM   1230 C CD  . LYS A 1 159 ? 12.527  16.354  -1.480  1.00 50.56 ? 159 LYS A CD  1 
ATOM   1231 C CE  . LYS A 1 159 ? 14.003  15.996  -1.266  1.00 52.61 ? 159 LYS A CE  1 
ATOM   1232 N NZ  . LYS A 1 159 ? 14.551  15.255  -2.439  1.00 61.95 ? 159 LYS A NZ  1 
ATOM   1233 N N   . ALA A 1 160 ? 7.117   14.209  -1.300  1.00 15.81 ? 160 ALA A N   1 
ATOM   1234 C CA  . ALA A 1 160 ? 5.671   14.294  -1.136  1.00 13.16 ? 160 ALA A CA  1 
ATOM   1235 C C   . ALA A 1 160 ? 5.143   13.187  -0.276  1.00 12.68 ? 160 ALA A C   1 
ATOM   1236 O O   . ALA A 1 160 ? 4.257   13.362  0.569   1.00 13.41 ? 160 ALA A O   1 
ATOM   1237 C CB  . ALA A 1 160 ? 4.978   14.330  -2.524  1.00 14.83 ? 160 ALA A CB  1 
ATOM   1238 N N   . ALA A 1 161 ? 5.670   11.970  -0.444  1.00 16.92 ? 161 ALA A N   1 
ATOM   1239 C CA  . ALA A 1 161 ? 5.235   10.816  0.314   1.00 5.78  ? 161 ALA A CA  1 
ATOM   1240 C C   . ALA A 1 161 ? 5.497   11.001  1.799   1.00 9.12  ? 161 ALA A C   1 
ATOM   1241 O O   . ALA A 1 161 ? 4.647   10.605  2.606   1.00 17.14 ? 161 ALA A O   1 
ATOM   1242 C CB  . ALA A 1 161 ? 5.941   9.531   -0.164  1.00 1.16  ? 161 ALA A CB  1 
ATOM   1243 N N   . LEU A 1 162 ? 6.695   11.491  2.112   1.00 9.13  ? 162 LEU A N   1 
ATOM   1244 C CA  . LEU A 1 162 ? 7.081   11.668  3.514   1.00 10.21 ? 162 LEU A CA  1 
ATOM   1245 C C   . LEU A 1 162 ? 6.150   12.638  4.228   1.00 12.51 ? 162 LEU A C   1 
ATOM   1246 O O   . LEU A 1 162 ? 5.791   12.447  5.389   1.00 20.50 ? 162 LEU A O   1 
ATOM   1247 C CB  . LEU A 1 162 ? 8.550   12.015  3.684   1.00 15.38 ? 162 LEU A CB  1 
ATOM   1248 C CG  . LEU A 1 162 ? 9.583   11.033  3.134   1.00 16.36 ? 162 LEU A CG  1 
ATOM   1249 C CD1 . LEU A 1 162 ? 10.966  11.646  3.224   1.00 12.47 ? 162 LEU A CD1 1 
ATOM   1250 C CD2 . LEU A 1 162 ? 9.554   9.666   3.776   1.00 17.92 ? 162 LEU A CD2 1 
ATOM   1251 N N   . GLU A 1 163 ? 5.750   13.652  3.508   1.00 19.55 ? 163 GLU A N   1 
ATOM   1252 C CA  . GLU A 1 163 ? 4.822   14.666  4.009   1.00 15.07 ? 163 GLU A CA  1 
ATOM   1253 C C   . GLU A 1 163 ? 3.487   14.018  4.305   1.00 12.33 ? 163 GLU A C   1 
ATOM   1254 O O   . GLU A 1 163 ? 2.855   14.399  5.292   1.00 14.51 ? 163 GLU A O   1 
ATOM   1255 C CB  . GLU A 1 163 ? 4.666   15.807  3.014   1.00 16.15 ? 163 GLU A CB  1 
ATOM   1256 C CG  . GLU A 1 163 ? 5.774   16.847  3.037   1.00 29.64 ? 163 GLU A CG  1 
ATOM   1257 C CD  . GLU A 1 163 ? 6.113   17.262  4.466   1.00 41.20 ? 163 GLU A CD  1 
ATOM   1258 O OE1 . GLU A 1 163 ? 5.186   17.501  5.282   1.00 42.42 ? 163 GLU A OE1 1 
ATOM   1259 O OE2 . GLU A 1 163 ? 7.327   17.339  4.782   1.00 45.65 ? 163 GLU A OE2 1 
ATOM   1260 N N   . GLU A 1 164 ? 3.059   13.080  3.499   1.00 11.35 ? 164 GLU A N   1 
ATOM   1261 C CA  . GLU A 1 164 ? 1.747   12.418  3.721   1.00 11.43 ? 164 GLU A CA  1 
ATOM   1262 C C   . GLU A 1 164 ? 1.895   11.437  4.861   1.00 15.58 ? 164 GLU A C   1 
ATOM   1263 O O   . GLU A 1 164 ? 1.012   11.261  5.715   1.00 17.93 ? 164 GLU A O   1 
ATOM   1264 C CB  . GLU A 1 164 ? 1.316   11.752  2.429   1.00 21.36 ? 164 GLU A CB  1 
ATOM   1265 C CG  . GLU A 1 164 ? 0.156   10.780  2.568   1.00 25.74 ? 164 GLU A CG  1 
ATOM   1266 C CD  . GLU A 1 164 ? -1.173  11.502  2.484   1.00 31.25 ? 164 GLU A CD  1 
ATOM   1267 O OE1 . GLU A 1 164 ? -1.140  12.724  2.216   1.00 37.19 ? 164 GLU A OE1 1 
ATOM   1268 O OE2 . GLU A 1 164 ? -2.224  10.856  2.657   1.00 36.33 ? 164 GLU A OE2 1 
ATOM   1269 N N   . VAL A 1 165 ? 3.057   10.768  4.849   1.00 11.67 ? 165 VAL A N   1 
ATOM   1270 C CA  . VAL A 1 165 ? 3.269   9.827   6.000   1.00 9.25  ? 165 VAL A CA  1 
ATOM   1271 C C   . VAL A 1 165 ? 3.183   10.571  7.304   1.00 11.04 ? 165 VAL A C   1 
ATOM   1272 O O   . VAL A 1 165 ? 2.465   10.192  8.256   1.00 16.06 ? 165 VAL A O   1 
ATOM   1273 C CB  . VAL A 1 165 ? 4.566   9.105   5.726   1.00 10.15 ? 165 VAL A CB  1 
ATOM   1274 C CG1 . VAL A 1 165 ? 4.813   8.091   6.832   1.00 7.92  ? 165 VAL A CG1 1 
ATOM   1275 C CG2 . VAL A 1 165 ? 4.481   8.413   4.352   1.00 10.30 ? 165 VAL A CG2 1 
ATOM   1276 N N   . ARG A 1 166 ? 3.956   11.657  7.433   1.00 15.72 ? 166 ARG A N   1 
ATOM   1277 C CA  . ARG A 1 166 ? 4.000   12.522  8.604   1.00 13.36 ? 166 ARG A CA  1 
ATOM   1278 C C   . ARG A 1 166 ? 2.607   13.011  9.004   1.00 13.97 ? 166 ARG A C   1 
ATOM   1279 O O   . ARG A 1 166 ? 2.278   13.100  10.192  1.00 18.66 ? 166 ARG A O   1 
ATOM   1280 C CB  . ARG A 1 166 ? 4.799   13.791  8.290   1.00 17.22 ? 166 ARG A CB  1 
ATOM   1281 C CG  . ARG A 1 166 ? 6.241   13.769  8.515   1.00 23.57 ? 166 ARG A CG  1 
ATOM   1282 C CD  . ARG A 1 166 ? 6.996   15.091  8.429   1.00 18.36 ? 166 ARG A CD  1 
ATOM   1283 N NE  . ARG A 1 166 ? 8.378   14.794  8.850   1.00 34.70 ? 166 ARG A NE  1 
ATOM   1284 C CZ  . ARG A 1 166 ? 9.452   14.502  8.164   1.00 40.91 ? 166 ARG A CZ  1 
ATOM   1285 N NH1 . ARG A 1 166 ? 9.447   14.445  6.834   1.00 45.64 ? 166 ARG A NH1 1 
ATOM   1286 N NH2 . ARG A 1 166 ? 10.608  14.230  8.808   1.00 42.30 ? 166 ARG A NH2 1 
ATOM   1287 N N   . ALA A 1 167 ? 1.824   13.418  8.007   1.00 16.20 ? 167 ALA A N   1 
ATOM   1288 C CA  . ALA A 1 167 ? 0.474   13.915  8.273   1.00 12.68 ? 167 ALA A CA  1 
ATOM   1289 C C   . ALA A 1 167 ? -0.456  12.827  8.750   1.00 18.99 ? 167 ALA A C   1 
ATOM   1290 O O   . ALA A 1 167 ? -1.281  13.131  9.635   1.00 27.09 ? 167 ALA A O   1 
ATOM   1291 C CB  . ALA A 1 167 ? -0.139  14.659  7.092   1.00 11.26 ? 167 ALA A CB  1 
ATOM   1292 N N   . CYS A 1 168 ? -0.358  11.605  8.288   1.00 16.62 ? 168 CYS A N   1 
ATOM   1293 C CA  . CYS A 1 168 ? -1.267  10.526  8.729   1.00 5.86  ? 168 CYS A CA  1 
ATOM   1294 C C   . CYS A 1 168 ? -0.801  10.022  10.074  1.00 5.03  ? 168 CYS A C   1 
ATOM   1295 O O   . CYS A 1 168 ? -1.597  9.437   10.826  1.00 14.81 ? 168 CYS A O   1 
ATOM   1296 C CB  . CYS A 1 168 ? -1.249  9.403   7.690   1.00 7.12  ? 168 CYS A CB  1 
ATOM   1297 S SG  . CYS A 1 168 ? -1.924  10.051  6.117   1.00 15.55 ? 168 CYS A SG  1 
ATOM   1298 N N   . ILE A 1 169 ? 0.458   10.314  10.333  1.00 11.05 ? 169 ILE A N   1 
ATOM   1299 C CA  . ILE A 1 169 ? 0.977   9.878   11.672  1.00 16.89 ? 169 ILE A CA  1 
ATOM   1300 C C   . ILE A 1 169 ? 0.401   10.816  12.739  1.00 23.07 ? 169 ILE A C   1 
ATOM   1301 O O   . ILE A 1 169 ? -0.091  10.399  13.795  1.00 21.29 ? 169 ILE A O   1 
ATOM   1302 C CB  . ILE A 1 169 ? 2.501   9.831   11.712  1.00 18.53 ? 169 ILE A CB  1 
ATOM   1303 C CG1 . ILE A 1 169 ? 3.053   8.618   10.960  1.00 16.83 ? 169 ILE A CG1 1 
ATOM   1304 C CG2 . ILE A 1 169 ? 3.064   9.915   13.111  1.00 14.85 ? 169 ILE A CG2 1 
ATOM   1305 C CD1 . ILE A 1 169 ? 4.553   8.681   10.679  1.00 16.91 ? 169 ILE A CD1 1 
ATOM   1306 N N   . ALA A 1 170 ? 0.452   12.103  12.418  1.00 19.51 ? 170 ALA A N   1 
ATOM   1307 C CA  . ALA A 1 170 ? -0.009  13.160  13.315  1.00 13.47 ? 170 ALA A CA  1 
ATOM   1308 C C   . ALA A 1 170 ? -1.478  12.983  13.601  1.00 19.99 ? 170 ALA A C   1 
ATOM   1309 O O   . ALA A 1 170 ? -1.912  12.996  14.757  1.00 27.31 ? 170 ALA A O   1 
ATOM   1310 C CB  . ALA A 1 170 ? 0.281   14.486  12.642  1.00 23.34 ? 170 ALA A CB  1 
ATOM   1311 N N   . ARG A 1 171 ? -2.197  12.835  12.495  1.00 21.68 ? 171 ARG A N   1 
ATOM   1312 C CA  . ARG A 1 171 ? -3.651  12.669  12.522  1.00 18.06 ? 171 ARG A CA  1 
ATOM   1313 C C   . ARG A 1 171 ? -4.095  11.518  13.399  1.00 20.70 ? 171 ARG A C   1 
ATOM   1314 O O   . ARG A 1 171 ? -5.136  11.665  14.059  1.00 27.47 ? 171 ARG A O   1 
ATOM   1315 C CB  . ARG A 1 171 ? -4.245  12.584  11.124  1.00 13.15 ? 171 ARG A CB  1 
ATOM   1316 C CG  . ARG A 1 171 ? -5.754  12.431  11.123  1.00 9.54  ? 171 ARG A CG  1 
ATOM   1317 C CD  . ARG A 1 171 ? -6.384  12.605  9.749   1.00 22.02 ? 171 ARG A CD  1 
ATOM   1318 N NE  . ARG A 1 171 ? -5.772  13.544  8.853   1.00 27.55 ? 171 ARG A NE  1 
ATOM   1319 C CZ  . ARG A 1 171 ? -4.993  13.407  7.808   1.00 24.96 ? 171 ARG A CZ  1 
ATOM   1320 N NH1 . ARG A 1 171 ? -4.602  12.209  7.388   1.00 30.98 ? 171 ARG A NH1 1 
ATOM   1321 N NH2 . ARG A 1 171 ? -4.528  14.472  7.175   1.00 23.32 ? 171 ARG A NH2 1 
ATOM   1322 N N   . TYR A 1 172 ? -3.332  10.434  13.449  1.00 18.59 ? 172 TYR A N   1 
ATOM   1323 C CA  . TYR A 1 172 ? -3.661  9.257   14.251  1.00 18.61 ? 172 TYR A CA  1 
ATOM   1324 C C   . TYR A 1 172 ? -3.569  9.562   15.740  1.00 21.53 ? 172 TYR A C   1 
ATOM   1325 O O   . TYR A 1 172 ? -4.394  9.050   16.503  1.00 26.57 ? 172 TYR A O   1 
ATOM   1326 C CB  . TYR A 1 172 ? -2.802  8.052   13.880  1.00 14.59 ? 172 TYR A CB  1 
ATOM   1327 C CG  . TYR A 1 172 ? -3.024  6.850   14.766  1.00 15.43 ? 172 TYR A CG  1 
ATOM   1328 C CD1 . TYR A 1 172 ? -3.988  5.901   14.502  1.00 14.54 ? 172 TYR A CD1 1 
ATOM   1329 C CD2 . TYR A 1 172 ? -2.238  6.683   15.887  1.00 10.08 ? 172 TYR A CD2 1 
ATOM   1330 C CE1 . TYR A 1 172 ? -4.157  4.774   15.311  1.00 15.03 ? 172 TYR A CE1 1 
ATOM   1331 C CE2 . TYR A 1 172 ? -2.417  5.570   16.701  1.00 12.28 ? 172 TYR A CE2 1 
ATOM   1332 C CZ  . TYR A 1 172 ? -3.376  4.648   16.418  1.00 12.63 ? 172 TYR A CZ  1 
ATOM   1333 O OH  . TYR A 1 172 ? -3.588  3.560   17.236  1.00 15.51 ? 172 TYR A OH  1 
ATOM   1334 N N   . LYS A 1 173 ? -2.602  10.390  16.081  1.00 25.74 ? 173 LYS A N   1 
ATOM   1335 C CA  . LYS A 1 173 ? -2.388  10.841  17.461  1.00 25.53 ? 173 LYS A CA  1 
ATOM   1336 C C   . LYS A 1 173 ? -3.552  11.755  17.840  1.00 30.74 ? 173 LYS A C   1 
ATOM   1337 O O   . LYS A 1 173 ? -4.133  11.671  18.903  1.00 31.44 ? 173 LYS A O   1 
ATOM   1338 C CB  . LYS A 1 173 ? -1.099  11.675  17.551  1.00 28.19 ? 173 LYS A CB  1 
ATOM   1339 C CG  . LYS A 1 173 ? 0.061   10.885  16.948  1.00 29.04 ? 173 LYS A CG  1 
ATOM   1340 C CD  . LYS A 1 173 ? 1.371   11.183  17.655  1.00 33.52 ? 173 LYS A CD  1 
ATOM   1341 C CE  . LYS A 1 173 ? 2.148   12.226  16.826  1.00 39.61 ? 173 LYS A CE  1 
ATOM   1342 N NZ  . LYS A 1 173 ? 3.568   11.767  16.700  1.00 46.46 ? 173 LYS A NZ  1 
ATOM   1343 N N   . GLY A 1 174 ? -3.824  12.612  16.881  1.00 35.66 ? 174 GLY A N   1 
ATOM   1344 C CA  . GLY A 1 174 ? -4.863  13.604  16.851  1.00 47.43 ? 174 GLY A CA  1 
ATOM   1345 C C   . GLY A 1 174 ? -5.148  14.449  18.069  1.00 55.03 ? 174 GLY A C   1 
ATOM   1346 O O   . GLY A 1 174 ? -6.383  14.646  18.297  1.00 58.08 ? 174 GLY A O   1 
ATOM   1347 O OXT . GLY A 1 174 ? -4.239  14.937  18.763  1.00 61.51 ? 174 GLY A OXT 1 
HETATM 1348 S S   . SO4 B 2 .   ? -9.678  -2.244  -2.334  1.00 25.08 ? 175 SO4 A S   1 
HETATM 1349 O O1  . SO4 B 2 .   ? -10.594 -1.076  -2.551  1.00 26.08 ? 175 SO4 A O1  1 
HETATM 1350 O O2  . SO4 B 2 .   ? -9.289  -2.800  -3.679  1.00 28.78 ? 175 SO4 A O2  1 
HETATM 1351 O O3  . SO4 B 2 .   ? -8.498  -2.062  -1.444  1.00 23.32 ? 175 SO4 A O3  1 
HETATM 1352 O O4  . SO4 B 2 .   ? -10.552 -3.282  -1.638  1.00 37.22 ? 175 SO4 A O4  1 
HETATM 1353 O O   . HOH C 3 .   ? -8.657  1.482   -5.584  1.00 32.89 ? 176 HOH A O   1 
HETATM 1354 O O   . HOH C 3 .   ? 0.025   -17.002 8.660   0.33 1.16  ? 177 HOH A O   1 
HETATM 1355 O O   . HOH C 3 .   ? -9.791  -8.247  -11.119 1.00 8.26  ? 178 HOH A O   1 
HETATM 1356 O O   . HOH C 3 .   ? -15.127 -13.336 2.953   1.00 8.64  ? 179 HOH A O   1 
HETATM 1357 O O   . HOH C 3 .   ? -1.380  -4.553  -14.845 1.00 9.43  ? 180 HOH A O   1 
HETATM 1358 O O   . HOH C 3 .   ? -10.365 -0.663  -11.414 1.00 9.83  ? 181 HOH A O   1 
HETATM 1359 O O   . HOH C 3 .   ? -11.531 -6.171  -7.464  1.00 10.31 ? 182 HOH A O   1 
HETATM 1360 O O   . HOH C 3 .   ? 11.125  -10.256 -0.077  1.00 10.35 ? 183 HOH A O   1 
HETATM 1361 O O   . HOH C 3 .   ? 16.537  -1.844  0.172   1.00 10.92 ? 184 HOH A O   1 
HETATM 1362 O O   . HOH C 3 .   ? 12.321  -8.233  -0.965  1.00 11.96 ? 185 HOH A O   1 
HETATM 1363 O O   . HOH C 3 .   ? 12.957  -4.923  5.635   1.00 14.13 ? 186 HOH A O   1 
HETATM 1364 O O   . HOH C 3 .   ? -7.127  -13.124 -9.689  1.00 14.16 ? 187 HOH A O   1 
HETATM 1365 O O   . HOH C 3 .   ? -3.356  -6.380  -13.919 1.00 15.77 ? 188 HOH A O   1 
HETATM 1366 O O   . HOH C 3 .   ? -6.186  -5.304  1.624   1.00 16.32 ? 189 HOH A O   1 
HETATM 1367 O O   . HOH C 3 .   ? -11.995 -6.420  -13.154 1.00 16.51 ? 190 HOH A O   1 
HETATM 1368 O O   . HOH C 3 .   ? 5.000   -2.935  -18.097 1.00 16.90 ? 191 HOH A O   1 
HETATM 1369 O O   . HOH C 3 .   ? -6.254  -2.381  -3.052  1.00 19.44 ? 192 HOH A O   1 
HETATM 1370 O O   . HOH C 3 .   ? 3.283   16.832  6.507   1.00 19.86 ? 193 HOH A O   1 
HETATM 1371 O O   . HOH C 3 .   ? 7.602   -15.771 -0.671  1.00 20.45 ? 194 HOH A O   1 
HETATM 1372 O O   . HOH C 3 .   ? -14.736 -12.131 -7.381  1.00 21.12 ? 195 HOH A O   1 
HETATM 1373 O O   . HOH C 3 .   ? -3.750  -17.384 -0.223  1.00 21.55 ? 196 HOH A O   1 
HETATM 1374 O O   . HOH C 3 .   ? -6.330  4.910   3.482   1.00 22.74 ? 197 HOH A O   1 
HETATM 1375 O O   . HOH C 3 .   ? -5.396  -1.897  4.037   1.00 23.59 ? 198 HOH A O   1 
HETATM 1376 O O   . HOH C 3 .   ? 12.467  7.131   2.758   1.00 23.89 ? 199 HOH A O   1 
HETATM 1377 O O   . HOH C 3 .   ? -16.210 -9.166  -6.952  1.00 24.77 ? 200 HOH A O   1 
HETATM 1378 O O   . HOH C 3 .   ? 21.086  -2.952  -5.263  1.00 24.93 ? 201 HOH A O   1 
HETATM 1379 O O   . HOH C 3 .   ? 19.449  -3.382  2.907   1.00 25.41 ? 202 HOH A O   1 
HETATM 1380 O O   . HOH C 3 .   ? -5.661  -14.440 11.022  1.00 25.89 ? 203 HOH A O   1 
HETATM 1381 O O   . HOH C 3 .   ? -4.759  11.274  2.972   1.00 26.50 ? 204 HOH A O   1 
HETATM 1382 O O   . HOH C 3 .   ? 4.406   -9.300  -9.210  1.00 26.59 ? 205 HOH A O   1 
HETATM 1383 O O   . HOH C 3 .   ? 14.963  -8.115  -6.867  1.00 27.23 ? 206 HOH A O   1 
HETATM 1384 O O   . HOH C 3 .   ? 4.493   -9.043  -12.483 1.00 27.30 ? 207 HOH A O   1 
HETATM 1385 O O   . HOH C 3 .   ? 3.761   4.821   16.735  1.00 27.53 ? 208 HOH A O   1 
HETATM 1386 O O   . HOH C 3 .   ? -6.175  4.088   11.964  1.00 27.58 ? 209 HOH A O   1 
HETATM 1387 O O   . HOH C 3 .   ? 2.155   -14.970 -3.785  1.00 27.59 ? 210 HOH A O   1 
HETATM 1388 O O   . HOH C 3 .   ? 16.556  -5.626  -8.008  1.00 28.17 ? 211 HOH A O   1 
HETATM 1389 O O   . HOH C 3 .   ? 10.926  2.633   11.262  1.00 28.97 ? 212 HOH A O   1 
HETATM 1390 O O   . HOH C 3 .   ? 4.246   13.408  12.377  1.00 29.59 ? 213 HOH A O   1 
HETATM 1391 O O   . HOH C 3 .   ? -12.310 0.951   -12.580 1.00 29.66 ? 214 HOH A O   1 
HETATM 1392 O O   . HOH C 3 .   ? -15.947 -9.962  2.438   1.00 29.66 ? 215 HOH A O   1 
HETATM 1393 O O   . HOH C 3 .   ? -3.914  -15.839 -5.842  1.00 29.92 ? 216 HOH A O   1 
HETATM 1394 O O   . HOH C 3 .   ? -3.102  1.784   -17.892 1.00 30.54 ? 217 HOH A O   1 
HETATM 1395 O O   . HOH C 3 .   ? 12.476  13.448  -3.453  1.00 30.74 ? 218 HOH A O   1 
HETATM 1396 O O   . HOH C 3 .   ? 22.979  -0.209  -4.375  1.00 31.60 ? 219 HOH A O   1 
HETATM 1397 O O   . HOH C 3 .   ? -0.006  16.059  2.063   1.00 31.73 ? 220 HOH A O   1 
HETATM 1398 O O   . HOH C 3 .   ? -9.315  10.746  8.971   1.00 32.30 ? 221 HOH A O   1 
HETATM 1399 O O   . HOH C 3 .   ? 12.723  3.203   -16.106 1.00 32.41 ? 222 HOH A O   1 
HETATM 1400 O O   . HOH C 3 .   ? -15.296 0.107   -12.349 1.00 32.87 ? 223 HOH A O   1 
HETATM 1401 O O   . HOH C 3 .   ? 9.332   15.904  2.912   1.00 33.49 ? 224 HOH A O   1 
HETATM 1402 O O   . HOH C 3 .   ? 11.253  -3.180  13.603  1.00 33.58 ? 225 HOH A O   1 
HETATM 1403 O O   . HOH C 3 .   ? 9.155   17.690  9.484   0.50 34.13 ? 226 HOH A O   1 
HETATM 1404 O O   . HOH C 3 .   ? -7.869  1.199   -3.478  1.00 35.09 ? 227 HOH A O   1 
HETATM 1405 O O   . HOH C 3 .   ? -0.788  2.132   -17.193 1.00 35.20 ? 228 HOH A O   1 
HETATM 1406 O O   . HOH C 3 .   ? 3.026   -15.691 -0.471  1.00 35.30 ? 229 HOH A O   1 
HETATM 1407 O O   . HOH C 3 .   ? 1.667   -14.691 8.907   1.00 36.36 ? 230 HOH A O   1 
HETATM 1408 O O   . HOH C 3 .   ? -5.619  11.845  -4.743  1.00 37.54 ? 231 HOH A O   1 
HETATM 1409 O O   . HOH C 3 .   ? 11.220  0.641   14.975  1.00 37.70 ? 232 HOH A O   1 
HETATM 1410 O O   . HOH C 3 .   ? -4.333  4.739   1.229   1.00 37.97 ? 233 HOH A O   1 
HETATM 1411 O O   . HOH C 3 .   ? 16.020  6.972   0.479   1.00 38.08 ? 234 HOH A O   1 
HETATM 1412 O O   . HOH C 3 .   ? -8.071  -6.421  17.569  1.00 38.64 ? 235 HOH A O   1 
HETATM 1413 O O   . HOH C 3 .   ? -15.295 -5.277  10.828  1.00 38.75 ? 236 HOH A O   1 
HETATM 1414 O O   . HOH C 3 .   ? 1.326   7.457   15.367  1.00 39.15 ? 237 HOH A O   1 
HETATM 1415 O O   . HOH C 3 .   ? 15.511  7.272   3.021   1.00 39.59 ? 238 HOH A O   1 
HETATM 1416 O O   . HOH C 3 .   ? 0.056   3.689   18.226  1.00 39.98 ? 239 HOH A O   1 
HETATM 1417 O O   . HOH C 3 .   ? -17.891 -10.839 -5.962  1.00 40.28 ? 240 HOH A O   1 
HETATM 1418 O O   . HOH C 3 .   ? 9.328   -0.899  16.732  1.00 40.84 ? 241 HOH A O   1 
HETATM 1419 O O   . HOH C 3 .   ? -9.290  4.517   -15.716 1.00 41.66 ? 242 HOH A O   1 
HETATM 1420 O O   . HOH C 3 .   ? -2.995  -13.126 12.598  1.00 41.97 ? 243 HOH A O   1 
HETATM 1421 O O   . HOH C 3 .   ? 7.330   10.424  -11.912 1.00 42.33 ? 244 HOH A O   1 
HETATM 1422 O O   . HOH C 3 .   ? -15.083 -6.526  -1.839  1.00 42.47 ? 245 HOH A O   1 
HETATM 1423 O O   . HOH C 3 .   ? -12.729 9.026   9.809   1.00 42.70 ? 246 HOH A O   1 
HETATM 1424 O O   . HOH C 3 .   ? 1.793   16.030  16.181  1.00 42.89 ? 247 HOH A O   1 
HETATM 1425 O O   . HOH C 3 .   ? -14.833 -10.465 17.501  1.00 43.23 ? 248 HOH A O   1 
HETATM 1426 O O   . HOH C 3 .   ? 13.413  10.273  -8.575  1.00 44.17 ? 249 HOH A O   1 
HETATM 1427 O O   . HOH C 3 .   ? -11.782 -0.106  -16.135 1.00 44.33 ? 250 HOH A O   1 
HETATM 1428 O O   . HOH C 3 .   ? -4.603  8.480   1.799   1.00 44.48 ? 251 HOH A O   1 
HETATM 1429 O O   . HOH C 3 .   ? 0.960   7.663   18.489  1.00 44.54 ? 252 HOH A O   1 
HETATM 1430 O O   . HOH C 3 .   ? 10.939  6.049   -13.896 1.00 45.03 ? 253 HOH A O   1 
HETATM 1431 O O   . HOH C 3 .   ? 6.708   -6.528  -10.907 1.00 45.08 ? 254 HOH A O   1 
HETATM 1432 O O   . HOH C 3 .   ? 12.597  -13.020 -7.450  1.00 45.14 ? 255 HOH A O   1 
HETATM 1433 O O   . HOH C 3 .   ? 11.200  -0.229  12.135  1.00 45.57 ? 256 HOH A O   1 
HETATM 1434 O O   . HOH C 3 .   ? -5.214  7.470   -15.809 1.00 46.15 ? 257 HOH A O   1 
HETATM 1435 O O   . HOH C 3 .   ? 16.901  0.662   7.146   1.00 47.15 ? 258 HOH A O   1 
HETATM 1436 O O   . HOH C 3 .   ? -2.239  13.024  20.750  1.00 47.19 ? 259 HOH A O   1 
HETATM 1437 O O   . HOH C 3 .   ? 11.054  -4.809  -8.800  1.00 47.97 ? 260 HOH A O   1 
HETATM 1438 O O   . HOH C 3 .   ? 7.235   16.331  10.983  1.00 47.98 ? 261 HOH A O   1 
HETATM 1439 O O   . HOH C 3 .   ? -0.939  15.907  16.122  1.00 48.28 ? 262 HOH A O   1 
HETATM 1440 O O   . HOH C 3 .   ? 4.338   -12.470 -9.232  1.00 50.23 ? 263 HOH A O   1 
HETATM 1441 O O   . HOH C 3 .   ? 7.915   17.359  -3.863  1.00 52.08 ? 264 HOH A O   1 
HETATM 1442 O O   . HOH C 3 .   ? 4.299   -16.816 -4.649  1.00 53.70 ? 265 HOH A O   1 
# 
